data_2BGV
# 
_entry.id   2BGV 
# 
_audit_conform.dict_name       mmcif_pdbx.dic 
_audit_conform.dict_version    5.397 
_audit_conform.dict_location   http://mmcif.pdb.org/dictionaries/ascii/mmcif_pdbx.dic 
# 
loop_
_database_2.database_id 
_database_2.database_code 
_database_2.pdbx_database_accession 
_database_2.pdbx_DOI 
PDB   2BGV         pdb_00002bgv 10.2210/pdb2bgv/pdb 
PDBE  EBI-22282    ?            ?                   
WWPDB D_1290022282 ?            ?                   
# 
loop_
_pdbx_audit_revision_history.ordinal 
_pdbx_audit_revision_history.data_content_type 
_pdbx_audit_revision_history.major_revision 
_pdbx_audit_revision_history.minor_revision 
_pdbx_audit_revision_history.revision_date 
1 'Structure model' 1 0 2005-05-11 
2 'Structure model' 1 1 2011-05-08 
3 'Structure model' 1 2 2011-07-13 
4 'Structure model' 1 3 2024-05-01 
5 'Structure model' 1 4 2024-10-23 
# 
_pdbx_audit_revision_details.ordinal             1 
_pdbx_audit_revision_details.revision_ordinal    1 
_pdbx_audit_revision_details.data_content_type   'Structure model' 
_pdbx_audit_revision_details.provider            repository 
_pdbx_audit_revision_details.type                'Initial release' 
_pdbx_audit_revision_details.description         ? 
_pdbx_audit_revision_details.details             ? 
# 
loop_
_pdbx_audit_revision_group.ordinal 
_pdbx_audit_revision_group.revision_ordinal 
_pdbx_audit_revision_group.data_content_type 
_pdbx_audit_revision_group.group 
1 2 'Structure model' 'Version format compliance' 
2 3 'Structure model' 'Version format compliance' 
3 4 'Structure model' 'Data collection'           
4 4 'Structure model' 'Database references'       
5 4 'Structure model' 'Derived calculations'      
6 4 'Structure model' Other                       
7 4 'Structure model' 'Refinement description'    
8 5 'Structure model' 'Structure summary'         
# 
loop_
_pdbx_audit_revision_category.ordinal 
_pdbx_audit_revision_category.revision_ordinal 
_pdbx_audit_revision_category.data_content_type 
_pdbx_audit_revision_category.category 
1 4 'Structure model' chem_comp_atom                
2 4 'Structure model' chem_comp_bond                
3 4 'Structure model' database_2                    
4 4 'Structure model' pdbx_database_status          
5 4 'Structure model' pdbx_initial_refinement_model 
6 4 'Structure model' struct_conn                   
7 5 'Structure model' pdbx_entry_details            
8 5 'Structure model' pdbx_modification_feature     
# 
loop_
_pdbx_audit_revision_item.ordinal 
_pdbx_audit_revision_item.revision_ordinal 
_pdbx_audit_revision_item.data_content_type 
_pdbx_audit_revision_item.item 
1  4 'Structure model' '_database_2.pdbx_DOI'                         
2  4 'Structure model' '_database_2.pdbx_database_accession'          
3  4 'Structure model' '_pdbx_database_status.status_code_sf'         
4  4 'Structure model' '_struct_conn.pdbx_leaving_atom_flag'          
5  4 'Structure model' '_struct_conn.ptnr1_auth_comp_id'              
6  4 'Structure model' '_struct_conn.ptnr1_auth_seq_id'               
7  4 'Structure model' '_struct_conn.ptnr1_label_asym_id'             
8  4 'Structure model' '_struct_conn.ptnr1_label_atom_id'             
9  4 'Structure model' '_struct_conn.ptnr1_label_comp_id'             
10 4 'Structure model' '_struct_conn.ptnr1_label_seq_id'              
11 4 'Structure model' '_struct_conn.ptnr2_auth_comp_id'              
12 4 'Structure model' '_struct_conn.ptnr2_auth_seq_id'               
13 4 'Structure model' '_struct_conn.ptnr2_label_asym_id'             
14 4 'Structure model' '_struct_conn.ptnr2_label_atom_id'             
15 4 'Structure model' '_struct_conn.ptnr2_label_comp_id'             
16 4 'Structure model' '_struct_conn.ptnr2_label_seq_id'              
17 5 'Structure model' '_pdbx_entry_details.has_protein_modification' 
# 
_pdbx_database_status.status_code                     REL 
_pdbx_database_status.entry_id                        2BGV 
_pdbx_database_status.deposit_site                    PDBE 
_pdbx_database_status.process_site                    PDBE 
_pdbx_database_status.SG_entry                        . 
_pdbx_database_status.recvd_initial_deposition_date   2005-01-05 
_pdbx_database_status.pdb_format_compatible           Y 
_pdbx_database_status.status_code_sf                  REL 
_pdbx_database_status.status_code_mr                  ? 
_pdbx_database_status.status_code_cs                  ? 
_pdbx_database_status.methods_development_category    ? 
_pdbx_database_status.status_code_nmr_data            ? 
# 
loop_
_pdbx_database_related.db_name 
_pdbx_database_related.db_id 
_pdbx_database_related.content_type 
_pdbx_database_related.details 
PDB 2BH4 unspecified 'X-RAY STRUCTURE OF THE M100K VARIANT OF FERRIC CYT C-550 FROM PARACOCCUS VERSUTUS DETERMINED AT 100 K.' 
PDB 2BH5 unspecified 'X-RAY STRUCTURE OF THE M100K VARIANT OF FERRIC CYT C-550 FROM PARACOCCUS VERSUTUS DETERMINED AT 295 K.' 
# 
loop_
_audit_author.name 
_audit_author.pdbx_ordinal 
_audit_author.identifier_ORCID 
'Worrall, J.A.R.'   1 ? 
'Van Roon, A.-M.M.' 2 ? 
'Ubbink, M.'        3 ? 
'Canters, G.W.'     4 ? 
# 
_citation.id                        primary 
_citation.title                     
;The Effect of Replacing the Axial Methionine Ligand with a Lysine Residue in Cytochrome C-550 from Paracoccus Versutus Assessed by X-Ray Crystallography and Unfolding.
;
_citation.journal_abbrev            'FEBS J.' 
_citation.journal_volume            272 
_citation.page_first                2441 
_citation.page_last                 ? 
_citation.year                      2005 
_citation.journal_id_ASTM           ? 
_citation.country                   UK 
_citation.journal_id_ISSN           1742-464X 
_citation.journal_id_CSD            ? 
_citation.book_publisher            ? 
_citation.pdbx_database_id_PubMed   15885094 
_citation.pdbx_database_id_DOI      10.1111/J.1742-4658.2005.04664.X 
# 
loop_
_citation_author.citation_id 
_citation_author.name 
_citation_author.ordinal 
_citation_author.identifier_ORCID 
primary 'Worrall, J.A.R.'   1 ? 
primary 'Van Roon, A.-M.M.' 2 ? 
primary 'Ubbink, M.'        3 ? 
primary 'Canters, G.W.'     4 ? 
# 
loop_
_entity.id 
_entity.type 
_entity.src_method 
_entity.pdbx_description 
_entity.formula_weight 
_entity.pdbx_number_of_molecules 
_entity.pdbx_ec 
_entity.pdbx_mutation 
_entity.pdbx_fragment 
_entity.details 
1 polymer     man 'CYTOCHROME C-550' 14156.873 1  ? ? ? 'HEME, PROTOPORPHYRIN IX' 
2 non-polymer syn 'HEME C'           618.503   1  ? ? ? ?                         
3 water       nat water              18.015    50 ? ? ? ?                         
# 
_entity_poly.entity_id                      1 
_entity_poly.type                           'polypeptide(L)' 
_entity_poly.nstd_linkage                   no 
_entity_poly.nstd_monomer                   no 
_entity_poly.pdbx_seq_one_letter_code       
;QEGDAAKGEKEFNKCKACHMVQAPDGTDIVKGGKTGPNLYGVVGRKIASVEGFKYGDGILEVAEKNPDMVWSEADLIEYV
TDPKPWLVEKTGDSAAKTKMTFKLGKNQADVVAFLAQHSPDAGAEAAPAEGAAN
;
_entity_poly.pdbx_seq_one_letter_code_can   
;QEGDAAKGEKEFNKCKACHMVQAPDGTDIVKGGKTGPNLYGVVGRKIASVEGFKYGDGILEVAEKNPDMVWSEADLIEYV
TDPKPWLVEKTGDSAAKTKMTFKLGKNQADVVAFLAQHSPDAGAEAAPAEGAAN
;
_entity_poly.pdbx_strand_id                 X 
_entity_poly.pdbx_target_identifier         ? 
# 
loop_
_pdbx_entity_nonpoly.entity_id 
_pdbx_entity_nonpoly.name 
_pdbx_entity_nonpoly.comp_id 
2 'HEME C' HEC 
3 water    HOH 
# 
loop_
_entity_poly_seq.entity_id 
_entity_poly_seq.num 
_entity_poly_seq.mon_id 
_entity_poly_seq.hetero 
1 1   GLN n 
1 2   GLU n 
1 3   GLY n 
1 4   ASP n 
1 5   ALA n 
1 6   ALA n 
1 7   LYS n 
1 8   GLY n 
1 9   GLU n 
1 10  LYS n 
1 11  GLU n 
1 12  PHE n 
1 13  ASN n 
1 14  LYS n 
1 15  CYS n 
1 16  LYS n 
1 17  ALA n 
1 18  CYS n 
1 19  HIS n 
1 20  MET n 
1 21  VAL n 
1 22  GLN n 
1 23  ALA n 
1 24  PRO n 
1 25  ASP n 
1 26  GLY n 
1 27  THR n 
1 28  ASP n 
1 29  ILE n 
1 30  VAL n 
1 31  LYS n 
1 32  GLY n 
1 33  GLY n 
1 34  LYS n 
1 35  THR n 
1 36  GLY n 
1 37  PRO n 
1 38  ASN n 
1 39  LEU n 
1 40  TYR n 
1 41  GLY n 
1 42  VAL n 
1 43  VAL n 
1 44  GLY n 
1 45  ARG n 
1 46  LYS n 
1 47  ILE n 
1 48  ALA n 
1 49  SER n 
1 50  VAL n 
1 51  GLU n 
1 52  GLY n 
1 53  PHE n 
1 54  LYS n 
1 55  TYR n 
1 56  GLY n 
1 57  ASP n 
1 58  GLY n 
1 59  ILE n 
1 60  LEU n 
1 61  GLU n 
1 62  VAL n 
1 63  ALA n 
1 64  GLU n 
1 65  LYS n 
1 66  ASN n 
1 67  PRO n 
1 68  ASP n 
1 69  MET n 
1 70  VAL n 
1 71  TRP n 
1 72  SER n 
1 73  GLU n 
1 74  ALA n 
1 75  ASP n 
1 76  LEU n 
1 77  ILE n 
1 78  GLU n 
1 79  TYR n 
1 80  VAL n 
1 81  THR n 
1 82  ASP n 
1 83  PRO n 
1 84  LYS n 
1 85  PRO n 
1 86  TRP n 
1 87  LEU n 
1 88  VAL n 
1 89  GLU n 
1 90  LYS n 
1 91  THR n 
1 92  GLY n 
1 93  ASP n 
1 94  SER n 
1 95  ALA n 
1 96  ALA n 
1 97  LYS n 
1 98  THR n 
1 99  LYS n 
1 100 MET n 
1 101 THR n 
1 102 PHE n 
1 103 LYS n 
1 104 LEU n 
1 105 GLY n 
1 106 LYS n 
1 107 ASN n 
1 108 GLN n 
1 109 ALA n 
1 110 ASP n 
1 111 VAL n 
1 112 VAL n 
1 113 ALA n 
1 114 PHE n 
1 115 LEU n 
1 116 ALA n 
1 117 GLN n 
1 118 HIS n 
1 119 SER n 
1 120 PRO n 
1 121 ASP n 
1 122 ALA n 
1 123 GLY n 
1 124 ALA n 
1 125 GLU n 
1 126 ALA n 
1 127 ALA n 
1 128 PRO n 
1 129 ALA n 
1 130 GLU n 
1 131 GLY n 
1 132 ALA n 
1 133 ALA n 
1 134 ASN n 
# 
_entity_src_gen.entity_id                          1 
_entity_src_gen.pdbx_src_id                        1 
_entity_src_gen.pdbx_alt_source_flag               sample 
_entity_src_gen.pdbx_seq_type                      ? 
_entity_src_gen.pdbx_beg_seq_num                   ? 
_entity_src_gen.pdbx_end_seq_num                   ? 
_entity_src_gen.gene_src_common_name               ? 
_entity_src_gen.gene_src_genus                     ? 
_entity_src_gen.pdbx_gene_src_gene                 ? 
_entity_src_gen.gene_src_species                   ? 
_entity_src_gen.gene_src_strain                    ? 
_entity_src_gen.gene_src_tissue                    ? 
_entity_src_gen.gene_src_tissue_fraction           ? 
_entity_src_gen.gene_src_details                   ? 
_entity_src_gen.pdbx_gene_src_fragment             ? 
_entity_src_gen.pdbx_gene_src_scientific_name      'PARACOCCUS VERSUTUS' 
_entity_src_gen.pdbx_gene_src_ncbi_taxonomy_id     34007 
_entity_src_gen.pdbx_gene_src_variant              ? 
_entity_src_gen.pdbx_gene_src_cell_line            ? 
_entity_src_gen.pdbx_gene_src_atcc                 ? 
_entity_src_gen.pdbx_gene_src_organ                ? 
_entity_src_gen.pdbx_gene_src_organelle            ? 
_entity_src_gen.pdbx_gene_src_cell                 ? 
_entity_src_gen.pdbx_gene_src_cellular_location    ? 
_entity_src_gen.host_org_common_name               ? 
_entity_src_gen.pdbx_host_org_scientific_name      'PARACOCCUS DENITRIFICANS' 
_entity_src_gen.pdbx_host_org_ncbi_taxonomy_id     266 
_entity_src_gen.host_org_genus                     ? 
_entity_src_gen.pdbx_host_org_gene                 ? 
_entity_src_gen.pdbx_host_org_organ                ? 
_entity_src_gen.host_org_species                   ? 
_entity_src_gen.pdbx_host_org_tissue               ? 
_entity_src_gen.pdbx_host_org_tissue_fraction      ? 
_entity_src_gen.pdbx_host_org_strain               2131 
_entity_src_gen.pdbx_host_org_variant              ? 
_entity_src_gen.pdbx_host_org_cell_line            ? 
_entity_src_gen.pdbx_host_org_atcc                 ? 
_entity_src_gen.pdbx_host_org_culture_collection   ? 
_entity_src_gen.pdbx_host_org_cell                 ? 
_entity_src_gen.pdbx_host_org_organelle            ? 
_entity_src_gen.pdbx_host_org_cellular_location    ? 
_entity_src_gen.pdbx_host_org_vector_type          ? 
_entity_src_gen.pdbx_host_org_vector               ? 
_entity_src_gen.host_org_details                   ? 
_entity_src_gen.expression_system_id               ? 
_entity_src_gen.plasmid_name                       PEG400.TV1 
_entity_src_gen.plasmid_details                    ? 
_entity_src_gen.pdbx_description                   ? 
# 
loop_
_chem_comp.id 
_chem_comp.type 
_chem_comp.mon_nstd_flag 
_chem_comp.name 
_chem_comp.pdbx_synonyms 
_chem_comp.formula 
_chem_comp.formula_weight 
ALA 'L-peptide linking' y ALANINE         ? 'C3 H7 N O2'       89.093  
ARG 'L-peptide linking' y ARGININE        ? 'C6 H15 N4 O2 1'   175.209 
ASN 'L-peptide linking' y ASPARAGINE      ? 'C4 H8 N2 O3'      132.118 
ASP 'L-peptide linking' y 'ASPARTIC ACID' ? 'C4 H7 N O4'       133.103 
CYS 'L-peptide linking' y CYSTEINE        ? 'C3 H7 N O2 S'     121.158 
GLN 'L-peptide linking' y GLUTAMINE       ? 'C5 H10 N2 O3'     146.144 
GLU 'L-peptide linking' y 'GLUTAMIC ACID' ? 'C5 H9 N O4'       147.129 
GLY 'peptide linking'   y GLYCINE         ? 'C2 H5 N O2'       75.067  
HEC non-polymer         . 'HEME C'        ? 'C34 H34 Fe N4 O4' 618.503 
HIS 'L-peptide linking' y HISTIDINE       ? 'C6 H10 N3 O2 1'   156.162 
HOH non-polymer         . WATER           ? 'H2 O'             18.015  
ILE 'L-peptide linking' y ISOLEUCINE      ? 'C6 H13 N O2'      131.173 
LEU 'L-peptide linking' y LEUCINE         ? 'C6 H13 N O2'      131.173 
LYS 'L-peptide linking' y LYSINE          ? 'C6 H15 N2 O2 1'   147.195 
MET 'L-peptide linking' y METHIONINE      ? 'C5 H11 N O2 S'    149.211 
PHE 'L-peptide linking' y PHENYLALANINE   ? 'C9 H11 N O2'      165.189 
PRO 'L-peptide linking' y PROLINE         ? 'C5 H9 N O2'       115.130 
SER 'L-peptide linking' y SERINE          ? 'C3 H7 N O3'       105.093 
THR 'L-peptide linking' y THREONINE       ? 'C4 H9 N O3'       119.119 
TRP 'L-peptide linking' y TRYPTOPHAN      ? 'C11 H12 N2 O2'    204.225 
TYR 'L-peptide linking' y TYROSINE        ? 'C9 H11 N O3'      181.189 
VAL 'L-peptide linking' y VALINE          ? 'C5 H11 N O2'      117.146 
# 
loop_
_pdbx_poly_seq_scheme.asym_id 
_pdbx_poly_seq_scheme.entity_id 
_pdbx_poly_seq_scheme.seq_id 
_pdbx_poly_seq_scheme.mon_id 
_pdbx_poly_seq_scheme.ndb_seq_num 
_pdbx_poly_seq_scheme.pdb_seq_num 
_pdbx_poly_seq_scheme.auth_seq_num 
_pdbx_poly_seq_scheme.pdb_mon_id 
_pdbx_poly_seq_scheme.auth_mon_id 
_pdbx_poly_seq_scheme.pdb_strand_id 
_pdbx_poly_seq_scheme.pdb_ins_code 
_pdbx_poly_seq_scheme.hetero 
A 1 1   GLN 1   1   ?   ?   ?   X . n 
A 1 2   GLU 2   2   2   GLU GLU X . n 
A 1 3   GLY 3   3   3   GLY GLY X . n 
A 1 4   ASP 4   4   4   ASP ASP X . n 
A 1 5   ALA 5   5   5   ALA ALA X . n 
A 1 6   ALA 6   6   6   ALA ALA X . n 
A 1 7   LYS 7   7   7   LYS LYS X . n 
A 1 8   GLY 8   8   8   GLY GLY X . n 
A 1 9   GLU 9   9   9   GLU GLU X . n 
A 1 10  LYS 10  10  10  LYS LYS X . n 
A 1 11  GLU 11  11  11  GLU GLU X . n 
A 1 12  PHE 12  12  12  PHE PHE X . n 
A 1 13  ASN 13  13  13  ASN ASN X . n 
A 1 14  LYS 14  14  14  LYS LYS X . n 
A 1 15  CYS 15  15  15  CYS CYS X . n 
A 1 16  LYS 16  16  16  LYS LYS X . n 
A 1 17  ALA 17  17  17  ALA ALA X . n 
A 1 18  CYS 18  18  18  CYS CYS X . n 
A 1 19  HIS 19  19  19  HIS HIS X . n 
A 1 20  MET 20  20  20  MET MET X . n 
A 1 21  VAL 21  21  21  VAL VAL X . n 
A 1 22  GLN 22  22  22  GLN GLN X . n 
A 1 23  ALA 23  23  23  ALA ALA X . n 
A 1 24  PRO 24  24  24  PRO PRO X . n 
A 1 25  ASP 25  25  25  ASP ASP X . n 
A 1 26  GLY 26  26  26  GLY GLY X . n 
A 1 27  THR 27  27  27  THR THR X . n 
A 1 28  ASP 28  28  28  ASP ASP X . n 
A 1 29  ILE 29  29  29  ILE ILE X . n 
A 1 30  VAL 30  30  30  VAL VAL X . n 
A 1 31  LYS 31  31  31  LYS LYS X . n 
A 1 32  GLY 32  32  32  GLY GLY X . n 
A 1 33  GLY 33  33  33  GLY GLY X . n 
A 1 34  LYS 34  34  34  LYS LYS X . n 
A 1 35  THR 35  35  35  THR THR X . n 
A 1 36  GLY 36  36  36  GLY GLY X . n 
A 1 37  PRO 37  37  37  PRO PRO X . n 
A 1 38  ASN 38  38  38  ASN ASN X . n 
A 1 39  LEU 39  39  39  LEU LEU X . n 
A 1 40  TYR 40  40  40  TYR TYR X . n 
A 1 41  GLY 41  41  41  GLY GLY X . n 
A 1 42  VAL 42  42  42  VAL VAL X . n 
A 1 43  VAL 43  43  43  VAL VAL X . n 
A 1 44  GLY 44  44  44  GLY GLY X . n 
A 1 45  ARG 45  45  45  ARG ARG X . n 
A 1 46  LYS 46  46  46  LYS LYS X . n 
A 1 47  ILE 47  47  47  ILE ILE X . n 
A 1 48  ALA 48  48  48  ALA ALA X . n 
A 1 49  SER 49  49  49  SER SER X . n 
A 1 50  VAL 50  50  50  VAL VAL X . n 
A 1 51  GLU 51  51  51  GLU GLU X . n 
A 1 52  GLY 52  52  52  GLY GLY X . n 
A 1 53  PHE 53  53  53  PHE PHE X . n 
A 1 54  LYS 54  54  54  LYS LYS X . n 
A 1 55  TYR 55  55  55  TYR TYR X . n 
A 1 56  GLY 56  56  56  GLY GLY X . n 
A 1 57  ASP 57  57  57  ASP ASP X . n 
A 1 58  GLY 58  58  58  GLY GLY X . n 
A 1 59  ILE 59  59  59  ILE ILE X . n 
A 1 60  LEU 60  60  60  LEU LEU X . n 
A 1 61  GLU 61  61  61  GLU GLU X . n 
A 1 62  VAL 62  62  62  VAL VAL X . n 
A 1 63  ALA 63  63  63  ALA ALA X . n 
A 1 64  GLU 64  64  64  GLU GLU X . n 
A 1 65  LYS 65  65  65  LYS LYS X . n 
A 1 66  ASN 66  66  66  ASN ASN X . n 
A 1 67  PRO 67  67  67  PRO PRO X . n 
A 1 68  ASP 68  68  68  ASP ASP X . n 
A 1 69  MET 69  69  69  MET MET X . n 
A 1 70  VAL 70  70  70  VAL VAL X . n 
A 1 71  TRP 71  71  71  TRP TRP X . n 
A 1 72  SER 72  72  72  SER SER X . n 
A 1 73  GLU 73  73  73  GLU GLU X . n 
A 1 74  ALA 74  74  74  ALA ALA X . n 
A 1 75  ASP 75  75  75  ASP ASP X . n 
A 1 76  LEU 76  76  76  LEU LEU X . n 
A 1 77  ILE 77  77  77  ILE ILE X . n 
A 1 78  GLU 78  78  78  GLU GLU X . n 
A 1 79  TYR 79  79  79  TYR TYR X . n 
A 1 80  VAL 80  80  80  VAL VAL X . n 
A 1 81  THR 81  81  81  THR THR X . n 
A 1 82  ASP 82  82  82  ASP ASP X . n 
A 1 83  PRO 83  83  83  PRO PRO X . n 
A 1 84  LYS 84  84  84  LYS LYS X . n 
A 1 85  PRO 85  85  85  PRO PRO X . n 
A 1 86  TRP 86  86  86  TRP TRP X . n 
A 1 87  LEU 87  87  87  LEU LEU X . n 
A 1 88  VAL 88  88  88  VAL VAL X . n 
A 1 89  GLU 89  89  89  GLU GLU X . n 
A 1 90  LYS 90  90  90  LYS LYS X . n 
A 1 91  THR 91  91  91  THR THR X . n 
A 1 92  GLY 92  92  92  GLY GLY X . n 
A 1 93  ASP 93  93  93  ASP ASP X . n 
A 1 94  SER 94  94  94  SER SER X . n 
A 1 95  ALA 95  95  95  ALA ALA X . n 
A 1 96  ALA 96  96  96  ALA ALA X . n 
A 1 97  LYS 97  97  97  LYS LYS X . n 
A 1 98  THR 98  98  98  THR THR X . n 
A 1 99  LYS 99  99  99  LYS LYS X . n 
A 1 100 MET 100 100 100 MET MET X . n 
A 1 101 THR 101 101 101 THR THR X . n 
A 1 102 PHE 102 102 102 PHE PHE X . n 
A 1 103 LYS 103 103 103 LYS LYS X . n 
A 1 104 LEU 104 104 104 LEU LEU X . n 
A 1 105 GLY 105 105 105 GLY GLY X . n 
A 1 106 LYS 106 106 106 LYS LYS X . n 
A 1 107 ASN 107 107 107 ASN ASN X . n 
A 1 108 GLN 108 108 108 GLN GLN X . n 
A 1 109 ALA 109 109 109 ALA ALA X . n 
A 1 110 ASP 110 110 110 ASP ASP X . n 
A 1 111 VAL 111 111 111 VAL VAL X . n 
A 1 112 VAL 112 112 112 VAL VAL X . n 
A 1 113 ALA 113 113 113 ALA ALA X . n 
A 1 114 PHE 114 114 114 PHE PHE X . n 
A 1 115 LEU 115 115 115 LEU LEU X . n 
A 1 116 ALA 116 116 116 ALA ALA X . n 
A 1 117 GLN 117 117 117 GLN GLN X . n 
A 1 118 HIS 118 118 118 HIS HIS X . n 
A 1 119 SER 119 119 119 SER SER X . n 
A 1 120 PRO 120 120 120 PRO PRO X . n 
A 1 121 ASP 121 121 121 ASP ASP X . n 
A 1 122 ALA 122 122 ?   ?   ?   X . n 
A 1 123 GLY 123 123 ?   ?   ?   X . n 
A 1 124 ALA 124 124 ?   ?   ?   X . n 
A 1 125 GLU 125 125 ?   ?   ?   X . n 
A 1 126 ALA 126 126 ?   ?   ?   X . n 
A 1 127 ALA 127 127 ?   ?   ?   X . n 
A 1 128 PRO 128 128 ?   ?   ?   X . n 
A 1 129 ALA 129 129 ?   ?   ?   X . n 
A 1 130 GLU 130 130 ?   ?   ?   X . n 
A 1 131 GLY 131 131 ?   ?   ?   X . n 
A 1 132 ALA 132 132 ?   ?   ?   X . n 
A 1 133 ALA 133 133 ?   ?   ?   X . n 
A 1 134 ASN 134 134 ?   ?   ?   X . n 
# 
loop_
_pdbx_nonpoly_scheme.asym_id 
_pdbx_nonpoly_scheme.entity_id 
_pdbx_nonpoly_scheme.mon_id 
_pdbx_nonpoly_scheme.ndb_seq_num 
_pdbx_nonpoly_scheme.pdb_seq_num 
_pdbx_nonpoly_scheme.auth_seq_num 
_pdbx_nonpoly_scheme.pdb_mon_id 
_pdbx_nonpoly_scheme.auth_mon_id 
_pdbx_nonpoly_scheme.pdb_strand_id 
_pdbx_nonpoly_scheme.pdb_ins_code 
B 2 HEC 1  1121 1121 HEC HEC X . 
C 3 HOH 1  2001 2001 HOH HOH X . 
C 3 HOH 2  2002 2002 HOH HOH X . 
C 3 HOH 3  2003 2003 HOH HOH X . 
C 3 HOH 4  2004 2004 HOH HOH X . 
C 3 HOH 5  2005 2005 HOH HOH X . 
C 3 HOH 6  2006 2006 HOH HOH X . 
C 3 HOH 7  2007 2007 HOH HOH X . 
C 3 HOH 8  2008 2008 HOH HOH X . 
C 3 HOH 9  2009 2009 HOH HOH X . 
C 3 HOH 10 2010 2010 HOH HOH X . 
C 3 HOH 11 2011 2011 HOH HOH X . 
C 3 HOH 12 2012 2012 HOH HOH X . 
C 3 HOH 13 2013 2013 HOH HOH X . 
C 3 HOH 14 2014 2014 HOH HOH X . 
C 3 HOH 15 2015 2015 HOH HOH X . 
C 3 HOH 16 2016 2016 HOH HOH X . 
C 3 HOH 17 2017 2017 HOH HOH X . 
C 3 HOH 18 2018 2018 HOH HOH X . 
C 3 HOH 19 2019 2019 HOH HOH X . 
C 3 HOH 20 2020 2020 HOH HOH X . 
C 3 HOH 21 2021 2021 HOH HOH X . 
C 3 HOH 22 2022 2022 HOH HOH X . 
C 3 HOH 23 2023 2023 HOH HOH X . 
C 3 HOH 24 2024 2024 HOH HOH X . 
C 3 HOH 25 2025 2025 HOH HOH X . 
C 3 HOH 26 2026 2026 HOH HOH X . 
C 3 HOH 27 2027 2027 HOH HOH X . 
C 3 HOH 28 2028 2028 HOH HOH X . 
C 3 HOH 29 2029 2029 HOH HOH X . 
C 3 HOH 30 2030 2030 HOH HOH X . 
C 3 HOH 31 2031 2031 HOH HOH X . 
C 3 HOH 32 2032 2032 HOH HOH X . 
C 3 HOH 33 2033 2033 HOH HOH X . 
C 3 HOH 34 2034 2034 HOH HOH X . 
C 3 HOH 35 2035 2035 HOH HOH X . 
C 3 HOH 36 2036 2036 HOH HOH X . 
C 3 HOH 37 2037 2037 HOH HOH X . 
C 3 HOH 38 2038 2038 HOH HOH X . 
C 3 HOH 39 2039 2039 HOH HOH X . 
C 3 HOH 40 2040 2040 HOH HOH X . 
C 3 HOH 41 2041 2041 HOH HOH X . 
C 3 HOH 42 2042 2042 HOH HOH X . 
C 3 HOH 43 2043 2043 HOH HOH X . 
C 3 HOH 44 2044 2044 HOH HOH X . 
C 3 HOH 45 2045 2045 HOH HOH X . 
C 3 HOH 46 2046 2046 HOH HOH X . 
C 3 HOH 47 2047 2047 HOH HOH X . 
C 3 HOH 48 2048 2048 HOH HOH X . 
C 3 HOH 49 2049 2049 HOH HOH X . 
C 3 HOH 50 2050 2050 HOH HOH X . 
# 
loop_
_pdbx_unobs_or_zero_occ_atoms.id 
_pdbx_unobs_or_zero_occ_atoms.PDB_model_num 
_pdbx_unobs_or_zero_occ_atoms.polymer_flag 
_pdbx_unobs_or_zero_occ_atoms.occupancy_flag 
_pdbx_unobs_or_zero_occ_atoms.auth_asym_id 
_pdbx_unobs_or_zero_occ_atoms.auth_comp_id 
_pdbx_unobs_or_zero_occ_atoms.auth_seq_id 
_pdbx_unobs_or_zero_occ_atoms.PDB_ins_code 
_pdbx_unobs_or_zero_occ_atoms.auth_atom_id 
_pdbx_unobs_or_zero_occ_atoms.label_alt_id 
_pdbx_unobs_or_zero_occ_atoms.label_asym_id 
_pdbx_unobs_or_zero_occ_atoms.label_comp_id 
_pdbx_unobs_or_zero_occ_atoms.label_seq_id 
_pdbx_unobs_or_zero_occ_atoms.label_atom_id 
1 1 Y 1 X ASP 121 ? CA  ? A ASP 121 CA  
2 1 Y 1 X ASP 121 ? C   ? A ASP 121 C   
3 1 Y 1 X ASP 121 ? O   ? A ASP 121 O   
4 1 Y 1 X ASP 121 ? CB  ? A ASP 121 CB  
5 1 Y 1 X ASP 121 ? CG  ? A ASP 121 CG  
6 1 Y 1 X ASP 121 ? OD1 ? A ASP 121 OD1 
7 1 Y 1 X ASP 121 ? OD2 ? A ASP 121 OD2 
# 
loop_
_software.name 
_software.classification 
_software.version 
_software.citation_id 
_software.pdbx_ordinal 
_software.date 
_software.type 
_software.location 
_software.language 
REFMAC    refinement       5.2.0005 ? 1 ? ? ? ? 
HKL-2000  'data reduction' .        ? 2 ? ? ? ? 
SCALEPACK 'data scaling'   .        ? 3 ? ? ? ? 
MOLREP    phasing          .        ? 4 ? ? ? ? 
# 
_cell.entry_id           2BGV 
_cell.length_a           57.102 
_cell.length_b           57.102 
_cell.length_c           66.616 
_cell.angle_alpha        90.00 
_cell.angle_beta         90.00 
_cell.angle_gamma        90.00 
_cell.Z_PDB              8 
_cell.pdbx_unique_axis   ? 
# 
_symmetry.entry_id                         2BGV 
_symmetry.space_group_name_H-M             'P 41 21 2' 
_symmetry.pdbx_full_space_group_name_H-M   ? 
_symmetry.cell_setting                     ? 
_symmetry.Int_Tables_number                92 
# 
_exptl.entry_id          2BGV 
_exptl.method            'X-RAY DIFFRACTION' 
_exptl.crystals_number   1 
# 
_exptl_crystal.id                    1 
_exptl_crystal.density_meas          ? 
_exptl_crystal.density_Matthews      1.8 
_exptl_crystal.density_percent_sol   32.9 
_exptl_crystal.description           ? 
# 
_exptl_crystal_grow.crystal_id      1 
_exptl_crystal_grow.method          ? 
_exptl_crystal_grow.temp            ? 
_exptl_crystal_grow.temp_details    ? 
_exptl_crystal_grow.pH              9.00 
_exptl_crystal_grow.pdbx_pH_range   ? 
_exptl_crystal_grow.pdbx_details    '3.2 M AMMONIUM SULFATE, 0.1 M BICINE PH 9' 
# 
_diffrn.id                     1 
_diffrn.ambient_temp           295.0 
_diffrn.ambient_temp_details   ? 
_diffrn.crystal_id             1 
# 
_diffrn_detector.diffrn_id              1 
_diffrn_detector.detector               'IMAGE PLATE' 
_diffrn_detector.type                   'MAR scanner 345 mm plate' 
_diffrn_detector.pdbx_collection_date   2003-08-01 
_diffrn_detector.details                MIRRORS 
# 
_diffrn_radiation.diffrn_id                        1 
_diffrn_radiation.wavelength_id                    1 
_diffrn_radiation.pdbx_monochromatic_or_laue_m_l   M 
_diffrn_radiation.monochromator                    'NI FILTER' 
_diffrn_radiation.pdbx_diffrn_protocol             'SINGLE WAVELENGTH' 
_diffrn_radiation.pdbx_scattering_type             x-ray 
# 
_diffrn_radiation_wavelength.id           1 
_diffrn_radiation_wavelength.wavelength   1.54 
_diffrn_radiation_wavelength.wt           1.0 
# 
_diffrn_source.diffrn_id                   1 
_diffrn_source.source                      'ROTATING ANODE' 
_diffrn_source.type                        'ENRAF-NONIUS FR78' 
_diffrn_source.pdbx_synchrotron_site       ? 
_diffrn_source.pdbx_synchrotron_beamline   ? 
_diffrn_source.pdbx_wavelength             1.54 
_diffrn_source.pdbx_wavelength_list        ? 
# 
_reflns.pdbx_diffrn_id               1 
_reflns.pdbx_ordinal                 1 
_reflns.entry_id                     2BGV 
_reflns.observed_criterion_sigma_I   2.000 
_reflns.observed_criterion_sigma_F   ? 
_reflns.d_resolution_low             45.000 
_reflns.d_resolution_high            1.850 
_reflns.number_obs                   9898 
_reflns.number_all                   ? 
_reflns.percent_possible_obs         99.9 
_reflns.pdbx_Rmerge_I_obs            0.13000 
_reflns.pdbx_Rsym_value              ? 
_reflns.pdbx_netI_over_sigmaI        20.5000 
_reflns.B_iso_Wilson_estimate        ? 
_reflns.pdbx_redundancy              14.500 
_reflns.pdbx_CC_half                 ? 
_reflns.pdbx_Rpim_I_all              ? 
_reflns.pdbx_Rrim_I_all              ? 
# 
_reflns_shell.pdbx_diffrn_id         1 
_reflns_shell.pdbx_ordinal           1 
_reflns_shell.d_res_high             1.85 
_reflns_shell.d_res_low              1.92 
_reflns_shell.percent_possible_all   97.7 
_reflns_shell.Rmerge_I_obs           0.33000 
_reflns_shell.pdbx_Rsym_value        ? 
_reflns_shell.meanI_over_sigI_obs    1.240 
_reflns_shell.pdbx_redundancy        6.60 
_reflns_shell.number_measured_obs    ? 
_reflns_shell.number_unique_all      ? 
_reflns_shell.number_unique_obs      ? 
_reflns_shell.pdbx_CC_half           ? 
_reflns_shell.pdbx_Rpim_I_all        ? 
_reflns_shell.pdbx_Rrim_I_all        ? 
# 
_refine.pdbx_refine_id                           'X-RAY DIFFRACTION' 
_refine.entry_id                                 2BGV 
_refine.pdbx_diffrn_id                           1 
_refine.pdbx_TLS_residual_ADP_flag               ? 
_refine.ls_number_reflns_obs                     8690 
_refine.ls_number_reflns_all                     ? 
_refine.pdbx_ls_sigma_I                          ? 
_refine.pdbx_ls_sigma_F                          ? 
_refine.pdbx_data_cutoff_high_absF               ? 
_refine.pdbx_data_cutoff_low_absF                ? 
_refine.pdbx_data_cutoff_high_rms_absF           ? 
_refine.ls_d_res_low                             43.44 
_refine.ls_d_res_high                            1.90 
_refine.ls_percent_reflns_obs                    99.7 
_refine.ls_R_factor_obs                          0.160 
_refine.ls_R_factor_all                          ? 
_refine.ls_R_factor_R_work                       0.158 
_refine.ls_R_factor_R_free                       0.191 
_refine.ls_R_factor_R_free_error                 ? 
_refine.ls_R_factor_R_free_error_details         ? 
_refine.ls_percent_reflns_R_free                 4.800 
_refine.ls_number_reflns_R_free                  436 
_refine.ls_number_parameters                     ? 
_refine.ls_number_restraints                     ? 
_refine.occupancy_min                            ? 
_refine.occupancy_max                            ? 
_refine.correlation_coeff_Fo_to_Fc               0.960 
_refine.correlation_coeff_Fo_to_Fc_free          0.951 
_refine.B_iso_mean                               20.45 
_refine.aniso_B[1][1]                            -0.25000 
_refine.aniso_B[2][2]                            -0.25000 
_refine.aniso_B[3][3]                            0.49000 
_refine.aniso_B[1][2]                            0.00000 
_refine.aniso_B[1][3]                            0.00000 
_refine.aniso_B[2][3]                            0.00000 
_refine.solvent_model_details                    'BABINET MODEL WITH MASK' 
_refine.solvent_model_param_ksol                 ? 
_refine.solvent_model_param_bsol                 ? 
_refine.pdbx_solvent_vdw_probe_radii             1.20 
_refine.pdbx_solvent_ion_probe_radii             0.80 
_refine.pdbx_solvent_shrinkage_radii             0.80 
_refine.pdbx_ls_cross_valid_method               THROUGHOUT 
_refine.details                                  'HYDROGENS HAVE BEEN ADDED IN THE RIDING POSITIONS.' 
_refine.pdbx_starting_model                      'STRUCTURE OF M100K CYTOCHROME C-550' 
_refine.pdbx_method_to_determine_struct          'MOLECULAR REPLACEMENT' 
_refine.pdbx_isotropic_thermal_model             ? 
_refine.pdbx_stereochemistry_target_values       'MAXIMUM LIKELIHOOD' 
_refine.pdbx_stereochem_target_val_spec_case     ? 
_refine.pdbx_R_Free_selection_details            RANDOM 
_refine.pdbx_overall_ESU_R                       0.143 
_refine.pdbx_overall_ESU_R_Free                  0.126 
_refine.overall_SU_ML                            0.076 
_refine.pdbx_overall_phase_error                 ? 
_refine.overall_SU_B                             ? 
_refine.overall_SU_R_Cruickshank_DPI             ? 
_refine.pdbx_overall_SU_R_free_Cruickshank_DPI   ? 
_refine.pdbx_overall_SU_R_Blow_DPI               ? 
_refine.pdbx_overall_SU_R_free_Blow_DPI          ? 
# 
_refine_hist.pdbx_refine_id                   'X-RAY DIFFRACTION' 
_refine_hist.cycle_id                         LAST 
_refine_hist.pdbx_number_atoms_protein        900 
_refine_hist.pdbx_number_atoms_nucleic_acid   0 
_refine_hist.pdbx_number_atoms_ligand         43 
_refine_hist.number_atoms_solvent             50 
_refine_hist.number_atoms_total               993 
_refine_hist.d_res_high                       1.90 
_refine_hist.d_res_low                        43.44 
# 
loop_
_refine_ls_restr.type 
_refine_ls_restr.dev_ideal 
_refine_ls_restr.dev_ideal_target 
_refine_ls_restr.weight 
_refine_ls_restr.number 
_refine_ls_restr.pdbx_refine_id 
_refine_ls_restr.pdbx_restraint_function 
r_bond_refined_d             0.013  0.022  ? 991  'X-RAY DIFFRACTION' ? 
r_bond_other_d               0.001  0.020  ? 871  'X-RAY DIFFRACTION' ? 
r_angle_refined_deg          1.158  2.106  ? 1348 'X-RAY DIFFRACTION' ? 
r_angle_other_deg            0.721  3.000  ? 2059 'X-RAY DIFFRACTION' ? 
r_dihedral_angle_1_deg       5.869  5.000  ? 118  'X-RAY DIFFRACTION' ? 
r_dihedral_angle_2_deg       38.952 26.750 ? 40   'X-RAY DIFFRACTION' ? 
r_dihedral_angle_3_deg       14.980 15.000 ? 178  'X-RAY DIFFRACTION' ? 
r_dihedral_angle_4_deg       11.972 15.000 ? 1    'X-RAY DIFFRACTION' ? 
r_chiral_restr               0.087  0.200  ? 135  'X-RAY DIFFRACTION' ? 
r_gen_planes_refined         0.008  0.020  ? 1081 'X-RAY DIFFRACTION' ? 
r_gen_planes_other           0.001  0.020  ? 162  'X-RAY DIFFRACTION' ? 
r_nbd_refined                0.287  0.300  ? 221  'X-RAY DIFFRACTION' ? 
r_nbd_other                  0.188  0.300  ? 795  'X-RAY DIFFRACTION' ? 
r_nbtor_refined              0.179  0.500  ? 486  'X-RAY DIFFRACTION' ? 
r_nbtor_other                0.090  0.500  ? 488  'X-RAY DIFFRACTION' ? 
r_xyhbond_nbd_refined        0.138  0.500  ? 72   'X-RAY DIFFRACTION' ? 
r_xyhbond_nbd_other          ?      ?      ? ?    'X-RAY DIFFRACTION' ? 
r_metal_ion_refined          ?      ?      ? ?    'X-RAY DIFFRACTION' ? 
r_metal_ion_other            ?      ?      ? ?    'X-RAY DIFFRACTION' ? 
r_symmetry_vdw_refined       0.191  0.300  ? 12   'X-RAY DIFFRACTION' ? 
r_symmetry_vdw_other         0.216  0.300  ? 31   'X-RAY DIFFRACTION' ? 
r_symmetry_hbond_refined     0.391  0.500  ? 15   'X-RAY DIFFRACTION' ? 
r_symmetry_hbond_other       ?      ?      ? ?    'X-RAY DIFFRACTION' ? 
r_symmetry_metal_ion_refined ?      ?      ? ?    'X-RAY DIFFRACTION' ? 
r_symmetry_metal_ion_other   ?      ?      ? ?    'X-RAY DIFFRACTION' ? 
r_mcbond_it                  3.112  2.500  ? 773  'X-RAY DIFFRACTION' ? 
r_mcbond_other               ?      ?      ? ?    'X-RAY DIFFRACTION' ? 
r_mcangle_it                 3.349  3.000  ? 948  'X-RAY DIFFRACTION' ? 
r_mcangle_other              ?      ?      ? ?    'X-RAY DIFFRACTION' ? 
r_scbond_it                  2.651  2.000  ? 500  'X-RAY DIFFRACTION' ? 
r_scbond_other               ?      ?      ? ?    'X-RAY DIFFRACTION' ? 
r_scangle_it                 3.549  3.000  ? 398  'X-RAY DIFFRACTION' ? 
r_scangle_other              ?      ?      ? ?    'X-RAY DIFFRACTION' ? 
r_long_range_B_refined       ?      ?      ? ?    'X-RAY DIFFRACTION' ? 
r_long_range_B_other         ?      ?      ? ?    'X-RAY DIFFRACTION' ? 
r_rigid_bond_restr           ?      ?      ? ?    'X-RAY DIFFRACTION' ? 
r_sphericity_free            ?      ?      ? ?    'X-RAY DIFFRACTION' ? 
r_sphericity_bonded          ?      ?      ? ?    'X-RAY DIFFRACTION' ? 
# 
_refine_ls_shell.pdbx_refine_id                   'X-RAY DIFFRACTION' 
_refine_ls_shell.pdbx_total_number_of_bins_used   20 
_refine_ls_shell.d_res_high                       1.90 
_refine_ls_shell.d_res_low                        1.95 
_refine_ls_shell.number_reflns_R_work             624 
_refine_ls_shell.R_factor_R_work                  0.1440 
_refine_ls_shell.percent_reflns_obs               ? 
_refine_ls_shell.R_factor_R_free                  0.2070 
_refine_ls_shell.R_factor_R_free_error            ? 
_refine_ls_shell.percent_reflns_R_free            ? 
_refine_ls_shell.number_reflns_R_free             28 
_refine_ls_shell.number_reflns_all                ? 
_refine_ls_shell.R_factor_all                     ? 
_refine_ls_shell.R_factor_obs                     ? 
_refine_ls_shell.number_reflns_obs                ? 
# 
_struct.entry_id                  2BGV 
_struct.title                     'X-ray structure of ferric cytochrome c-550 from Paracoccus versutus' 
_struct.pdbx_model_details        ? 
_struct.pdbx_CASP_flag            ? 
_struct.pdbx_model_type_details   ? 
# 
_struct_keywords.entry_id        2BGV 
_struct_keywords.pdbx_keywords   'ELECTRON TRANSFER' 
_struct_keywords.text            'C-TYPE CYTOCHROME, HEME GROUP, ELECTRON TRANSFER, PYRROLIDONE CARBOXYLIC ACID' 
# 
loop_
_struct_asym.id 
_struct_asym.pdbx_blank_PDB_chainid_flag 
_struct_asym.pdbx_modified 
_struct_asym.entity_id 
_struct_asym.details 
A N N 1 ? 
B N N 2 ? 
C N N 3 ? 
# 
_struct_ref.id                         1 
_struct_ref.db_name                    UNP 
_struct_ref.db_code                    C550_PARVE 
_struct_ref.entity_id                  1 
_struct_ref.pdbx_seq_one_letter_code   ? 
_struct_ref.pdbx_align_begin           ? 
_struct_ref.pdbx_db_accession          Q00499 
_struct_ref.pdbx_db_isoform            ? 
# 
_struct_ref_seq.align_id                      1 
_struct_ref_seq.ref_id                        1 
_struct_ref_seq.pdbx_PDB_id_code              2BGV 
_struct_ref_seq.pdbx_strand_id                X 
_struct_ref_seq.seq_align_beg                 1 
_struct_ref_seq.pdbx_seq_align_beg_ins_code   ? 
_struct_ref_seq.seq_align_end                 134 
_struct_ref_seq.pdbx_seq_align_end_ins_code   ? 
_struct_ref_seq.pdbx_db_accession             Q00499 
_struct_ref_seq.db_align_beg                  21 
_struct_ref_seq.pdbx_db_align_beg_ins_code    ? 
_struct_ref_seq.db_align_end                  154 
_struct_ref_seq.pdbx_db_align_end_ins_code    ? 
_struct_ref_seq.pdbx_auth_seq_align_beg       1 
_struct_ref_seq.pdbx_auth_seq_align_end       134 
# 
_pdbx_struct_assembly.id                   1 
_pdbx_struct_assembly.details              author_and_software_defined_assembly 
_pdbx_struct_assembly.method_details       PQS 
_pdbx_struct_assembly.oligomeric_details   monomeric 
_pdbx_struct_assembly.oligomeric_count     1 
# 
_pdbx_struct_assembly_gen.assembly_id       1 
_pdbx_struct_assembly_gen.oper_expression   1 
_pdbx_struct_assembly_gen.asym_id_list      A,B,C 
# 
_pdbx_struct_oper_list.id                   1 
_pdbx_struct_oper_list.type                 'identity operation' 
_pdbx_struct_oper_list.name                 1_555 
_pdbx_struct_oper_list.symmetry_operation   x,y,z 
_pdbx_struct_oper_list.matrix[1][1]         1.0000000000 
_pdbx_struct_oper_list.matrix[1][2]         0.0000000000 
_pdbx_struct_oper_list.matrix[1][3]         0.0000000000 
_pdbx_struct_oper_list.vector[1]            0.0000000000 
_pdbx_struct_oper_list.matrix[2][1]         0.0000000000 
_pdbx_struct_oper_list.matrix[2][2]         1.0000000000 
_pdbx_struct_oper_list.matrix[2][3]         0.0000000000 
_pdbx_struct_oper_list.vector[2]            0.0000000000 
_pdbx_struct_oper_list.matrix[3][1]         0.0000000000 
_pdbx_struct_oper_list.matrix[3][2]         0.0000000000 
_pdbx_struct_oper_list.matrix[3][3]         1.0000000000 
_pdbx_struct_oper_list.vector[3]            0.0000000000 
# 
loop_
_struct_conf.conf_type_id 
_struct_conf.id 
_struct_conf.pdbx_PDB_helix_id 
_struct_conf.beg_label_comp_id 
_struct_conf.beg_label_asym_id 
_struct_conf.beg_label_seq_id 
_struct_conf.pdbx_beg_PDB_ins_code 
_struct_conf.end_label_comp_id 
_struct_conf.end_label_asym_id 
_struct_conf.end_label_seq_id 
_struct_conf.pdbx_end_PDB_ins_code 
_struct_conf.beg_auth_comp_id 
_struct_conf.beg_auth_asym_id 
_struct_conf.beg_auth_seq_id 
_struct_conf.end_auth_comp_id 
_struct_conf.end_auth_asym_id 
_struct_conf.end_auth_seq_id 
_struct_conf.pdbx_PDB_helix_class 
_struct_conf.details 
_struct_conf.pdbx_PDB_helix_length 
HELX_P HELX_P1 1 ASP A 4   ? PHE A 12  ? ASP X 4   PHE X 12  1 ? 9  
HELX_P HELX_P2 2 ASN A 13  ? CYS A 15  ? ASN X 13  CYS X 15  5 ? 3  
HELX_P HELX_P3 3 GLY A 56  ? ASN A 66  ? GLY X 56  ASN X 66  1 ? 11 
HELX_P HELX_P4 4 SER A 72  ? ASP A 82  ? SER X 72  ASP X 82  1 ? 11 
HELX_P HELX_P5 5 ASP A 82  ? GLY A 92  ? ASP X 82  GLY X 92  1 ? 11 
HELX_P HELX_P6 6 ASN A 107 ? HIS A 118 ? ASN X 107 HIS X 118 1 ? 12 
# 
_struct_conf_type.id          HELX_P 
_struct_conf_type.criteria    ? 
_struct_conf_type.reference   ? 
# 
loop_
_struct_conn.id 
_struct_conn.conn_type_id 
_struct_conn.pdbx_leaving_atom_flag 
_struct_conn.pdbx_PDB_id 
_struct_conn.ptnr1_label_asym_id 
_struct_conn.ptnr1_label_comp_id 
_struct_conn.ptnr1_label_seq_id 
_struct_conn.ptnr1_label_atom_id 
_struct_conn.pdbx_ptnr1_label_alt_id 
_struct_conn.pdbx_ptnr1_PDB_ins_code 
_struct_conn.pdbx_ptnr1_standard_comp_id 
_struct_conn.ptnr1_symmetry 
_struct_conn.ptnr2_label_asym_id 
_struct_conn.ptnr2_label_comp_id 
_struct_conn.ptnr2_label_seq_id 
_struct_conn.ptnr2_label_atom_id 
_struct_conn.pdbx_ptnr2_label_alt_id 
_struct_conn.pdbx_ptnr2_PDB_ins_code 
_struct_conn.ptnr1_auth_asym_id 
_struct_conn.ptnr1_auth_comp_id 
_struct_conn.ptnr1_auth_seq_id 
_struct_conn.ptnr2_auth_asym_id 
_struct_conn.ptnr2_auth_comp_id 
_struct_conn.ptnr2_auth_seq_id 
_struct_conn.ptnr2_symmetry 
_struct_conn.pdbx_ptnr3_label_atom_id 
_struct_conn.pdbx_ptnr3_label_seq_id 
_struct_conn.pdbx_ptnr3_label_comp_id 
_struct_conn.pdbx_ptnr3_label_asym_id 
_struct_conn.pdbx_ptnr3_label_alt_id 
_struct_conn.pdbx_ptnr3_PDB_ins_code 
_struct_conn.details 
_struct_conn.pdbx_dist_value 
_struct_conn.pdbx_value_order 
_struct_conn.pdbx_role 
covale1 covale none ? A CYS 15  SG  ? ? ? 1_555 B HEC . CAB ? ? X CYS 15  X HEC 1121 1_555 ? ? ? ? ? ? ? 1.838 ? ? 
covale2 covale none ? A CYS 18  SG  ? ? ? 1_555 B HEC . CAC ? ? X CYS 18  X HEC 1121 1_555 ? ? ? ? ? ? ? 1.878 ? ? 
metalc1 metalc ?    ? A HIS 19  NE2 ? ? ? 1_555 B HEC . FE  ? ? X HIS 19  X HEC 1121 1_555 ? ? ? ? ? ? ? 2.011 ? ? 
metalc2 metalc ?    ? A MET 100 SD  ? ? ? 1_555 B HEC . FE  ? ? X MET 100 X HEC 1121 1_555 ? ? ? ? ? ? ? 2.378 ? ? 
# 
loop_
_struct_conn_type.id 
_struct_conn_type.criteria 
_struct_conn_type.reference 
covale ? ? 
metalc ? ? 
# 
loop_
_pdbx_struct_conn_angle.id 
_pdbx_struct_conn_angle.ptnr1_label_atom_id 
_pdbx_struct_conn_angle.ptnr1_label_alt_id 
_pdbx_struct_conn_angle.ptnr1_label_asym_id 
_pdbx_struct_conn_angle.ptnr1_label_comp_id 
_pdbx_struct_conn_angle.ptnr1_label_seq_id 
_pdbx_struct_conn_angle.ptnr1_auth_atom_id 
_pdbx_struct_conn_angle.ptnr1_auth_asym_id 
_pdbx_struct_conn_angle.ptnr1_auth_comp_id 
_pdbx_struct_conn_angle.ptnr1_auth_seq_id 
_pdbx_struct_conn_angle.ptnr1_PDB_ins_code 
_pdbx_struct_conn_angle.ptnr1_symmetry 
_pdbx_struct_conn_angle.ptnr2_label_atom_id 
_pdbx_struct_conn_angle.ptnr2_label_alt_id 
_pdbx_struct_conn_angle.ptnr2_label_asym_id 
_pdbx_struct_conn_angle.ptnr2_label_comp_id 
_pdbx_struct_conn_angle.ptnr2_label_seq_id 
_pdbx_struct_conn_angle.ptnr2_auth_atom_id 
_pdbx_struct_conn_angle.ptnr2_auth_asym_id 
_pdbx_struct_conn_angle.ptnr2_auth_comp_id 
_pdbx_struct_conn_angle.ptnr2_auth_seq_id 
_pdbx_struct_conn_angle.ptnr2_PDB_ins_code 
_pdbx_struct_conn_angle.ptnr2_symmetry 
_pdbx_struct_conn_angle.ptnr3_label_atom_id 
_pdbx_struct_conn_angle.ptnr3_label_alt_id 
_pdbx_struct_conn_angle.ptnr3_label_asym_id 
_pdbx_struct_conn_angle.ptnr3_label_comp_id 
_pdbx_struct_conn_angle.ptnr3_label_seq_id 
_pdbx_struct_conn_angle.ptnr3_auth_atom_id 
_pdbx_struct_conn_angle.ptnr3_auth_asym_id 
_pdbx_struct_conn_angle.ptnr3_auth_comp_id 
_pdbx_struct_conn_angle.ptnr3_auth_seq_id 
_pdbx_struct_conn_angle.ptnr3_PDB_ins_code 
_pdbx_struct_conn_angle.ptnr3_symmetry 
_pdbx_struct_conn_angle.value 
_pdbx_struct_conn_angle.value_esd 
1  NE2 ? A HIS 19 ? X HIS 19   ? 1_555 FE ? B HEC . ? X HEC 1121 ? 1_555 NA ? B HEC .   ? X HEC 1121 ? 1_555 92.3  ? 
2  NE2 ? A HIS 19 ? X HIS 19   ? 1_555 FE ? B HEC . ? X HEC 1121 ? 1_555 NB ? B HEC .   ? X HEC 1121 ? 1_555 88.0  ? 
3  NA  ? B HEC .  ? X HEC 1121 ? 1_555 FE ? B HEC . ? X HEC 1121 ? 1_555 NB ? B HEC .   ? X HEC 1121 ? 1_555 89.2  ? 
4  NE2 ? A HIS 19 ? X HIS 19   ? 1_555 FE ? B HEC . ? X HEC 1121 ? 1_555 NC ? B HEC .   ? X HEC 1121 ? 1_555 88.9  ? 
5  NA  ? B HEC .  ? X HEC 1121 ? 1_555 FE ? B HEC . ? X HEC 1121 ? 1_555 NC ? B HEC .   ? X HEC 1121 ? 1_555 178.7 ? 
6  NB  ? B HEC .  ? X HEC 1121 ? 1_555 FE ? B HEC . ? X HEC 1121 ? 1_555 NC ? B HEC .   ? X HEC 1121 ? 1_555 90.4  ? 
7  NE2 ? A HIS 19 ? X HIS 19   ? 1_555 FE ? B HEC . ? X HEC 1121 ? 1_555 ND ? B HEC .   ? X HEC 1121 ? 1_555 90.4  ? 
8  NA  ? B HEC .  ? X HEC 1121 ? 1_555 FE ? B HEC . ? X HEC 1121 ? 1_555 ND ? B HEC .   ? X HEC 1121 ? 1_555 90.4  ? 
9  NB  ? B HEC .  ? X HEC 1121 ? 1_555 FE ? B HEC . ? X HEC 1121 ? 1_555 ND ? B HEC .   ? X HEC 1121 ? 1_555 178.3 ? 
10 NC  ? B HEC .  ? X HEC 1121 ? 1_555 FE ? B HEC . ? X HEC 1121 ? 1_555 ND ? B HEC .   ? X HEC 1121 ? 1_555 90.0  ? 
11 NE2 ? A HIS 19 ? X HIS 19   ? 1_555 FE ? B HEC . ? X HEC 1121 ? 1_555 SD ? A MET 100 ? X MET 100  ? 1_555 175.6 ? 
12 NA  ? B HEC .  ? X HEC 1121 ? 1_555 FE ? B HEC . ? X HEC 1121 ? 1_555 SD ? A MET 100 ? X MET 100  ? 1_555 84.1  ? 
13 NB  ? B HEC .  ? X HEC 1121 ? 1_555 FE ? B HEC . ? X HEC 1121 ? 1_555 SD ? A MET 100 ? X MET 100  ? 1_555 94.5  ? 
14 NC  ? B HEC .  ? X HEC 1121 ? 1_555 FE ? B HEC . ? X HEC 1121 ? 1_555 SD ? A MET 100 ? X MET 100  ? 1_555 94.7  ? 
15 ND  ? B HEC .  ? X HEC 1121 ? 1_555 FE ? B HEC . ? X HEC 1121 ? 1_555 SD ? A MET 100 ? X MET 100  ? 1_555 87.0  ? 
# 
loop_
_pdbx_modification_feature.ordinal 
_pdbx_modification_feature.label_comp_id 
_pdbx_modification_feature.label_asym_id 
_pdbx_modification_feature.label_seq_id 
_pdbx_modification_feature.label_alt_id 
_pdbx_modification_feature.modified_residue_label_comp_id 
_pdbx_modification_feature.modified_residue_label_asym_id 
_pdbx_modification_feature.modified_residue_label_seq_id 
_pdbx_modification_feature.modified_residue_label_alt_id 
_pdbx_modification_feature.auth_comp_id 
_pdbx_modification_feature.auth_asym_id 
_pdbx_modification_feature.auth_seq_id 
_pdbx_modification_feature.PDB_ins_code 
_pdbx_modification_feature.symmetry 
_pdbx_modification_feature.modified_residue_auth_comp_id 
_pdbx_modification_feature.modified_residue_auth_asym_id 
_pdbx_modification_feature.modified_residue_auth_seq_id 
_pdbx_modification_feature.modified_residue_PDB_ins_code 
_pdbx_modification_feature.modified_residue_symmetry 
_pdbx_modification_feature.comp_id_linking_atom 
_pdbx_modification_feature.modified_residue_id_linking_atom 
_pdbx_modification_feature.modified_residue_id 
_pdbx_modification_feature.ref_pcm_id 
_pdbx_modification_feature.ref_comp_id 
_pdbx_modification_feature.type 
_pdbx_modification_feature.category 
1 HEC B . ? CYS A 15 ? HEC X 1121 ? 1_555 CYS X 15 ? 1_555 CAB SG CYS 2 HEC None Heme/heme-like 
2 HEC B . ? CYS A 18 ? HEC X 1121 ? 1_555 CYS X 18 ? 1_555 CAC SG CYS 3 HEC None Heme/heme-like 
# 
_struct_sheet.id               XA 
_struct_sheet.type             ? 
_struct_sheet.number_strands   2 
_struct_sheet.details          ? 
# 
_struct_sheet_order.sheet_id     XA 
_struct_sheet_order.range_id_1   1 
_struct_sheet_order.range_id_2   2 
_struct_sheet_order.offset       ? 
_struct_sheet_order.sense        anti-parallel 
# 
loop_
_struct_sheet_range.sheet_id 
_struct_sheet_range.id 
_struct_sheet_range.beg_label_comp_id 
_struct_sheet_range.beg_label_asym_id 
_struct_sheet_range.beg_label_seq_id 
_struct_sheet_range.pdbx_beg_PDB_ins_code 
_struct_sheet_range.end_label_comp_id 
_struct_sheet_range.end_label_asym_id 
_struct_sheet_range.end_label_seq_id 
_struct_sheet_range.pdbx_end_PDB_ins_code 
_struct_sheet_range.beg_auth_comp_id 
_struct_sheet_range.beg_auth_asym_id 
_struct_sheet_range.beg_auth_seq_id 
_struct_sheet_range.end_auth_comp_id 
_struct_sheet_range.end_auth_asym_id 
_struct_sheet_range.end_auth_seq_id 
XA 1 VAL A 21 ? GLN A 22 ? VAL X 21 GLN X 22 
XA 2 ASP A 28 ? VAL A 30 ? ASP X 28 VAL X 30 
# 
_pdbx_struct_sheet_hbond.sheet_id                XA 
_pdbx_struct_sheet_hbond.range_id_1              1 
_pdbx_struct_sheet_hbond.range_id_2              2 
_pdbx_struct_sheet_hbond.range_1_label_atom_id   O 
_pdbx_struct_sheet_hbond.range_1_label_comp_id   VAL 
_pdbx_struct_sheet_hbond.range_1_label_asym_id   A 
_pdbx_struct_sheet_hbond.range_1_label_seq_id    21 
_pdbx_struct_sheet_hbond.range_1_PDB_ins_code    ? 
_pdbx_struct_sheet_hbond.range_1_auth_atom_id    O 
_pdbx_struct_sheet_hbond.range_1_auth_comp_id    VAL 
_pdbx_struct_sheet_hbond.range_1_auth_asym_id    X 
_pdbx_struct_sheet_hbond.range_1_auth_seq_id     21 
_pdbx_struct_sheet_hbond.range_2_label_atom_id   N 
_pdbx_struct_sheet_hbond.range_2_label_comp_id   ILE 
_pdbx_struct_sheet_hbond.range_2_label_asym_id   A 
_pdbx_struct_sheet_hbond.range_2_label_seq_id    29 
_pdbx_struct_sheet_hbond.range_2_PDB_ins_code    ? 
_pdbx_struct_sheet_hbond.range_2_auth_atom_id    N 
_pdbx_struct_sheet_hbond.range_2_auth_comp_id    ILE 
_pdbx_struct_sheet_hbond.range_2_auth_asym_id    X 
_pdbx_struct_sheet_hbond.range_2_auth_seq_id     29 
# 
_struct_site.id                   AC1 
_struct_site.pdbx_evidence_code   Software 
_struct_site.pdbx_auth_asym_id    ? 
_struct_site.pdbx_auth_comp_id    ? 
_struct_site.pdbx_auth_seq_id     ? 
_struct_site.pdbx_auth_ins_code   ? 
_struct_site.pdbx_num_residues    17 
_struct_site.details              'BINDING SITE FOR RESIDUE HEC X1121' 
# 
loop_
_struct_site_gen.id 
_struct_site_gen.site_id 
_struct_site_gen.pdbx_num_res 
_struct_site_gen.label_comp_id 
_struct_site_gen.label_asym_id 
_struct_site_gen.label_seq_id 
_struct_site_gen.pdbx_auth_ins_code 
_struct_site_gen.auth_comp_id 
_struct_site_gen.auth_asym_id 
_struct_site_gen.auth_seq_id 
_struct_site_gen.label_atom_id 
_struct_site_gen.label_alt_id 
_struct_site_gen.symmetry 
_struct_site_gen.details 
1  AC1 17 CYS A 15  ? CYS X 15   . ? 1_555 ? 
2  AC1 17 CYS A 18  ? CYS X 18   . ? 1_555 ? 
3  AC1 17 HIS A 19  ? HIS X 19   . ? 1_555 ? 
4  AC1 17 THR A 35  ? THR X 35   . ? 1_555 ? 
5  AC1 17 ARG A 45  ? ARG X 45   . ? 1_555 ? 
6  AC1 17 ALA A 48  ? ALA X 48   . ? 1_555 ? 
7  AC1 17 TYR A 55  ? TYR X 55   . ? 1_555 ? 
8  AC1 17 GLY A 56  ? GLY X 56   . ? 1_555 ? 
9  AC1 17 TRP A 71  ? TRP X 71   . ? 1_555 ? 
10 AC1 17 LEU A 76  ? LEU X 76   . ? 1_555 ? 
11 AC1 17 TYR A 79  ? TYR X 79   . ? 1_555 ? 
12 AC1 17 VAL A 80  ? VAL X 80   . ? 1_555 ? 
13 AC1 17 LYS A 99  ? LYS X 99   . ? 1_555 ? 
14 AC1 17 MET A 100 ? MET X 100  . ? 1_555 ? 
15 AC1 17 HOH C .   ? HOH X 2018 . ? 1_555 ? 
16 AC1 17 HOH C .   ? HOH X 2033 . ? 1_555 ? 
17 AC1 17 HOH C .   ? HOH X 2042 . ? 1_555 ? 
# 
_pdbx_entry_details.entry_id                   2BGV 
_pdbx_entry_details.compound_details           'PTM: BINDS 1 HEME GROUP PER SUBUNIT' 
_pdbx_entry_details.source_details             ? 
_pdbx_entry_details.nonpolymer_details         ? 
_pdbx_entry_details.sequence_details           ? 
_pdbx_entry_details.has_ligand_of_interest     ? 
_pdbx_entry_details.has_protein_modification   Y 
# 
_pdbx_validate_close_contact.id               1 
_pdbx_validate_close_contact.PDB_model_num    1 
_pdbx_validate_close_contact.auth_atom_id_1   OD1 
_pdbx_validate_close_contact.auth_asym_id_1   X 
_pdbx_validate_close_contact.auth_comp_id_1   ASP 
_pdbx_validate_close_contact.auth_seq_id_1    57 
_pdbx_validate_close_contact.PDB_ins_code_1   ? 
_pdbx_validate_close_contact.label_alt_id_1   A 
_pdbx_validate_close_contact.auth_atom_id_2   O 
_pdbx_validate_close_contact.auth_asym_id_2   X 
_pdbx_validate_close_contact.auth_comp_id_2   HOH 
_pdbx_validate_close_contact.auth_seq_id_2    2023 
_pdbx_validate_close_contact.PDB_ins_code_2   ? 
_pdbx_validate_close_contact.label_alt_id_2   ? 
_pdbx_validate_close_contact.dist             2.08 
# 
_pdbx_validate_symm_contact.id                1 
_pdbx_validate_symm_contact.PDB_model_num     1 
_pdbx_validate_symm_contact.auth_atom_id_1    O 
_pdbx_validate_symm_contact.auth_asym_id_1    X 
_pdbx_validate_symm_contact.auth_comp_id_1    HOH 
_pdbx_validate_symm_contact.auth_seq_id_1     2004 
_pdbx_validate_symm_contact.PDB_ins_code_1    ? 
_pdbx_validate_symm_contact.label_alt_id_1    ? 
_pdbx_validate_symm_contact.site_symmetry_1   1_555 
_pdbx_validate_symm_contact.auth_atom_id_2    O 
_pdbx_validate_symm_contact.auth_asym_id_2    X 
_pdbx_validate_symm_contact.auth_comp_id_2    HOH 
_pdbx_validate_symm_contact.auth_seq_id_2     2023 
_pdbx_validate_symm_contact.PDB_ins_code_2    ? 
_pdbx_validate_symm_contact.label_alt_id_2    ? 
_pdbx_validate_symm_contact.site_symmetry_2   5_645 
_pdbx_validate_symm_contact.dist              2.03 
# 
_pdbx_validate_torsion.id              1 
_pdbx_validate_torsion.PDB_model_num   1 
_pdbx_validate_torsion.auth_comp_id    ASP 
_pdbx_validate_torsion.auth_asym_id    X 
_pdbx_validate_torsion.auth_seq_id     82 
_pdbx_validate_torsion.PDB_ins_code    ? 
_pdbx_validate_torsion.label_alt_id    ? 
_pdbx_validate_torsion.phi             -166.69 
_pdbx_validate_torsion.psi             110.71 
# 
loop_
_pdbx_unobs_or_zero_occ_residues.id 
_pdbx_unobs_or_zero_occ_residues.PDB_model_num 
_pdbx_unobs_or_zero_occ_residues.polymer_flag 
_pdbx_unobs_or_zero_occ_residues.occupancy_flag 
_pdbx_unobs_or_zero_occ_residues.auth_asym_id 
_pdbx_unobs_or_zero_occ_residues.auth_comp_id 
_pdbx_unobs_or_zero_occ_residues.auth_seq_id 
_pdbx_unobs_or_zero_occ_residues.PDB_ins_code 
_pdbx_unobs_or_zero_occ_residues.label_asym_id 
_pdbx_unobs_or_zero_occ_residues.label_comp_id 
_pdbx_unobs_or_zero_occ_residues.label_seq_id 
1  1 Y 1 X GLN 1   ? A GLN 1   
2  1 Y 1 X ALA 122 ? A ALA 122 
3  1 Y 1 X GLY 123 ? A GLY 123 
4  1 Y 1 X ALA 124 ? A ALA 124 
5  1 Y 1 X GLU 125 ? A GLU 125 
6  1 Y 1 X ALA 126 ? A ALA 126 
7  1 Y 1 X ALA 127 ? A ALA 127 
8  1 Y 1 X PRO 128 ? A PRO 128 
9  1 Y 1 X ALA 129 ? A ALA 129 
10 1 Y 1 X GLU 130 ? A GLU 130 
11 1 Y 1 X GLY 131 ? A GLY 131 
12 1 Y 1 X ALA 132 ? A ALA 132 
13 1 Y 1 X ALA 133 ? A ALA 133 
14 1 Y 1 X ASN 134 ? A ASN 134 
# 
loop_
_chem_comp_atom.comp_id 
_chem_comp_atom.atom_id 
_chem_comp_atom.type_symbol 
_chem_comp_atom.pdbx_aromatic_flag 
_chem_comp_atom.pdbx_stereo_config 
_chem_comp_atom.pdbx_ordinal 
ALA N    N  N N 1   
ALA CA   C  N S 2   
ALA C    C  N N 3   
ALA O    O  N N 4   
ALA CB   C  N N 5   
ALA OXT  O  N N 6   
ALA H    H  N N 7   
ALA H2   H  N N 8   
ALA HA   H  N N 9   
ALA HB1  H  N N 10  
ALA HB2  H  N N 11  
ALA HB3  H  N N 12  
ALA HXT  H  N N 13  
ARG N    N  N N 14  
ARG CA   C  N S 15  
ARG C    C  N N 16  
ARG O    O  N N 17  
ARG CB   C  N N 18  
ARG CG   C  N N 19  
ARG CD   C  N N 20  
ARG NE   N  N N 21  
ARG CZ   C  N N 22  
ARG NH1  N  N N 23  
ARG NH2  N  N N 24  
ARG OXT  O  N N 25  
ARG H    H  N N 26  
ARG H2   H  N N 27  
ARG HA   H  N N 28  
ARG HB2  H  N N 29  
ARG HB3  H  N N 30  
ARG HG2  H  N N 31  
ARG HG3  H  N N 32  
ARG HD2  H  N N 33  
ARG HD3  H  N N 34  
ARG HE   H  N N 35  
ARG HH11 H  N N 36  
ARG HH12 H  N N 37  
ARG HH21 H  N N 38  
ARG HH22 H  N N 39  
ARG HXT  H  N N 40  
ASN N    N  N N 41  
ASN CA   C  N S 42  
ASN C    C  N N 43  
ASN O    O  N N 44  
ASN CB   C  N N 45  
ASN CG   C  N N 46  
ASN OD1  O  N N 47  
ASN ND2  N  N N 48  
ASN OXT  O  N N 49  
ASN H    H  N N 50  
ASN H2   H  N N 51  
ASN HA   H  N N 52  
ASN HB2  H  N N 53  
ASN HB3  H  N N 54  
ASN HD21 H  N N 55  
ASN HD22 H  N N 56  
ASN HXT  H  N N 57  
ASP N    N  N N 58  
ASP CA   C  N S 59  
ASP C    C  N N 60  
ASP O    O  N N 61  
ASP CB   C  N N 62  
ASP CG   C  N N 63  
ASP OD1  O  N N 64  
ASP OD2  O  N N 65  
ASP OXT  O  N N 66  
ASP H    H  N N 67  
ASP H2   H  N N 68  
ASP HA   H  N N 69  
ASP HB2  H  N N 70  
ASP HB3  H  N N 71  
ASP HD2  H  N N 72  
ASP HXT  H  N N 73  
CYS N    N  N N 74  
CYS CA   C  N R 75  
CYS C    C  N N 76  
CYS O    O  N N 77  
CYS CB   C  N N 78  
CYS SG   S  N N 79  
CYS OXT  O  N N 80  
CYS H    H  N N 81  
CYS H2   H  N N 82  
CYS HA   H  N N 83  
CYS HB2  H  N N 84  
CYS HB3  H  N N 85  
CYS HG   H  N N 86  
CYS HXT  H  N N 87  
GLN N    N  N N 88  
GLN CA   C  N S 89  
GLN C    C  N N 90  
GLN O    O  N N 91  
GLN CB   C  N N 92  
GLN CG   C  N N 93  
GLN CD   C  N N 94  
GLN OE1  O  N N 95  
GLN NE2  N  N N 96  
GLN OXT  O  N N 97  
GLN H    H  N N 98  
GLN H2   H  N N 99  
GLN HA   H  N N 100 
GLN HB2  H  N N 101 
GLN HB3  H  N N 102 
GLN HG2  H  N N 103 
GLN HG3  H  N N 104 
GLN HE21 H  N N 105 
GLN HE22 H  N N 106 
GLN HXT  H  N N 107 
GLU N    N  N N 108 
GLU CA   C  N S 109 
GLU C    C  N N 110 
GLU O    O  N N 111 
GLU CB   C  N N 112 
GLU CG   C  N N 113 
GLU CD   C  N N 114 
GLU OE1  O  N N 115 
GLU OE2  O  N N 116 
GLU OXT  O  N N 117 
GLU H    H  N N 118 
GLU H2   H  N N 119 
GLU HA   H  N N 120 
GLU HB2  H  N N 121 
GLU HB3  H  N N 122 
GLU HG2  H  N N 123 
GLU HG3  H  N N 124 
GLU HE2  H  N N 125 
GLU HXT  H  N N 126 
GLY N    N  N N 127 
GLY CA   C  N N 128 
GLY C    C  N N 129 
GLY O    O  N N 130 
GLY OXT  O  N N 131 
GLY H    H  N N 132 
GLY H2   H  N N 133 
GLY HA2  H  N N 134 
GLY HA3  H  N N 135 
GLY HXT  H  N N 136 
HEC FE   FE N N 137 
HEC CHA  C  N N 138 
HEC CHB  C  N N 139 
HEC CHC  C  N N 140 
HEC CHD  C  N N 141 
HEC NA   N  Y N 142 
HEC C1A  C  Y N 143 
HEC C2A  C  Y N 144 
HEC C3A  C  Y N 145 
HEC C4A  C  Y N 146 
HEC CMA  C  N N 147 
HEC CAA  C  N N 148 
HEC CBA  C  N N 149 
HEC CGA  C  N N 150 
HEC O1A  O  N N 151 
HEC O2A  O  N N 152 
HEC NB   N  Y N 153 
HEC C1B  C  Y N 154 
HEC C2B  C  Y N 155 
HEC C3B  C  Y N 156 
HEC C4B  C  Y N 157 
HEC CMB  C  N N 158 
HEC CAB  C  N N 159 
HEC CBB  C  N N 160 
HEC NC   N  Y N 161 
HEC C1C  C  Y N 162 
HEC C2C  C  Y N 163 
HEC C3C  C  Y N 164 
HEC C4C  C  Y N 165 
HEC CMC  C  N N 166 
HEC CAC  C  N N 167 
HEC CBC  C  N N 168 
HEC ND   N  Y N 169 
HEC C1D  C  Y N 170 
HEC C2D  C  Y N 171 
HEC C3D  C  Y N 172 
HEC C4D  C  Y N 173 
HEC CMD  C  N N 174 
HEC CAD  C  N N 175 
HEC CBD  C  N N 176 
HEC CGD  C  N N 177 
HEC O1D  O  N N 178 
HEC O2D  O  N N 179 
HEC HHA  H  N N 180 
HEC HHB  H  N N 181 
HEC HHC  H  N N 182 
HEC HHD  H  N N 183 
HEC HMA1 H  N N 184 
HEC HMA2 H  N N 185 
HEC HMA3 H  N N 186 
HEC HAA1 H  N N 187 
HEC HAA2 H  N N 188 
HEC HBA1 H  N N 189 
HEC HBA2 H  N N 190 
HEC H2A  H  N N 191 
HEC HMB1 H  N N 192 
HEC HMB2 H  N N 193 
HEC HMB3 H  N N 194 
HEC HAB  H  N N 195 
HEC HBB1 H  N N 196 
HEC HBB2 H  N N 197 
HEC HBB3 H  N N 198 
HEC HMC1 H  N N 199 
HEC HMC2 H  N N 200 
HEC HMC3 H  N N 201 
HEC HAC  H  N N 202 
HEC HBC1 H  N N 203 
HEC HBC2 H  N N 204 
HEC HBC3 H  N N 205 
HEC HMD1 H  N N 206 
HEC HMD2 H  N N 207 
HEC HMD3 H  N N 208 
HEC HAD1 H  N N 209 
HEC HAD2 H  N N 210 
HEC HBD1 H  N N 211 
HEC HBD2 H  N N 212 
HEC H2D  H  N N 213 
HIS N    N  N N 214 
HIS CA   C  N S 215 
HIS C    C  N N 216 
HIS O    O  N N 217 
HIS CB   C  N N 218 
HIS CG   C  Y N 219 
HIS ND1  N  Y N 220 
HIS CD2  C  Y N 221 
HIS CE1  C  Y N 222 
HIS NE2  N  Y N 223 
HIS OXT  O  N N 224 
HIS H    H  N N 225 
HIS H2   H  N N 226 
HIS HA   H  N N 227 
HIS HB2  H  N N 228 
HIS HB3  H  N N 229 
HIS HD1  H  N N 230 
HIS HD2  H  N N 231 
HIS HE1  H  N N 232 
HIS HE2  H  N N 233 
HIS HXT  H  N N 234 
HOH O    O  N N 235 
HOH H1   H  N N 236 
HOH H2   H  N N 237 
ILE N    N  N N 238 
ILE CA   C  N S 239 
ILE C    C  N N 240 
ILE O    O  N N 241 
ILE CB   C  N S 242 
ILE CG1  C  N N 243 
ILE CG2  C  N N 244 
ILE CD1  C  N N 245 
ILE OXT  O  N N 246 
ILE H    H  N N 247 
ILE H2   H  N N 248 
ILE HA   H  N N 249 
ILE HB   H  N N 250 
ILE HG12 H  N N 251 
ILE HG13 H  N N 252 
ILE HG21 H  N N 253 
ILE HG22 H  N N 254 
ILE HG23 H  N N 255 
ILE HD11 H  N N 256 
ILE HD12 H  N N 257 
ILE HD13 H  N N 258 
ILE HXT  H  N N 259 
LEU N    N  N N 260 
LEU CA   C  N S 261 
LEU C    C  N N 262 
LEU O    O  N N 263 
LEU CB   C  N N 264 
LEU CG   C  N N 265 
LEU CD1  C  N N 266 
LEU CD2  C  N N 267 
LEU OXT  O  N N 268 
LEU H    H  N N 269 
LEU H2   H  N N 270 
LEU HA   H  N N 271 
LEU HB2  H  N N 272 
LEU HB3  H  N N 273 
LEU HG   H  N N 274 
LEU HD11 H  N N 275 
LEU HD12 H  N N 276 
LEU HD13 H  N N 277 
LEU HD21 H  N N 278 
LEU HD22 H  N N 279 
LEU HD23 H  N N 280 
LEU HXT  H  N N 281 
LYS N    N  N N 282 
LYS CA   C  N S 283 
LYS C    C  N N 284 
LYS O    O  N N 285 
LYS CB   C  N N 286 
LYS CG   C  N N 287 
LYS CD   C  N N 288 
LYS CE   C  N N 289 
LYS NZ   N  N N 290 
LYS OXT  O  N N 291 
LYS H    H  N N 292 
LYS H2   H  N N 293 
LYS HA   H  N N 294 
LYS HB2  H  N N 295 
LYS HB3  H  N N 296 
LYS HG2  H  N N 297 
LYS HG3  H  N N 298 
LYS HD2  H  N N 299 
LYS HD3  H  N N 300 
LYS HE2  H  N N 301 
LYS HE3  H  N N 302 
LYS HZ1  H  N N 303 
LYS HZ2  H  N N 304 
LYS HZ3  H  N N 305 
LYS HXT  H  N N 306 
MET N    N  N N 307 
MET CA   C  N S 308 
MET C    C  N N 309 
MET O    O  N N 310 
MET CB   C  N N 311 
MET CG   C  N N 312 
MET SD   S  N N 313 
MET CE   C  N N 314 
MET OXT  O  N N 315 
MET H    H  N N 316 
MET H2   H  N N 317 
MET HA   H  N N 318 
MET HB2  H  N N 319 
MET HB3  H  N N 320 
MET HG2  H  N N 321 
MET HG3  H  N N 322 
MET HE1  H  N N 323 
MET HE2  H  N N 324 
MET HE3  H  N N 325 
MET HXT  H  N N 326 
PHE N    N  N N 327 
PHE CA   C  N S 328 
PHE C    C  N N 329 
PHE O    O  N N 330 
PHE CB   C  N N 331 
PHE CG   C  Y N 332 
PHE CD1  C  Y N 333 
PHE CD2  C  Y N 334 
PHE CE1  C  Y N 335 
PHE CE2  C  Y N 336 
PHE CZ   C  Y N 337 
PHE OXT  O  N N 338 
PHE H    H  N N 339 
PHE H2   H  N N 340 
PHE HA   H  N N 341 
PHE HB2  H  N N 342 
PHE HB3  H  N N 343 
PHE HD1  H  N N 344 
PHE HD2  H  N N 345 
PHE HE1  H  N N 346 
PHE HE2  H  N N 347 
PHE HZ   H  N N 348 
PHE HXT  H  N N 349 
PRO N    N  N N 350 
PRO CA   C  N S 351 
PRO C    C  N N 352 
PRO O    O  N N 353 
PRO CB   C  N N 354 
PRO CG   C  N N 355 
PRO CD   C  N N 356 
PRO OXT  O  N N 357 
PRO H    H  N N 358 
PRO HA   H  N N 359 
PRO HB2  H  N N 360 
PRO HB3  H  N N 361 
PRO HG2  H  N N 362 
PRO HG3  H  N N 363 
PRO HD2  H  N N 364 
PRO HD3  H  N N 365 
PRO HXT  H  N N 366 
SER N    N  N N 367 
SER CA   C  N S 368 
SER C    C  N N 369 
SER O    O  N N 370 
SER CB   C  N N 371 
SER OG   O  N N 372 
SER OXT  O  N N 373 
SER H    H  N N 374 
SER H2   H  N N 375 
SER HA   H  N N 376 
SER HB2  H  N N 377 
SER HB3  H  N N 378 
SER HG   H  N N 379 
SER HXT  H  N N 380 
THR N    N  N N 381 
THR CA   C  N S 382 
THR C    C  N N 383 
THR O    O  N N 384 
THR CB   C  N R 385 
THR OG1  O  N N 386 
THR CG2  C  N N 387 
THR OXT  O  N N 388 
THR H    H  N N 389 
THR H2   H  N N 390 
THR HA   H  N N 391 
THR HB   H  N N 392 
THR HG1  H  N N 393 
THR HG21 H  N N 394 
THR HG22 H  N N 395 
THR HG23 H  N N 396 
THR HXT  H  N N 397 
TRP N    N  N N 398 
TRP CA   C  N S 399 
TRP C    C  N N 400 
TRP O    O  N N 401 
TRP CB   C  N N 402 
TRP CG   C  Y N 403 
TRP CD1  C  Y N 404 
TRP CD2  C  Y N 405 
TRP NE1  N  Y N 406 
TRP CE2  C  Y N 407 
TRP CE3  C  Y N 408 
TRP CZ2  C  Y N 409 
TRP CZ3  C  Y N 410 
TRP CH2  C  Y N 411 
TRP OXT  O  N N 412 
TRP H    H  N N 413 
TRP H2   H  N N 414 
TRP HA   H  N N 415 
TRP HB2  H  N N 416 
TRP HB3  H  N N 417 
TRP HD1  H  N N 418 
TRP HE1  H  N N 419 
TRP HE3  H  N N 420 
TRP HZ2  H  N N 421 
TRP HZ3  H  N N 422 
TRP HH2  H  N N 423 
TRP HXT  H  N N 424 
TYR N    N  N N 425 
TYR CA   C  N S 426 
TYR C    C  N N 427 
TYR O    O  N N 428 
TYR CB   C  N N 429 
TYR CG   C  Y N 430 
TYR CD1  C  Y N 431 
TYR CD2  C  Y N 432 
TYR CE1  C  Y N 433 
TYR CE2  C  Y N 434 
TYR CZ   C  Y N 435 
TYR OH   O  N N 436 
TYR OXT  O  N N 437 
TYR H    H  N N 438 
TYR H2   H  N N 439 
TYR HA   H  N N 440 
TYR HB2  H  N N 441 
TYR HB3  H  N N 442 
TYR HD1  H  N N 443 
TYR HD2  H  N N 444 
TYR HE1  H  N N 445 
TYR HE2  H  N N 446 
TYR HH   H  N N 447 
TYR HXT  H  N N 448 
VAL N    N  N N 449 
VAL CA   C  N S 450 
VAL C    C  N N 451 
VAL O    O  N N 452 
VAL CB   C  N N 453 
VAL CG1  C  N N 454 
VAL CG2  C  N N 455 
VAL OXT  O  N N 456 
VAL H    H  N N 457 
VAL H2   H  N N 458 
VAL HA   H  N N 459 
VAL HB   H  N N 460 
VAL HG11 H  N N 461 
VAL HG12 H  N N 462 
VAL HG13 H  N N 463 
VAL HG21 H  N N 464 
VAL HG22 H  N N 465 
VAL HG23 H  N N 466 
VAL HXT  H  N N 467 
# 
loop_
_chem_comp_bond.comp_id 
_chem_comp_bond.atom_id_1 
_chem_comp_bond.atom_id_2 
_chem_comp_bond.value_order 
_chem_comp_bond.pdbx_aromatic_flag 
_chem_comp_bond.pdbx_stereo_config 
_chem_comp_bond.pdbx_ordinal 
ALA N   CA   sing N N 1   
ALA N   H    sing N N 2   
ALA N   H2   sing N N 3   
ALA CA  C    sing N N 4   
ALA CA  CB   sing N N 5   
ALA CA  HA   sing N N 6   
ALA C   O    doub N N 7   
ALA C   OXT  sing N N 8   
ALA CB  HB1  sing N N 9   
ALA CB  HB2  sing N N 10  
ALA CB  HB3  sing N N 11  
ALA OXT HXT  sing N N 12  
ARG N   CA   sing N N 13  
ARG N   H    sing N N 14  
ARG N   H2   sing N N 15  
ARG CA  C    sing N N 16  
ARG CA  CB   sing N N 17  
ARG CA  HA   sing N N 18  
ARG C   O    doub N N 19  
ARG C   OXT  sing N N 20  
ARG CB  CG   sing N N 21  
ARG CB  HB2  sing N N 22  
ARG CB  HB3  sing N N 23  
ARG CG  CD   sing N N 24  
ARG CG  HG2  sing N N 25  
ARG CG  HG3  sing N N 26  
ARG CD  NE   sing N N 27  
ARG CD  HD2  sing N N 28  
ARG CD  HD3  sing N N 29  
ARG NE  CZ   sing N N 30  
ARG NE  HE   sing N N 31  
ARG CZ  NH1  sing N N 32  
ARG CZ  NH2  doub N N 33  
ARG NH1 HH11 sing N N 34  
ARG NH1 HH12 sing N N 35  
ARG NH2 HH21 sing N N 36  
ARG NH2 HH22 sing N N 37  
ARG OXT HXT  sing N N 38  
ASN N   CA   sing N N 39  
ASN N   H    sing N N 40  
ASN N   H2   sing N N 41  
ASN CA  C    sing N N 42  
ASN CA  CB   sing N N 43  
ASN CA  HA   sing N N 44  
ASN C   O    doub N N 45  
ASN C   OXT  sing N N 46  
ASN CB  CG   sing N N 47  
ASN CB  HB2  sing N N 48  
ASN CB  HB3  sing N N 49  
ASN CG  OD1  doub N N 50  
ASN CG  ND2  sing N N 51  
ASN ND2 HD21 sing N N 52  
ASN ND2 HD22 sing N N 53  
ASN OXT HXT  sing N N 54  
ASP N   CA   sing N N 55  
ASP N   H    sing N N 56  
ASP N   H2   sing N N 57  
ASP CA  C    sing N N 58  
ASP CA  CB   sing N N 59  
ASP CA  HA   sing N N 60  
ASP C   O    doub N N 61  
ASP C   OXT  sing N N 62  
ASP CB  CG   sing N N 63  
ASP CB  HB2  sing N N 64  
ASP CB  HB3  sing N N 65  
ASP CG  OD1  doub N N 66  
ASP CG  OD2  sing N N 67  
ASP OD2 HD2  sing N N 68  
ASP OXT HXT  sing N N 69  
CYS N   CA   sing N N 70  
CYS N   H    sing N N 71  
CYS N   H2   sing N N 72  
CYS CA  C    sing N N 73  
CYS CA  CB   sing N N 74  
CYS CA  HA   sing N N 75  
CYS C   O    doub N N 76  
CYS C   OXT  sing N N 77  
CYS CB  SG   sing N N 78  
CYS CB  HB2  sing N N 79  
CYS CB  HB3  sing N N 80  
CYS SG  HG   sing N N 81  
CYS OXT HXT  sing N N 82  
GLN N   CA   sing N N 83  
GLN N   H    sing N N 84  
GLN N   H2   sing N N 85  
GLN CA  C    sing N N 86  
GLN CA  CB   sing N N 87  
GLN CA  HA   sing N N 88  
GLN C   O    doub N N 89  
GLN C   OXT  sing N N 90  
GLN CB  CG   sing N N 91  
GLN CB  HB2  sing N N 92  
GLN CB  HB3  sing N N 93  
GLN CG  CD   sing N N 94  
GLN CG  HG2  sing N N 95  
GLN CG  HG3  sing N N 96  
GLN CD  OE1  doub N N 97  
GLN CD  NE2  sing N N 98  
GLN NE2 HE21 sing N N 99  
GLN NE2 HE22 sing N N 100 
GLN OXT HXT  sing N N 101 
GLU N   CA   sing N N 102 
GLU N   H    sing N N 103 
GLU N   H2   sing N N 104 
GLU CA  C    sing N N 105 
GLU CA  CB   sing N N 106 
GLU CA  HA   sing N N 107 
GLU C   O    doub N N 108 
GLU C   OXT  sing N N 109 
GLU CB  CG   sing N N 110 
GLU CB  HB2  sing N N 111 
GLU CB  HB3  sing N N 112 
GLU CG  CD   sing N N 113 
GLU CG  HG2  sing N N 114 
GLU CG  HG3  sing N N 115 
GLU CD  OE1  doub N N 116 
GLU CD  OE2  sing N N 117 
GLU OE2 HE2  sing N N 118 
GLU OXT HXT  sing N N 119 
GLY N   CA   sing N N 120 
GLY N   H    sing N N 121 
GLY N   H2   sing N N 122 
GLY CA  C    sing N N 123 
GLY CA  HA2  sing N N 124 
GLY CA  HA3  sing N N 125 
GLY C   O    doub N N 126 
GLY C   OXT  sing N N 127 
GLY OXT HXT  sing N N 128 
HEC FE  NA   sing N N 129 
HEC FE  NB   sing N N 130 
HEC FE  NC   sing N N 131 
HEC FE  ND   sing N N 132 
HEC CHA C1A  doub N N 133 
HEC CHA C4D  sing N N 134 
HEC CHA HHA  sing N N 135 
HEC CHB C4A  doub N N 136 
HEC CHB C1B  sing N N 137 
HEC CHB HHB  sing N N 138 
HEC CHC C4B  doub N N 139 
HEC CHC C1C  sing N N 140 
HEC CHC HHC  sing N N 141 
HEC CHD C4C  doub N N 142 
HEC CHD C1D  sing N N 143 
HEC CHD HHD  sing N N 144 
HEC NA  C1A  sing Y N 145 
HEC NA  C4A  sing Y N 146 
HEC C1A C2A  sing Y N 147 
HEC C2A C3A  doub Y N 148 
HEC C2A CAA  sing N N 149 
HEC C3A C4A  sing Y N 150 
HEC C3A CMA  sing N N 151 
HEC CMA HMA1 sing N N 152 
HEC CMA HMA2 sing N N 153 
HEC CMA HMA3 sing N N 154 
HEC CAA CBA  sing N N 155 
HEC CAA HAA1 sing N N 156 
HEC CAA HAA2 sing N N 157 
HEC CBA CGA  sing N N 158 
HEC CBA HBA1 sing N N 159 
HEC CBA HBA2 sing N N 160 
HEC CGA O1A  doub N N 161 
HEC CGA O2A  sing N N 162 
HEC O2A H2A  sing N N 163 
HEC NB  C1B  sing Y N 164 
HEC NB  C4B  sing Y N 165 
HEC C1B C2B  doub Y N 166 
HEC C2B C3B  sing Y N 167 
HEC C2B CMB  sing N N 168 
HEC C3B C4B  sing Y N 169 
HEC C3B CAB  doub N E 170 
HEC CMB HMB1 sing N N 171 
HEC CMB HMB2 sing N N 172 
HEC CMB HMB3 sing N N 173 
HEC CAB CBB  sing N N 174 
HEC CAB HAB  sing N N 175 
HEC CBB HBB1 sing N N 176 
HEC CBB HBB2 sing N N 177 
HEC CBB HBB3 sing N N 178 
HEC NC  C1C  sing Y N 179 
HEC NC  C4C  sing Y N 180 
HEC C1C C2C  doub Y N 181 
HEC C2C C3C  sing Y N 182 
HEC C2C CMC  sing N N 183 
HEC C3C C4C  sing Y N 184 
HEC C3C CAC  doub N E 185 
HEC CMC HMC1 sing N N 186 
HEC CMC HMC2 sing N N 187 
HEC CMC HMC3 sing N N 188 
HEC CAC CBC  sing N N 189 
HEC CAC HAC  sing N N 190 
HEC CBC HBC1 sing N N 191 
HEC CBC HBC2 sing N N 192 
HEC CBC HBC3 sing N N 193 
HEC ND  C1D  sing Y N 194 
HEC ND  C4D  sing Y N 195 
HEC C1D C2D  doub Y N 196 
HEC C2D C3D  sing Y N 197 
HEC C2D CMD  sing N N 198 
HEC C3D C4D  doub Y N 199 
HEC C3D CAD  sing N N 200 
HEC CMD HMD1 sing N N 201 
HEC CMD HMD2 sing N N 202 
HEC CMD HMD3 sing N N 203 
HEC CAD CBD  sing N N 204 
HEC CAD HAD1 sing N N 205 
HEC CAD HAD2 sing N N 206 
HEC CBD CGD  sing N N 207 
HEC CBD HBD1 sing N N 208 
HEC CBD HBD2 sing N N 209 
HEC CGD O1D  doub N N 210 
HEC CGD O2D  sing N N 211 
HEC O2D H2D  sing N N 212 
HIS N   CA   sing N N 213 
HIS N   H    sing N N 214 
HIS N   H2   sing N N 215 
HIS CA  C    sing N N 216 
HIS CA  CB   sing N N 217 
HIS CA  HA   sing N N 218 
HIS C   O    doub N N 219 
HIS C   OXT  sing N N 220 
HIS CB  CG   sing N N 221 
HIS CB  HB2  sing N N 222 
HIS CB  HB3  sing N N 223 
HIS CG  ND1  sing Y N 224 
HIS CG  CD2  doub Y N 225 
HIS ND1 CE1  doub Y N 226 
HIS ND1 HD1  sing N N 227 
HIS CD2 NE2  sing Y N 228 
HIS CD2 HD2  sing N N 229 
HIS CE1 NE2  sing Y N 230 
HIS CE1 HE1  sing N N 231 
HIS NE2 HE2  sing N N 232 
HIS OXT HXT  sing N N 233 
HOH O   H1   sing N N 234 
HOH O   H2   sing N N 235 
ILE N   CA   sing N N 236 
ILE N   H    sing N N 237 
ILE N   H2   sing N N 238 
ILE CA  C    sing N N 239 
ILE CA  CB   sing N N 240 
ILE CA  HA   sing N N 241 
ILE C   O    doub N N 242 
ILE C   OXT  sing N N 243 
ILE CB  CG1  sing N N 244 
ILE CB  CG2  sing N N 245 
ILE CB  HB   sing N N 246 
ILE CG1 CD1  sing N N 247 
ILE CG1 HG12 sing N N 248 
ILE CG1 HG13 sing N N 249 
ILE CG2 HG21 sing N N 250 
ILE CG2 HG22 sing N N 251 
ILE CG2 HG23 sing N N 252 
ILE CD1 HD11 sing N N 253 
ILE CD1 HD12 sing N N 254 
ILE CD1 HD13 sing N N 255 
ILE OXT HXT  sing N N 256 
LEU N   CA   sing N N 257 
LEU N   H    sing N N 258 
LEU N   H2   sing N N 259 
LEU CA  C    sing N N 260 
LEU CA  CB   sing N N 261 
LEU CA  HA   sing N N 262 
LEU C   O    doub N N 263 
LEU C   OXT  sing N N 264 
LEU CB  CG   sing N N 265 
LEU CB  HB2  sing N N 266 
LEU CB  HB3  sing N N 267 
LEU CG  CD1  sing N N 268 
LEU CG  CD2  sing N N 269 
LEU CG  HG   sing N N 270 
LEU CD1 HD11 sing N N 271 
LEU CD1 HD12 sing N N 272 
LEU CD1 HD13 sing N N 273 
LEU CD2 HD21 sing N N 274 
LEU CD2 HD22 sing N N 275 
LEU CD2 HD23 sing N N 276 
LEU OXT HXT  sing N N 277 
LYS N   CA   sing N N 278 
LYS N   H    sing N N 279 
LYS N   H2   sing N N 280 
LYS CA  C    sing N N 281 
LYS CA  CB   sing N N 282 
LYS CA  HA   sing N N 283 
LYS C   O    doub N N 284 
LYS C   OXT  sing N N 285 
LYS CB  CG   sing N N 286 
LYS CB  HB2  sing N N 287 
LYS CB  HB3  sing N N 288 
LYS CG  CD   sing N N 289 
LYS CG  HG2  sing N N 290 
LYS CG  HG3  sing N N 291 
LYS CD  CE   sing N N 292 
LYS CD  HD2  sing N N 293 
LYS CD  HD3  sing N N 294 
LYS CE  NZ   sing N N 295 
LYS CE  HE2  sing N N 296 
LYS CE  HE3  sing N N 297 
LYS NZ  HZ1  sing N N 298 
LYS NZ  HZ2  sing N N 299 
LYS NZ  HZ3  sing N N 300 
LYS OXT HXT  sing N N 301 
MET N   CA   sing N N 302 
MET N   H    sing N N 303 
MET N   H2   sing N N 304 
MET CA  C    sing N N 305 
MET CA  CB   sing N N 306 
MET CA  HA   sing N N 307 
MET C   O    doub N N 308 
MET C   OXT  sing N N 309 
MET CB  CG   sing N N 310 
MET CB  HB2  sing N N 311 
MET CB  HB3  sing N N 312 
MET CG  SD   sing N N 313 
MET CG  HG2  sing N N 314 
MET CG  HG3  sing N N 315 
MET SD  CE   sing N N 316 
MET CE  HE1  sing N N 317 
MET CE  HE2  sing N N 318 
MET CE  HE3  sing N N 319 
MET OXT HXT  sing N N 320 
PHE N   CA   sing N N 321 
PHE N   H    sing N N 322 
PHE N   H2   sing N N 323 
PHE CA  C    sing N N 324 
PHE CA  CB   sing N N 325 
PHE CA  HA   sing N N 326 
PHE C   O    doub N N 327 
PHE C   OXT  sing N N 328 
PHE CB  CG   sing N N 329 
PHE CB  HB2  sing N N 330 
PHE CB  HB3  sing N N 331 
PHE CG  CD1  doub Y N 332 
PHE CG  CD2  sing Y N 333 
PHE CD1 CE1  sing Y N 334 
PHE CD1 HD1  sing N N 335 
PHE CD2 CE2  doub Y N 336 
PHE CD2 HD2  sing N N 337 
PHE CE1 CZ   doub Y N 338 
PHE CE1 HE1  sing N N 339 
PHE CE2 CZ   sing Y N 340 
PHE CE2 HE2  sing N N 341 
PHE CZ  HZ   sing N N 342 
PHE OXT HXT  sing N N 343 
PRO N   CA   sing N N 344 
PRO N   CD   sing N N 345 
PRO N   H    sing N N 346 
PRO CA  C    sing N N 347 
PRO CA  CB   sing N N 348 
PRO CA  HA   sing N N 349 
PRO C   O    doub N N 350 
PRO C   OXT  sing N N 351 
PRO CB  CG   sing N N 352 
PRO CB  HB2  sing N N 353 
PRO CB  HB3  sing N N 354 
PRO CG  CD   sing N N 355 
PRO CG  HG2  sing N N 356 
PRO CG  HG3  sing N N 357 
PRO CD  HD2  sing N N 358 
PRO CD  HD3  sing N N 359 
PRO OXT HXT  sing N N 360 
SER N   CA   sing N N 361 
SER N   H    sing N N 362 
SER N   H2   sing N N 363 
SER CA  C    sing N N 364 
SER CA  CB   sing N N 365 
SER CA  HA   sing N N 366 
SER C   O    doub N N 367 
SER C   OXT  sing N N 368 
SER CB  OG   sing N N 369 
SER CB  HB2  sing N N 370 
SER CB  HB3  sing N N 371 
SER OG  HG   sing N N 372 
SER OXT HXT  sing N N 373 
THR N   CA   sing N N 374 
THR N   H    sing N N 375 
THR N   H2   sing N N 376 
THR CA  C    sing N N 377 
THR CA  CB   sing N N 378 
THR CA  HA   sing N N 379 
THR C   O    doub N N 380 
THR C   OXT  sing N N 381 
THR CB  OG1  sing N N 382 
THR CB  CG2  sing N N 383 
THR CB  HB   sing N N 384 
THR OG1 HG1  sing N N 385 
THR CG2 HG21 sing N N 386 
THR CG2 HG22 sing N N 387 
THR CG2 HG23 sing N N 388 
THR OXT HXT  sing N N 389 
TRP N   CA   sing N N 390 
TRP N   H    sing N N 391 
TRP N   H2   sing N N 392 
TRP CA  C    sing N N 393 
TRP CA  CB   sing N N 394 
TRP CA  HA   sing N N 395 
TRP C   O    doub N N 396 
TRP C   OXT  sing N N 397 
TRP CB  CG   sing N N 398 
TRP CB  HB2  sing N N 399 
TRP CB  HB3  sing N N 400 
TRP CG  CD1  doub Y N 401 
TRP CG  CD2  sing Y N 402 
TRP CD1 NE1  sing Y N 403 
TRP CD1 HD1  sing N N 404 
TRP CD2 CE2  doub Y N 405 
TRP CD2 CE3  sing Y N 406 
TRP NE1 CE2  sing Y N 407 
TRP NE1 HE1  sing N N 408 
TRP CE2 CZ2  sing Y N 409 
TRP CE3 CZ3  doub Y N 410 
TRP CE3 HE3  sing N N 411 
TRP CZ2 CH2  doub Y N 412 
TRP CZ2 HZ2  sing N N 413 
TRP CZ3 CH2  sing Y N 414 
TRP CZ3 HZ3  sing N N 415 
TRP CH2 HH2  sing N N 416 
TRP OXT HXT  sing N N 417 
TYR N   CA   sing N N 418 
TYR N   H    sing N N 419 
TYR N   H2   sing N N 420 
TYR CA  C    sing N N 421 
TYR CA  CB   sing N N 422 
TYR CA  HA   sing N N 423 
TYR C   O    doub N N 424 
TYR C   OXT  sing N N 425 
TYR CB  CG   sing N N 426 
TYR CB  HB2  sing N N 427 
TYR CB  HB3  sing N N 428 
TYR CG  CD1  doub Y N 429 
TYR CG  CD2  sing Y N 430 
TYR CD1 CE1  sing Y N 431 
TYR CD1 HD1  sing N N 432 
TYR CD2 CE2  doub Y N 433 
TYR CD2 HD2  sing N N 434 
TYR CE1 CZ   doub Y N 435 
TYR CE1 HE1  sing N N 436 
TYR CE2 CZ   sing Y N 437 
TYR CE2 HE2  sing N N 438 
TYR CZ  OH   sing N N 439 
TYR OH  HH   sing N N 440 
TYR OXT HXT  sing N N 441 
VAL N   CA   sing N N 442 
VAL N   H    sing N N 443 
VAL N   H2   sing N N 444 
VAL CA  C    sing N N 445 
VAL CA  CB   sing N N 446 
VAL CA  HA   sing N N 447 
VAL C   O    doub N N 448 
VAL C   OXT  sing N N 449 
VAL CB  CG1  sing N N 450 
VAL CB  CG2  sing N N 451 
VAL CB  HB   sing N N 452 
VAL CG1 HG11 sing N N 453 
VAL CG1 HG12 sing N N 454 
VAL CG1 HG13 sing N N 455 
VAL CG2 HG21 sing N N 456 
VAL CG2 HG22 sing N N 457 
VAL CG2 HG23 sing N N 458 
VAL OXT HXT  sing N N 459 
# 
_pdbx_initial_refinement_model.accession_code   ? 
_pdbx_initial_refinement_model.id               1 
_pdbx_initial_refinement_model.entity_id_list   ? 
_pdbx_initial_refinement_model.type             other 
_pdbx_initial_refinement_model.source_name      ? 
_pdbx_initial_refinement_model.details          'STRUCTURE OF M100K CYTOCHROME C-550' 
# 
_atom_sites.entry_id                    2BGV 
_atom_sites.fract_transf_matrix[1][1]   0.00905655 
_atom_sites.fract_transf_matrix[1][2]   0.00378765 
_atom_sites.fract_transf_matrix[1][3]   0.01450302 
_atom_sites.fract_transf_matrix[2][1]   0.00531000 
_atom_sites.fract_transf_matrix[2][2]   0.01503513 
_atom_sites.fract_transf_matrix[2][3]   -0.00724250 
_atom_sites.fract_transf_matrix[3][1]   -0.01201481 
_atom_sites.fract_transf_matrix[3][2]   0.00697940 
_atom_sites.fract_transf_matrix[3][3]   0.00568000 
_atom_sites.fract_transf_vector[1]      0.804158 
_atom_sites.fract_transf_vector[2]      0.108591 
_atom_sites.fract_transf_vector[3]      0.007420 
# 
loop_
_atom_type.symbol 
C  
FE 
N  
O  
S  
# 
loop_
_atom_site.group_PDB 
_atom_site.id 
_atom_site.type_symbol 
_atom_site.label_atom_id 
_atom_site.label_alt_id 
_atom_site.label_comp_id 
_atom_site.label_asym_id 
_atom_site.label_entity_id 
_atom_site.label_seq_id 
_atom_site.pdbx_PDB_ins_code 
_atom_site.Cartn_x 
_atom_site.Cartn_y 
_atom_site.Cartn_z 
_atom_site.occupancy 
_atom_site.B_iso_or_equiv 
_atom_site.pdbx_formal_charge 
_atom_site.auth_seq_id 
_atom_site.auth_comp_id 
_atom_site.auth_asym_id 
_atom_site.auth_atom_id 
_atom_site.pdbx_PDB_model_num 
ATOM   1    N  N   . GLU A 1 2   ? -7.037  -12.913 8.087   1.00 48.19 ? 2    GLU X N   1 
ATOM   2    C  CA  . GLU A 1 2   ? -8.382  -12.487 8.580   1.00 46.20 ? 2    GLU X CA  1 
ATOM   3    C  C   . GLU A 1 2   ? -9.324  -12.128 7.440   1.00 41.90 ? 2    GLU X C   1 
ATOM   4    O  O   . GLU A 1 2   ? -10.498 -12.470 7.483   1.00 46.73 ? 2    GLU X O   1 
ATOM   5    C  CB  . GLU A 1 2   ? -8.272  -11.304 9.522   1.00 48.81 ? 2    GLU X CB  1 
ATOM   6    C  CG  . GLU A 1 2   ? -9.438  -11.217 10.485  1.00 51.05 ? 2    GLU X CG  1 
ATOM   7    C  CD  . GLU A 1 2   ? -9.672  -9.809  10.998  1.00 53.49 ? 2    GLU X CD  1 
ATOM   8    O  OE1 . GLU A 1 2   ? -10.096 -8.946  10.191  1.00 57.13 ? 2    GLU X OE1 1 
ATOM   9    O  OE2 . GLU A 1 2   ? -9.439  -9.563  12.207  1.00 56.08 ? 2    GLU X OE2 1 
ATOM   10   N  N   . GLY A 1 3   ? -8.829  -11.408 6.443   1.00 34.63 ? 3    GLY X N   1 
ATOM   11   C  CA  . GLY A 1 3   ? -9.632  -11.123 5.240   1.00 29.10 ? 3    GLY X CA  1 
ATOM   12   C  C   . GLY A 1 3   ? -9.751  -12.304 4.288   1.00 25.16 ? 3    GLY X C   1 
ATOM   13   O  O   . GLY A 1 3   ? -9.137  -13.343 4.481   1.00 23.68 ? 3    GLY X O   1 
ATOM   14   N  N   . ASP A 1 4   ? -10.492 -12.107 3.208   1.00 20.56 ? 4    ASP X N   1 
ATOM   15   C  CA  . ASP A 1 4   ? -10.697 -13.135 2.183   1.00 20.71 ? 4    ASP X CA  1 
ATOM   16   C  C   . ASP A 1 4   ? -9.981  -12.698 0.899   1.00 21.27 ? 4    ASP X C   1 
ATOM   17   O  O   . ASP A 1 4   ? -10.422 -11.773 0.232   1.00 19.12 ? 4    ASP X O   1 
ATOM   18   C  CB  . ASP A 1 4   ? -12.213 -13.264 1.934   1.00 19.01 ? 4    ASP X CB  1 
ATOM   19   C  CG  . ASP A 1 4   ? -12.549 -13.948 0.623   1.00 23.70 ? 4    ASP X CG  1 
ATOM   20   O  OD1 . ASP A 1 4   ? -11.777 -14.832 0.169   1.00 21.87 ? 4    ASP X OD1 1 
ATOM   21   O  OD2 . ASP A 1 4   ? -13.630 -13.627 0.060   1.00 21.25 ? 4    ASP X OD2 1 
ATOM   22   N  N   . ALA A 1 5   ? -8.905  -13.390 0.549   1.00 19.06 ? 5    ALA X N   1 
ATOM   23   C  CA  . ALA A 1 5   ? -8.110  -13.063 -0.641  1.00 17.82 ? 5    ALA X CA  1 
ATOM   24   C  C   . ALA A 1 5   ? -8.866  -13.138 -1.963  1.00 19.06 ? 5    ALA X C   1 
ATOM   25   O  O   . ALA A 1 5   ? -8.523  -12.437 -2.907  1.00 20.09 ? 5    ALA X O   1 
ATOM   26   C  CB  . ALA A 1 5   ? -6.878  -13.966 -0.703  1.00 19.37 ? 5    ALA X CB  1 
ATOM   27   N  N   . ALA A 1 6   ? -9.886  -13.988 -2.041  1.00 16.42 ? 6    ALA X N   1 
ATOM   28   C  CA  . ALA A 1 6   ? -10.630 -14.178 -3.280  1.00 18.23 ? 6    ALA X CA  1 
ATOM   29   C  C   . ALA A 1 6   ? -11.485 -12.944 -3.648  1.00 18.33 ? 6    ALA X C   1 
ATOM   30   O  O   . ALA A 1 6   ? -11.483 -12.490 -4.788  1.00 17.53 ? 6    ALA X O   1 
ATOM   31   C  CB  . ALA A 1 6   ? -11.499 -15.441 -3.176  1.00 20.22 ? 6    ALA X CB  1 
ATOM   32   N  N   . LYS A 1 7   ? -12.181 -12.388 -2.674  1.00 16.44 ? 7    LYS X N   1 
ATOM   33   C  CA  . LYS A 1 7   ? -12.866 -11.120 -2.869  1.00 17.42 ? 7    LYS X CA  1 
ATOM   34   C  C   . LYS A 1 7   ? -11.846 -9.988  -3.056  1.00 15.42 ? 7    LYS X C   1 
ATOM   35   O  O   . LYS A 1 7   ? -12.031 -9.103  -3.895  1.00 17.14 ? 7    LYS X O   1 
ATOM   36   C  CB  . LYS A 1 7   ? -13.789 -10.842 -1.688  1.00 20.38 ? 7    LYS X CB  1 
ATOM   37   C  CG  . LYS A 1 7   ? -14.444 -9.449  -1.672  1.00 20.20 ? 7    LYS X CG  1 
ATOM   38   C  CD  . LYS A 1 7   ? -15.428 -9.319  -2.790  1.00 21.69 ? 7    LYS X CD  1 
ATOM   39   C  CE  . LYS A 1 7   ? -16.376 -8.134  -2.605  1.00 24.20 ? 7    LYS X CE  1 
ATOM   40   N  NZ  . LYS A 1 7   ? -17.234 -7.919  -3.826  1.00 21.42 ? 7    LYS X NZ  1 
ATOM   41   N  N   . GLY A 1 8   ? -10.750 -10.051 -2.309  1.00 16.29 ? 8    GLY X N   1 
ATOM   42   C  CA  . GLY A 1 8   ? -9.670  -9.079  -2.444  1.00 15.33 ? 8    GLY X CA  1 
ATOM   43   C  C   . GLY A 1 8   ? -9.141  -8.952  -3.870  1.00 14.80 ? 8    GLY X C   1 
ATOM   44   O  O   . GLY A 1 8   ? -8.962  -7.857  -4.364  1.00 16.06 ? 8    GLY X O   1 
ATOM   45   N  N   . GLU A 1 9   ? -8.935  -10.078 -4.531  1.00 17.40 ? 9    GLU X N   1 
ATOM   46   C  CA  . GLU A 1 9   ? -8.449  -10.093 -5.905  1.00 19.25 ? 9    GLU X CA  1 
ATOM   47   C  C   . GLU A 1 9   ? -9.369  -9.339  -6.858  1.00 19.39 ? 9    GLU X C   1 
ATOM   48   O  O   . GLU A 1 9   ? -8.904  -8.587  -7.713  1.00 19.46 ? 9    GLU X O   1 
ATOM   49   C  CB  . GLU A 1 9   ? -8.249  -11.536 -6.384  1.00 22.13 ? 9    GLU X CB  1 
ATOM   50   C  CG  . GLU A 1 9   ? -7.580  -11.623 -7.746  1.00 26.14 ? 9    GLU X CG  1 
ATOM   51   C  CD  . GLU A 1 9   ? -7.195  -13.040 -8.138  1.00 32.02 ? 9    GLU X CD  1 
ATOM   52   O  OE1 . GLU A 1 9   ? -7.351  -13.960 -7.313  1.00 35.04 ? 9    GLU X OE1 1 
ATOM   53   O  OE2 . GLU A 1 9   ? -6.732  -13.229 -9.284  1.00 40.61 ? 9    GLU X OE2 1 
ATOM   54   N  N   . LYS A 1 10  ? -10.676 -9.532  -6.712  1.00 19.24 ? 10   LYS X N   1 
ATOM   55   C  CA  . LYS A 1 10  ? -11.647 -8.831  -7.528  1.00 20.64 ? 10   LYS X CA  1 
ATOM   56   C  C   . LYS A 1 10  ? -11.679 -7.332  -7.207  1.00 21.74 ? 10   LYS X C   1 
ATOM   57   O  O   . LYS A 1 10  ? -11.758 -6.505  -8.097  1.00 20.11 ? 10   LYS X O   1 
ATOM   58   C  CB  . LYS A 1 10  ? -13.032 -9.437  -7.314  1.00 25.92 ? 10   LYS X CB  1 
ATOM   59   C  CG  . LYS A 1 10  ? -14.054 -9.009  -8.336  1.00 29.18 ? 10   LYS X CG  1 
ATOM   60   C  CD  . LYS A 1 10  ? -15.376 -9.703  -8.100  1.00 30.60 ? 10   LYS X CD  1 
ATOM   61   C  CE  . LYS A 1 10  ? -16.514 -9.004  -8.839  1.00 34.51 ? 10   LYS X CE  1 
ATOM   62   N  NZ  . LYS A 1 10  ? -17.713 -9.894  -8.866  1.00 36.90 ? 10   LYS X NZ  1 
ATOM   63   N  N   . GLU A 1 11  ? -11.644 -6.989  -5.927  1.00 17.61 ? 11   GLU X N   1 
ATOM   64   C  CA  . GLU A 1 11  ? -11.685 -5.593  -5.508  1.00 18.99 ? 11   GLU X CA  1 
ATOM   65   C  C   . GLU A 1 11  ? -10.443 -4.816  -5.965  1.00 16.12 ? 11   GLU X C   1 
ATOM   66   O  O   . GLU A 1 11  ? -10.475 -3.599  -6.106  1.00 17.77 ? 11   GLU X O   1 
ATOM   67   C  CB  . GLU A 1 11  ? -11.797 -5.523  -3.985  1.00 21.44 ? 11   GLU X CB  1 
ATOM   68   C  CG  . GLU A 1 11  ? -13.193 -5.686  -3.466  1.00 27.39 ? 11   GLU X CG  1 
ATOM   69   C  CD  . GLU A 1 11  ? -14.101 -4.524  -3.870  1.00 28.29 ? 11   GLU X CD  1 
ATOM   70   O  OE1 . GLU A 1 11  ? -14.109 -3.462  -3.201  1.00 32.01 ? 11   GLU X OE1 1 
ATOM   71   O  OE2 . GLU A 1 11  ? -14.787 -4.684  -4.881  1.00 33.64 ? 11   GLU X OE2 1 
ATOM   72   N  N   . PHE A 1 12  ? -9.339  -5.529  -6.155  1.00 16.29 ? 12   PHE X N   1 
ATOM   73   C  CA  . PHE A 1 12  ? -8.072  -4.905  -6.541  1.00 17.35 ? 12   PHE X CA  1 
ATOM   74   C  C   . PHE A 1 12  ? -8.151  -4.250  -7.919  1.00 16.42 ? 12   PHE X C   1 
ATOM   75   O  O   . PHE A 1 12  ? -7.330  -3.386  -8.280  1.00 17.50 ? 12   PHE X O   1 
ATOM   76   C  CB  . PHE A 1 12  ? -6.935  -5.928  -6.515  1.00 18.82 ? 12   PHE X CB  1 
ATOM   77   C  CG  . PHE A 1 12  ? -5.572  -5.305  -6.684  1.00 18.58 ? 12   PHE X CG  1 
ATOM   78   C  CD1 . PHE A 1 12  ? -4.947  -4.702  -5.616  1.00 18.34 ? 12   PHE X CD1 1 
ATOM   79   C  CD2 . PHE A 1 12  ? -4.971  -5.234  -7.938  1.00 19.36 ? 12   PHE X CD2 1 
ATOM   80   C  CE1 . PHE A 1 12  ? -3.675  -4.091  -5.768  1.00 19.21 ? 12   PHE X CE1 1 
ATOM   81   C  CE2 . PHE A 1 12  ? -3.708  -4.604  -8.112  1.00 18.66 ? 12   PHE X CE2 1 
ATOM   82   C  CZ  . PHE A 1 12  ? -3.068  -4.039  -7.012  1.00 18.25 ? 12   PHE X CZ  1 
ATOM   83   N  N   . ASN A 1 13  ? -9.177  -4.615  -8.673  1.00 19.16 ? 13   ASN X N   1 
ATOM   84   C  CA  . ASN A 1 13  ? -9.499  -3.929  -9.927  1.00 19.49 ? 13   ASN X CA  1 
ATOM   85   C  C   . ASN A 1 13  ? -9.568  -2.424  -9.748  1.00 19.82 ? 13   ASN X C   1 
ATOM   86   O  O   . ASN A 1 13  ? -9.246  -1.678  -10.657 1.00 19.49 ? 13   ASN X O   1 
ATOM   87   C  CB  . ASN A 1 13  ? -10.834 -4.413  -10.465 1.00 24.03 ? 13   ASN X CB  1 
ATOM   88   C  CG  . ASN A 1 13  ? -10.743 -5.751  -11.142 1.00 26.51 ? 13   ASN X CG  1 
ATOM   89   O  OD1 . ASN A 1 13  ? -9.659  -6.264  -11.396 1.00 27.20 ? 13   ASN X OD1 1 
ATOM   90   N  ND2 . ASN A 1 13  ? -11.895 -6.274  -11.546 1.00 31.61 ? 13   ASN X ND2 1 
ATOM   91   N  N   . LYS A 1 14  ? -9.984  -1.976  -8.574  1.00 16.10 ? 14   LYS X N   1 
ATOM   92   C  CA  . LYS A 1 14  ? -10.048 -0.554  -8.279  1.00 19.82 ? 14   LYS X CA  1 
ATOM   93   C  C   . LYS A 1 14  ? -8.655  0.091   -8.128  1.00 19.67 ? 14   LYS X C   1 
ATOM   94   O  O   . LYS A 1 14  ? -8.522  1.299   -8.230  1.00 24.60 ? 14   LYS X O   1 
ATOM   95   C  CB  . LYS A 1 14  ? -10.879 -0.309  -7.018  1.00 23.97 ? 14   LYS X CB  1 
ATOM   96   C  CG  . LYS A 1 14  ? -12.398 -0.546  -7.188  1.00 28.05 ? 14   LYS X CG  1 
ATOM   97   C  CD  . LYS A 1 14  ? -13.077 -0.715  -5.833  1.00 29.59 ? 14   LYS X CD  1 
ATOM   98   C  CE  . LYS A 1 14  ? -14.535 -1.134  -5.946  1.00 31.84 ? 14   LYS X CE  1 
ATOM   99   N  NZ  . LYS A 1 14  ? -15.176 -1.197  -4.576  1.00 34.51 ? 14   LYS X NZ  1 
ATOM   100  N  N   . CYS A 1 15  ? -7.635  -0.726  -7.862  1.00 13.24 ? 15   CYS X N   1 
ATOM   101  C  CA  . CYS A 1 15  ? -6.269  -0.244  -7.620  1.00 15.47 ? 15   CYS X CA  1 
ATOM   102  C  C   . CYS A 1 15  ? -5.401  -0.292  -8.863  1.00 16.65 ? 15   CYS X C   1 
ATOM   103  O  O   . CYS A 1 15  ? -4.337  0.345   -8.918  1.00 16.92 ? 15   CYS X O   1 
ATOM   104  C  CB  . CYS A 1 15  ? -5.597  -1.110  -6.566  1.00 16.86 ? 15   CYS X CB  1 
ATOM   105  S  SG  . CYS A 1 15  ? -6.577  -1.434  -5.079  1.00 17.32 ? 15   CYS X SG  1 
ATOM   106  N  N   . LYS A 1 16  ? -5.828  -1.051  -9.858  1.00 18.09 ? 16   LYS X N   1 
ATOM   107  C  CA  . LYS A 1 16  ? -4.898  -1.455  -10.893 1.00 22.09 ? 16   LYS X CA  1 
ATOM   108  C  C   . LYS A 1 16  ? -4.611  -0.345  -11.908 1.00 21.98 ? 16   LYS X C   1 
ATOM   109  O  O   . LYS A 1 16  ? -3.604  -0.390  -12.581 1.00 21.80 ? 16   LYS X O   1 
ATOM   110  C  CB  A LYS A 1 16  ? -5.395  -2.732  -11.570 0.50 24.94 ? 16   LYS X CB  1 
ATOM   111  C  CB  B LYS A 1 16  ? -5.277  -2.800  -11.554 0.50 24.46 ? 16   LYS X CB  1 
ATOM   112  C  CG  A LYS A 1 16  ? -6.045  -2.527  -12.888 0.50 26.81 ? 16   LYS X CG  1 
ATOM   113  C  CG  B LYS A 1 16  ? -6.583  -2.876  -12.254 0.50 25.22 ? 16   LYS X CG  1 
ATOM   114  C  CD  A LYS A 1 16  ? -5.510  -3.511  -13.893 0.50 28.02 ? 16   LYS X CD  1 
ATOM   115  C  CD  B LYS A 1 16  ? -6.842  -4.311  -12.795 0.50 23.87 ? 16   LYS X CD  1 
ATOM   116  C  CE  A LYS A 1 16  ? -5.931  -4.935  -13.593 0.50 27.56 ? 16   LYS X CE  1 
ATOM   117  C  CE  B LYS A 1 16  ? -6.099  -4.584  -14.104 0.50 24.49 ? 16   LYS X CE  1 
ATOM   118  N  NZ  A LYS A 1 16  ? -5.271  -5.864  -14.559 0.50 28.86 ? 16   LYS X NZ  1 
ATOM   119  N  NZ  B LYS A 1 16  ? -6.831  -5.535  -15.011 0.50 25.43 ? 16   LYS X NZ  1 
ATOM   120  N  N   . ALA A 1 17  ? -5.402  0.737   -11.889 1.00 21.04 ? 17   ALA X N   1 
ATOM   121  C  CA  . ALA A 1 17  ? -5.059  1.928   -12.679 1.00 20.61 ? 17   ALA X CA  1 
ATOM   122  C  C   . ALA A 1 17  ? -3.671  2.454   -12.324 1.00 20.20 ? 17   ALA X C   1 
ATOM   123  O  O   . ALA A 1 17  ? -2.953  2.950   -13.196 1.00 20.27 ? 17   ALA X O   1 
ATOM   124  C  CB  . ALA A 1 17  ? -6.094  3.022   -12.482 1.00 22.75 ? 17   ALA X CB  1 
ATOM   125  N  N   . CYS A 1 18  ? -3.270  2.297   -11.068 1.00 15.76 ? 18   CYS X N   1 
ATOM   126  C  CA  . CYS A 1 18  ? -2.021  2.877   -10.585 1.00 17.69 ? 18   CYS X CA  1 
ATOM   127  C  C   . CYS A 1 18  ? -0.979  1.876   -10.072 1.00 16.71 ? 18   CYS X C   1 
ATOM   128  O  O   . CYS A 1 18  ? 0.169   2.260   -9.833  1.00 19.30 ? 18   CYS X O   1 
ATOM   129  C  CB  . CYS A 1 18  ? -2.323  3.849   -9.460  1.00 16.54 ? 18   CYS X CB  1 
ATOM   130  S  SG  . CYS A 1 18  ? -3.460  5.195   -9.982  1.00 17.43 ? 18   CYS X SG  1 
ATOM   131  N  N   . HIS A 1 19  ? -1.394  0.646   -9.790  1.00 17.80 ? 19   HIS X N   1 
ATOM   132  C  CA  . HIS A 1 19  ? -0.501  -0.335  -9.154  1.00 15.21 ? 19   HIS X CA  1 
ATOM   133  C  C   . HIS A 1 19  ? -0.560  -1.650  -9.883  1.00 16.60 ? 19   HIS X C   1 
ATOM   134  O  O   . HIS A 1 19  ? -1.622  -2.087  -10.280 1.00 17.28 ? 19   HIS X O   1 
ATOM   135  C  CB  . HIS A 1 19  ? -0.943  -0.638  -7.733  1.00 14.69 ? 19   HIS X CB  1 
ATOM   136  C  CG  . HIS A 1 19  ? -0.816  0.502   -6.783  1.00 14.63 ? 19   HIS X CG  1 
ATOM   137  N  ND1 . HIS A 1 19  ? 0.380   0.865   -6.209  1.00 12.53 ? 19   HIS X ND1 1 
ATOM   138  C  CD2 . HIS A 1 19  ? -1.767  1.283   -6.212  1.00 13.68 ? 19   HIS X CD2 1 
ATOM   139  C  CE1 . HIS A 1 19  ? 0.156   1.818   -5.313  1.00 16.18 ? 19   HIS X CE1 1 
ATOM   140  N  NE2 . HIS A 1 19  ? -1.134  2.111   -5.325  1.00 16.00 ? 19   HIS X NE2 1 
ATOM   141  N  N   . MET A 1 20  ? 0.593   -2.286  -10.023 1.00 16.23 ? 20   MET X N   1 
ATOM   142  C  CA  . MET A 1 20  ? 0.674   -3.663  -10.450 1.00 18.02 ? 20   MET X CA  1 
ATOM   143  C  C   . MET A 1 20  ? 1.045   -4.567  -9.286  1.00 17.97 ? 20   MET X C   1 
ATOM   144  O  O   . MET A 1 20  ? 1.460   -4.109  -8.215  1.00 17.15 ? 20   MET X O   1 
ATOM   145  C  CB  . MET A 1 20  ? 1.731   -3.814  -11.547 1.00 20.26 ? 20   MET X CB  1 
ATOM   146  C  CG  . MET A 1 20  ? 3.117   -3.499  -11.115 1.00 22.53 ? 20   MET X CG  1 
ATOM   147  S  SD  . MET A 1 20  ? 4.358   -3.693  -12.477 1.00 25.62 ? 20   MET X SD  1 
ATOM   148  C  CE  . MET A 1 20  ? 3.985   -2.263  -13.431 1.00 25.81 ? 20   MET X CE  1 
ATOM   149  N  N   . VAL A 1 21  ? 0.923   -5.870  -9.529  1.00 17.23 ? 21   VAL X N   1 
ATOM   150  C  CA  . VAL A 1 21  ? 1.465   -6.902  -8.644  1.00 18.05 ? 21   VAL X CA  1 
ATOM   151  C  C   . VAL A 1 21  ? 2.330   -7.806  -9.539  1.00 14.86 ? 21   VAL X C   1 
ATOM   152  O  O   . VAL A 1 21  ? 1.814   -8.642  -10.288 1.00 16.38 ? 21   VAL X O   1 
ATOM   153  C  CB  . VAL A 1 21  ? 0.345   -7.701  -7.907  1.00 17.19 ? 21   VAL X CB  1 
ATOM   154  C  CG1 . VAL A 1 21  ? 0.943   -8.762  -6.951  1.00 18.88 ? 21   VAL X CG1 1 
ATOM   155  C  CG2 . VAL A 1 21  ? -0.559  -6.771  -7.127  1.00 19.23 ? 21   VAL X CG2 1 
ATOM   156  N  N   . GLN A 1 22  ? 3.643   -7.567  -9.496  1.00 17.39 ? 22   GLN X N   1 
ATOM   157  C  CA  . GLN A 1 22  ? 4.584   -8.212  -10.395 1.00 17.85 ? 22   GLN X CA  1 
ATOM   158  C  C   . GLN A 1 22  ? 5.747   -8.762  -9.586  1.00 18.77 ? 22   GLN X C   1 
ATOM   159  O  O   . GLN A 1 22  ? 6.364   -8.056  -8.787  1.00 18.93 ? 22   GLN X O   1 
ATOM   160  C  CB  . GLN A 1 22  ? 5.078   -7.243  -11.472 1.00 19.66 ? 22   GLN X CB  1 
ATOM   161  C  CG  . GLN A 1 22  ? 5.975   -7.910  -12.522 1.00 21.38 ? 22   GLN X CG  1 
ATOM   162  C  CD  . GLN A 1 22  ? 6.561   -6.888  -13.490 1.00 24.81 ? 22   GLN X CD  1 
ATOM   163  O  OE1 . GLN A 1 22  ? 7.560   -6.250  -13.194 1.00 27.60 ? 22   GLN X OE1 1 
ATOM   164  N  NE2 . GLN A 1 22  ? 5.886   -6.679  -14.605 1.00 28.48 ? 22   GLN X NE2 1 
ATOM   165  N  N   . ALA A 1 23  ? 6.002   -10.047 -9.755  1.00 18.18 ? 23   ALA X N   1 
ATOM   166  C  CA  . ALA A 1 23  ? 7.056   -10.705 -8.993  1.00 18.93 ? 23   ALA X CA  1 
ATOM   167  C  C   . ALA A 1 23  ? 8.432   -10.245 -9.484  1.00 21.62 ? 23   ALA X C   1 
ATOM   168  O  O   . ALA A 1 23  ? 8.553   -9.636  -10.552 1.00 18.52 ? 23   ALA X O   1 
ATOM   169  C  CB  . ALA A 1 23  ? 6.904   -12.212 -9.077  1.00 22.02 ? 23   ALA X CB  1 
ATOM   170  N  N   . PRO A 1 24  ? 9.465   -10.457 -8.647  1.00 24.90 ? 24   PRO X N   1 
ATOM   171  C  CA  . PRO A 1 24  ? 10.820  -10.000 -8.936  1.00 26.80 ? 24   PRO X CA  1 
ATOM   172  C  C   . PRO A 1 24  ? 11.352  -10.554 -10.278 1.00 28.38 ? 24   PRO X C   1 
ATOM   173  O  O   . PRO A 1 24  ? 12.135  -9.886  -10.941 1.00 29.44 ? 24   PRO X O   1 
ATOM   174  C  CB  . PRO A 1 24  ? 11.639  -10.539 -7.766  1.00 27.95 ? 24   PRO X CB  1 
ATOM   175  C  CG  . PRO A 1 24  ? 10.679  -10.777 -6.681  1.00 28.92 ? 24   PRO X CG  1 
ATOM   176  C  CD  . PRO A 1 24  ? 9.362   -11.107 -7.337  1.00 26.32 ? 24   PRO X CD  1 
ATOM   177  N  N   . ASP A 1 25  ? 10.886  -11.732 -10.700 1.00 28.63 ? 25   ASP X N   1 
ATOM   178  C  CA  . ASP A 1 25  ? 11.329  -12.273 -12.003 1.00 29.89 ? 25   ASP X CA  1 
ATOM   179  C  C   . ASP A 1 25  ? 10.555  -11.705 -13.177 1.00 31.08 ? 25   ASP X C   1 
ATOM   180  O  O   . ASP A 1 25  ? 10.770  -12.091 -14.322 1.00 33.52 ? 25   ASP X O   1 
ATOM   181  C  CB  . ASP A 1 25  ? 11.292  -13.804 -12.016 1.00 31.70 ? 25   ASP X CB  1 
ATOM   182  C  CG  . ASP A 1 25  ? 9.879   -14.368 -11.932 1.00 33.41 ? 25   ASP X CG  1 
ATOM   183  O  OD1 . ASP A 1 25  ? 8.907   -13.618 -11.699 1.00 29.47 ? 25   ASP X OD1 1 
ATOM   184  O  OD2 . ASP A 1 25  ? 9.741   -15.588 -12.067 1.00 36.92 ? 25   ASP X OD2 1 
ATOM   185  N  N   . GLY A 1 26  ? 9.645   -10.780 -12.908 1.00 28.09 ? 26   GLY X N   1 
ATOM   186  C  CA  . GLY A 1 26  ? 8.889   -10.163 -13.984 1.00 25.44 ? 26   GLY X CA  1 
ATOM   187  C  C   . GLY A 1 26  ? 7.524   -10.800 -14.218 1.00 22.24 ? 26   GLY X C   1 
ATOM   188  O  O   . GLY A 1 26  ? 6.763   -10.338 -15.070 1.00 26.96 ? 26   GLY X O   1 
ATOM   189  N  N   . THR A 1 27  ? 7.195   -11.829 -13.450 1.00 22.48 ? 27   THR X N   1 
ATOM   190  C  CA  . THR A 1 27  ? 5.905   -12.504 -13.598 1.00 22.39 ? 27   THR X CA  1 
ATOM   191  C  C   . THR A 1 27  ? 4.765   -11.589 -13.152 1.00 20.46 ? 27   THR X C   1 
ATOM   192  O  O   . THR A 1 27  ? 4.743   -11.141 -12.003 1.00 19.60 ? 27   THR X O   1 
ATOM   193  C  CB  . THR A 1 27  ? 5.861   -13.802 -12.774 1.00 25.00 ? 27   THR X CB  1 
ATOM   194  O  OG1 . THR A 1 27  ? 6.888   -14.691 -13.239 1.00 27.01 ? 27   THR X OG1 1 
ATOM   195  C  CG2 . THR A 1 27  ? 4.498   -14.493 -12.906 1.00 25.08 ? 27   THR X CG2 1 
ATOM   196  N  N   . ASP A 1 28  ? 3.817   -11.335 -14.050 1.00 21.27 ? 28   ASP X N   1 
ATOM   197  C  CA  . ASP A 1 28  ? 2.663   -10.509 -13.720 1.00 22.09 ? 28   ASP X CA  1 
ATOM   198  C  C   . ASP A 1 28  ? 1.605   -11.334 -12.994 1.00 23.37 ? 28   ASP X C   1 
ATOM   199  O  O   . ASP A 1 28  ? 1.090   -12.297 -13.541 1.00 26.91 ? 28   ASP X O   1 
ATOM   200  C  CB  . ASP A 1 28  ? 2.073   -9.888  -14.985 1.00 25.80 ? 28   ASP X CB  1 
ATOM   201  C  CG  . ASP A 1 28  ? 2.976   -8.814  -15.585 1.00 28.11 ? 28   ASP X CG  1 
ATOM   202  O  OD1 . ASP A 1 28  ? 3.576   -8.043  -14.830 1.00 27.64 ? 28   ASP X OD1 1 
ATOM   203  O  OD2 . ASP A 1 28  ? 3.057   -8.736  -16.814 1.00 32.02 ? 28   ASP X OD2 1 
ATOM   204  N  N   . ILE A 1 29  ? 1.351   -11.010 -11.733 1.00 20.57 ? 29   ILE X N   1 
ATOM   205  C  CA  . ILE A 1 29  ? 0.191   -11.551 -11.011 1.00 20.90 ? 29   ILE X CA  1 
ATOM   206  C  C   . ILE A 1 29  ? -1.064  -10.728 -11.373 1.00 22.69 ? 29   ILE X C   1 
ATOM   207  O  O   . ILE A 1 29  ? -2.079  -11.273 -11.805 1.00 22.05 ? 29   ILE X O   1 
ATOM   208  C  CB  . ILE A 1 29  ? 0.400   -11.492 -9.485  1.00 22.98 ? 29   ILE X CB  1 
ATOM   209  C  CG1 . ILE A 1 29  ? 1.732   -12.152 -9.083  1.00 26.38 ? 29   ILE X CG1 1 
ATOM   210  C  CG2 . ILE A 1 29  ? -0.779  -12.144 -8.769  1.00 25.02 ? 29   ILE X CG2 1 
ATOM   211  C  CD1 . ILE A 1 29  ? 1.853   -13.584 -9.462  1.00 29.65 ? 29   ILE X CD1 1 
ATOM   212  N  N   . VAL A 1 30  ? -0.961  -9.418  -11.223 1.00 20.53 ? 30   VAL X N   1 
ATOM   213  C  CA  . VAL A 1 30  ? -1.926  -8.473  -11.792 1.00 22.67 ? 30   VAL X CA  1 
ATOM   214  C  C   . VAL A 1 30  ? -1.183  -7.397  -12.574 1.00 21.90 ? 30   VAL X C   1 
ATOM   215  O  O   . VAL A 1 30  ? -0.330  -6.710  -12.035 1.00 19.26 ? 30   VAL X O   1 
ATOM   216  C  CB  . VAL A 1 30  ? -2.753  -7.761  -10.685 1.00 22.99 ? 30   VAL X CB  1 
ATOM   217  C  CG1 . VAL A 1 30  ? -3.736  -6.782  -11.291 1.00 23.35 ? 30   VAL X CG1 1 
ATOM   218  C  CG2 . VAL A 1 30  ? -3.446  -8.752  -9.834  1.00 25.39 ? 30   VAL X CG2 1 
ATOM   219  N  N   . LYS A 1 31  ? -1.535  -7.230  -13.839 1.00 20.51 ? 31   LYS X N   1 
ATOM   220  C  CA  . LYS A 1 31  ? -0.952  -6.178  -14.651 1.00 26.16 ? 31   LYS X CA  1 
ATOM   221  C  C   . LYS A 1 31  ? -1.625  -4.888  -14.272 1.00 23.95 ? 31   LYS X C   1 
ATOM   222  O  O   . LYS A 1 31  ? -2.826  -4.850  -14.073 1.00 28.58 ? 31   LYS X O   1 
ATOM   223  C  CB  . LYS A 1 31  ? -1.181  -6.451  -16.150 1.00 30.80 ? 31   LYS X CB  1 
ATOM   224  C  CG  . LYS A 1 31  ? -0.350  -7.567  -16.733 1.00 34.93 ? 31   LYS X CG  1 
ATOM   225  C  CD  . LYS A 1 31  ? -0.483  -7.597  -18.282 1.00 36.70 ? 31   LYS X CD  1 
ATOM   226  C  CE  . LYS A 1 31  ? 0.190   -8.838  -18.905 1.00 38.97 ? 31   LYS X CE  1 
ATOM   227  N  NZ  . LYS A 1 31  ? -0.012  -8.907  -20.420 1.00 42.22 ? 31   LYS X NZ  1 
ATOM   228  N  N   . GLY A 1 32  ? -0.848  -3.836  -14.114 1.00 23.33 ? 32   GLY X N   1 
ATOM   229  C  CA  . GLY A 1 32  ? -1.393  -2.567  -13.690 1.00 23.66 ? 32   GLY X CA  1 
ATOM   230  C  C   . GLY A 1 32  ? -0.499  -1.417  -14.048 1.00 24.05 ? 32   GLY X C   1 
ATOM   231  O  O   . GLY A 1 32  ? 0.532   -1.598  -14.711 1.00 22.86 ? 32   GLY X O   1 
ATOM   232  N  N   . GLY A 1 33  ? -0.893  -0.219  -13.627 1.00 20.78 ? 33   GLY X N   1 
ATOM   233  C  CA  . GLY A 1 33  ? -0.164  0.971   -13.978 1.00 21.54 ? 33   GLY X CA  1 
ATOM   234  C  C   . GLY A 1 33  ? 1.079   1.156   -13.122 1.00 23.35 ? 33   GLY X C   1 
ATOM   235  O  O   . GLY A 1 33  ? 1.377   0.337   -12.243 1.00 20.94 ? 33   GLY X O   1 
ATOM   236  N  N   . LYS A 1 34  ? 1.781   2.259   -13.372 1.00 21.15 ? 34   LYS X N   1 
ATOM   237  C  CA  . LYS A 1 34  ? 3.064   2.540   -12.740 1.00 23.58 ? 34   LYS X CA  1 
ATOM   238  C  C   . LYS A 1 34  ? 3.042   3.847   -11.935 1.00 23.27 ? 34   LYS X C   1 
ATOM   239  O  O   . LYS A 1 34  ? 4.092   4.302   -11.425 1.00 24.23 ? 34   LYS X O   1 
ATOM   240  C  CB  . LYS A 1 34  ? 4.165   2.601   -13.816 1.00 28.80 ? 34   LYS X CB  1 
ATOM   241  C  CG  . LYS A 1 34  ? 4.279   1.310   -14.669 1.00 32.65 ? 34   LYS X CG  1 
ATOM   242  C  CD  . LYS A 1 34  ? 5.391   1.414   -15.759 1.00 34.70 ? 34   LYS X CD  1 
ATOM   243  C  CE  . LYS A 1 34  ? 5.761   0.023   -16.377 1.00 36.24 ? 34   LYS X CE  1 
ATOM   244  N  NZ  . LYS A 1 34  ? 7.165   -0.044  -16.993 1.00 37.41 ? 34   LYS X NZ  1 
ATOM   245  N  N   . THR A 1 35  ? 1.863   4.443   -11.793 1.00 18.99 ? 35   THR X N   1 
ATOM   246  C  CA  . THR A 1 35  ? 1.731   5.695   -11.041 1.00 22.52 ? 35   THR X CA  1 
ATOM   247  C  C   . THR A 1 35  ? 2.129   5.518   -9.577  1.00 21.16 ? 35   THR X C   1 
ATOM   248  O  O   . THR A 1 35  ? 2.771   6.383   -9.005  1.00 20.31 ? 35   THR X O   1 
ATOM   249  C  CB  . THR A 1 35  ? 0.303   6.247   -11.145 1.00 23.73 ? 35   THR X CB  1 
ATOM   250  O  OG1 . THR A 1 35  ? 0.031   6.533   -12.517 1.00 31.56 ? 35   THR X OG1 1 
ATOM   251  C  CG2 . THR A 1 35  ? 0.131   7.524   -10.340 1.00 27.61 ? 35   THR X CG2 1 
ATOM   252  N  N   . GLY A 1 36  ? 1.712   4.404   -8.973  1.00 16.97 ? 36   GLY X N   1 
ATOM   253  C  CA  . GLY A 1 36  ? 2.114   4.040   -7.615  1.00 17.26 ? 36   GLY X CA  1 
ATOM   254  C  C   . GLY A 1 36  ? 3.052   2.820   -7.685  1.00 19.65 ? 36   GLY X C   1 
ATOM   255  O  O   . GLY A 1 36  ? 3.197   2.230   -8.736  1.00 19.22 ? 36   GLY X O   1 
ATOM   256  N  N   . PRO A 1 37  ? 3.714   2.475   -6.566  1.00 17.37 ? 37   PRO X N   1 
ATOM   257  C  CA  . PRO A 1 37  ? 4.687   1.379   -6.542  1.00 16.08 ? 37   PRO X CA  1 
ATOM   258  C  C   . PRO A 1 37  ? 4.081   0.010   -6.753  1.00 16.61 ? 37   PRO X C   1 
ATOM   259  O  O   . PRO A 1 37  ? 2.894   -0.212  -6.485  1.00 14.84 ? 37   PRO X O   1 
ATOM   260  C  CB  . PRO A 1 37  ? 5.305   1.452   -5.136  1.00 18.54 ? 37   PRO X CB  1 
ATOM   261  C  CG  . PRO A 1 37  ? 4.791   2.687   -4.511  1.00 19.70 ? 37   PRO X CG  1 
ATOM   262  C  CD  . PRO A 1 37  ? 3.618   3.181   -5.285  1.00 20.27 ? 37   PRO X CD  1 
ATOM   263  N  N   . ASN A 1 38  ? 4.895   -0.901  -7.271  1.00 16.08 ? 38   ASN X N   1 
ATOM   264  C  CA  . ASN A 1 38  ? 4.573   -2.323  -7.300  1.00 17.12 ? 38   ASN X CA  1 
ATOM   265  C  C   . ASN A 1 38  ? 4.175   -2.784  -5.891  1.00 17.20 ? 38   ASN X C   1 
ATOM   266  O  O   . ASN A 1 38  ? 4.880   -2.502  -4.926  1.00 17.99 ? 38   ASN X O   1 
ATOM   267  C  CB  . ASN A 1 38  ? 5.834   -3.079  -7.763  1.00 17.65 ? 38   ASN X CB  1 
ATOM   268  C  CG  . ASN A 1 38  ? 5.592   -4.555  -8.084  1.00 19.95 ? 38   ASN X CG  1 
ATOM   269  O  OD1 . ASN A 1 38  ? 4.517   -5.114  -7.868  1.00 16.81 ? 38   ASN X OD1 1 
ATOM   270  N  ND2 . ASN A 1 38  ? 6.635   -5.196  -8.604  1.00 19.65 ? 38   ASN X ND2 1 
ATOM   271  N  N   . LEU A 1 39  ? 3.084   -3.535  -5.790  1.00 16.74 ? 39   LEU X N   1 
ATOM   272  C  CA  . LEU A 1 39  ? 2.581   -3.986  -4.499  1.00 17.27 ? 39   LEU X CA  1 
ATOM   273  C  C   . LEU A 1 39  ? 2.850   -5.469  -4.221  1.00 17.73 ? 39   LEU X C   1 
ATOM   274  O  O   . LEU A 1 39  ? 2.493   -5.973  -3.164  1.00 16.25 ? 39   LEU X O   1 
ATOM   275  C  CB  . LEU A 1 39  ? 1.091   -3.706  -4.368  1.00 17.07 ? 39   LEU X CB  1 
ATOM   276  C  CG  . LEU A 1 39  ? 0.709   -2.227  -4.378  1.00 18.32 ? 39   LEU X CG  1 
ATOM   277  C  CD1 . LEU A 1 39  ? -0.789  -2.081  -4.186  1.00 20.38 ? 39   LEU X CD1 1 
ATOM   278  C  CD2 . LEU A 1 39  ? 1.473   -1.482  -3.301  1.00 17.88 ? 39   LEU X CD2 1 
ATOM   279  N  N   . TYR A 1 40  ? 3.522   -6.154  -5.136  1.00 17.76 ? 40   TYR X N   1 
ATOM   280  C  CA  . TYR A 1 40  ? 4.020   -7.469  -4.804  1.00 16.86 ? 40   TYR X CA  1 
ATOM   281  C  C   . TYR A 1 40  ? 4.920   -7.345  -3.575  1.00 16.19 ? 40   TYR X C   1 
ATOM   282  O  O   . TYR A 1 40  ? 5.782   -6.473  -3.521  1.00 17.67 ? 40   TYR X O   1 
ATOM   283  C  CB  . TYR A 1 40  ? 4.795   -8.051  -5.974  1.00 19.13 ? 40   TYR X CB  1 
ATOM   284  C  CG  . TYR A 1 40  ? 5.137   -9.505  -5.802  1.00 19.13 ? 40   TYR X CG  1 
ATOM   285  C  CD1 . TYR A 1 40  ? 6.233   -9.896  -5.038  1.00 20.51 ? 40   TYR X CD1 1 
ATOM   286  C  CD2 . TYR A 1 40  ? 4.381   -10.483 -6.421  1.00 20.15 ? 40   TYR X CD2 1 
ATOM   287  C  CE1 . TYR A 1 40  ? 6.543   -11.260 -4.874  1.00 23.13 ? 40   TYR X CE1 1 
ATOM   288  C  CE2 . TYR A 1 40  ? 4.659   -11.822 -6.253  1.00 21.80 ? 40   TYR X CE2 1 
ATOM   289  C  CZ  . TYR A 1 40  ? 5.742   -12.206 -5.492  1.00 22.72 ? 40   TYR X CZ  1 
ATOM   290  O  OH  . TYR A 1 40  ? 6.010   -13.558 -5.351  1.00 25.81 ? 40   TYR X OH  1 
ATOM   291  N  N   . GLY A 1 41  ? 4.700   -8.188  -2.575  1.00 17.29 ? 41   GLY X N   1 
ATOM   292  C  CA  . GLY A 1 41  ? 5.566   -8.200  -1.404  1.00 19.35 ? 41   GLY X CA  1 
ATOM   293  C  C   . GLY A 1 41  ? 5.381   -7.030  -0.453  1.00 19.09 ? 41   GLY X C   1 
ATOM   294  O  O   . GLY A 1 41  ? 6.222   -6.786  0.436   1.00 19.41 ? 41   GLY X O   1 
ATOM   295  N  N   . VAL A 1 42  ? 4.283   -6.303  -0.592  1.00 13.94 ? 42   VAL X N   1 
ATOM   296  C  CA  . VAL A 1 42  ? 4.105   -5.107  0.237   1.00 16.42 ? 42   VAL X CA  1 
ATOM   297  C  C   . VAL A 1 42  ? 3.839   -5.431  1.708   1.00 14.75 ? 42   VAL X C   1 
ATOM   298  O  O   . VAL A 1 42  ? 4.259   -4.686  2.584   1.00 17.84 ? 42   VAL X O   1 
ATOM   299  C  CB  . VAL A 1 42  ? 3.015   -4.154  -0.316  1.00 16.58 ? 42   VAL X CB  1 
ATOM   300  C  CG1 . VAL A 1 42  ? 1.638   -4.793  -0.222  1.00 18.29 ? 42   VAL X CG1 1 
ATOM   301  C  CG2 . VAL A 1 42  ? 3.070   -2.810  0.406   1.00 15.68 ? 42   VAL X CG2 1 
ATOM   302  N  N   . VAL A 1 43  ? 3.197   -6.558  1.999   1.00 14.82 ? 43   VAL X N   1 
ATOM   303  C  CA  . VAL A 1 43  ? 2.903   -6.884  3.389   1.00 18.36 ? 43   VAL X CA  1 
ATOM   304  C  C   . VAL A 1 43  ? 4.205   -7.330  4.031   1.00 21.42 ? 43   VAL X C   1 
ATOM   305  O  O   . VAL A 1 43  ? 4.851   -8.253  3.545   1.00 18.55 ? 43   VAL X O   1 
ATOM   306  C  CB  . VAL A 1 43  ? 1.835   -7.975  3.545   1.00 20.04 ? 43   VAL X CB  1 
ATOM   307  C  CG1 . VAL A 1 43  ? 1.475   -8.148  5.018   1.00 21.58 ? 43   VAL X CG1 1 
ATOM   308  C  CG2 . VAL A 1 43  ? 0.574   -7.634  2.744   1.00 18.85 ? 43   VAL X CG2 1 
ATOM   309  N  N   . GLY A 1 44  ? 4.622   -6.624  5.074   1.00 19.98 ? 44   GLY X N   1 
ATOM   310  C  CA  . GLY A 1 44  ? 5.898   -6.920  5.733   1.00 22.60 ? 44   GLY X CA  1 
ATOM   311  C  C   . GLY A 1 44  ? 7.104   -6.193  5.153   1.00 22.62 ? 44   GLY X C   1 
ATOM   312  O  O   . GLY A 1 44  ? 8.239   -6.384  5.631   1.00 21.83 ? 44   GLY X O   1 
ATOM   313  N  N   . ARG A 1 45  ? 6.864   -5.372  4.124   1.00 20.26 ? 45   ARG X N   1 
ATOM   314  C  CA  . ARG A 1 45  ? 7.882   -4.519  3.499   1.00 19.42 ? 45   ARG X CA  1 
ATOM   315  C  C   . ARG A 1 45  ? 8.075   -3.265  4.312   1.00 18.03 ? 45   ARG X C   1 
ATOM   316  O  O   . ARG A 1 45  ? 7.100   -2.708  4.821   1.00 17.71 ? 45   ARG X O   1 
ATOM   317  C  CB  . ARG A 1 45  ? 7.386   -4.072  2.114   1.00 22.21 ? 45   ARG X CB  1 
ATOM   318  C  CG  . ARG A 1 45  ? 8.370   -3.390  1.262   1.00 24.52 ? 45   ARG X CG  1 
ATOM   319  C  CD  . ARG A 1 45  ? 8.009   -3.577  -0.226  1.00 22.91 ? 45   ARG X CD  1 
ATOM   320  N  NE  . ARG A 1 45  ? 7.037   -2.583  -0.658  1.00 20.45 ? 45   ARG X NE  1 
ATOM   321  C  CZ  . ARG A 1 45  ? 6.381   -2.644  -1.811  1.00 22.33 ? 45   ARG X CZ  1 
ATOM   322  N  NH1 . ARG A 1 45  ? 6.564   -3.673  -2.629  1.00 20.69 ? 45   ARG X NH1 1 
ATOM   323  N  NH2 . ARG A 1 45  ? 5.554   -1.665  -2.152  1.00 19.41 ? 45   ARG X NH2 1 
ATOM   324  N  N   . LYS A 1 46  ? 9.302   -2.750  4.376   1.00 16.00 ? 46   LYS X N   1 
ATOM   325  C  CA  . LYS A 1 46  ? 9.518   -1.456  5.024   1.00 18.94 ? 46   LYS X CA  1 
ATOM   326  C  C   . LYS A 1 46  ? 8.733   -0.346  4.301   1.00 14.61 ? 46   LYS X C   1 
ATOM   327  O  O   . LYS A 1 46  ? 8.602   -0.340  3.078   1.00 15.75 ? 46   LYS X O   1 
ATOM   328  C  CB  . LYS A 1 46  ? 11.019  -1.097  5.117   1.00 23.33 ? 46   LYS X CB  1 
ATOM   329  C  CG  . LYS A 1 46  ? 11.735  -1.757  6.350   1.00 27.27 ? 46   LYS X CG  1 
ATOM   330  C  CD  . LYS A 1 46  ? 13.191  -1.254  6.547   1.00 31.11 ? 46   LYS X CD  1 
ATOM   331  C  CE  . LYS A 1 46  ? 13.761  -1.618  7.947   1.00 31.47 ? 46   LYS X CE  1 
ATOM   332  N  NZ  . LYS A 1 46  ? 13.113  -2.823  8.585   1.00 36.33 ? 46   LYS X NZ  1 
ATOM   333  N  N   . ILE A 1 47  ? 8.188   0.562   5.091   1.00 16.69 ? 47   ILE X N   1 
ATOM   334  C  CA  . ILE A 1 47  ? 7.341   1.641   4.587   1.00 17.47 ? 47   ILE X CA  1 
ATOM   335  C  C   . ILE A 1 47  ? 8.138   2.424   3.563   1.00 15.29 ? 47   ILE X C   1 
ATOM   336  O  O   . ILE A 1 47  ? 9.300   2.732   3.801   1.00 18.07 ? 47   ILE X O   1 
ATOM   337  C  CB  . ILE A 1 47  ? 6.963   2.609   5.727   1.00 18.48 ? 47   ILE X CB  1 
ATOM   338  C  CG1 . ILE A 1 47  ? 6.186   1.889   6.818   1.00 21.85 ? 47   ILE X CG1 1 
ATOM   339  C  CG2 . ILE A 1 47  ? 6.212   3.834   5.202   1.00 20.44 ? 47   ILE X CG2 1 
ATOM   340  C  CD1 . ILE A 1 47  ? 4.991   1.171   6.378   1.00 23.73 ? 47   ILE X CD1 1 
ATOM   341  N  N   . ALA A 1 48  ? 7.545   2.683   2.406   1.00 16.12 ? 48   ALA X N   1 
ATOM   342  C  CA  . ALA A 1 48  ? 8.148   3.556   1.383   1.00 17.45 ? 48   ALA X CA  1 
ATOM   343  C  C   . ALA A 1 48  ? 9.585   3.199   1.023   1.00 22.46 ? 48   ALA X C   1 
ATOM   344  O  O   . ALA A 1 48  ? 10.473  4.058   1.050   1.00 19.53 ? 48   ALA X O   1 
ATOM   345  C  CB  . ALA A 1 48  ? 8.073   4.991   1.816   1.00 19.69 ? 48   ALA X CB  1 
ATOM   346  N  N   . SER A 1 49  ? 9.806   1.945   0.649   1.00 21.64 ? 49   SER X N   1 
ATOM   347  C  CA  . SER A 1 49  ? 11.160  1.450   0.465   1.00 23.10 ? 49   SER X CA  1 
ATOM   348  C  C   . SER A 1 49  ? 11.444  0.908   -0.936  1.00 24.24 ? 49   SER X C   1 
ATOM   349  O  O   . SER A 1 49  ? 12.507  0.325   -1.169  1.00 28.54 ? 49   SER X O   1 
ATOM   350  C  CB  . SER A 1 49  ? 11.445  0.370   1.504   1.00 23.31 ? 49   SER X CB  1 
ATOM   351  O  OG  . SER A 1 49  ? 10.654  -0.773  1.260   1.00 19.07 ? 49   SER X OG  1 
ATOM   352  N  N   . VAL A 1 50  ? 10.513  1.061   -1.869  1.00 21.06 ? 50   VAL X N   1 
ATOM   353  C  CA  . VAL A 1 50  ? 10.766  0.641   -3.247  1.00 24.33 ? 50   VAL X CA  1 
ATOM   354  C  C   . VAL A 1 50  ? 11.778  1.588   -3.871  1.00 27.48 ? 50   VAL X C   1 
ATOM   355  O  O   . VAL A 1 50  ? 11.539  2.790   -4.019  1.00 26.35 ? 50   VAL X O   1 
ATOM   356  C  CB  . VAL A 1 50  ? 9.460   0.553   -4.105  1.00 24.48 ? 50   VAL X CB  1 
ATOM   357  C  CG1 . VAL A 1 50  ? 9.791   0.204   -5.586  1.00 23.60 ? 50   VAL X CG1 1 
ATOM   358  C  CG2 . VAL A 1 50  ? 8.523   -0.493  -3.547  1.00 24.43 ? 50   VAL X CG2 1 
ATOM   359  N  N   . GLU A 1 51  ? 12.951  1.053   -4.195  1.00 33.29 ? 51   GLU X N   1 
ATOM   360  C  CA  . GLU A 1 51  ? 13.979  1.859   -4.818  1.00 34.86 ? 51   GLU X CA  1 
ATOM   361  C  C   . GLU A 1 51  ? 13.498  2.337   -6.177  1.00 33.00 ? 51   GLU X C   1 
ATOM   362  O  O   . GLU A 1 51  ? 12.831  1.604   -6.921  1.00 38.01 ? 51   GLU X O   1 
ATOM   363  C  CB  . GLU A 1 51  ? 15.297  1.083   -4.948  1.00 40.38 ? 51   GLU X CB  1 
ATOM   364  C  CG  . GLU A 1 51  ? 15.949  0.732   -3.613  1.00 43.40 ? 51   GLU X CG  1 
ATOM   365  C  CD  . GLU A 1 51  ? 16.316  1.948   -2.755  1.00 46.70 ? 51   GLU X CD  1 
ATOM   366  O  OE1 . GLU A 1 51  ? 16.168  3.106   -3.213  1.00 49.54 ? 51   GLU X OE1 1 
ATOM   367  O  OE2 . GLU A 1 51  ? 16.787  1.735   -1.617  1.00 49.96 ? 51   GLU X OE2 1 
ATOM   368  N  N   . GLY A 1 52  ? 13.781  3.594   -6.467  1.00 31.79 ? 52   GLY X N   1 
ATOM   369  C  CA  . GLY A 1 52  ? 13.431  4.161   -7.747  1.00 31.85 ? 52   GLY X CA  1 
ATOM   370  C  C   . GLY A 1 52  ? 12.092  4.853   -7.726  1.00 32.14 ? 52   GLY X C   1 
ATOM   371  O  O   . GLY A 1 52  ? 11.799  5.637   -8.600  1.00 34.61 ? 52   GLY X O   1 
ATOM   372  N  N   . PHE A 1 53  ? 11.254  4.572   -6.732  1.00 28.66 ? 53   PHE X N   1 
ATOM   373  C  CA  . PHE A 1 53  ? 9.974   5.261   -6.685  1.00 26.53 ? 53   PHE X CA  1 
ATOM   374  C  C   . PHE A 1 53  ? 10.089  6.609   -5.971  1.00 23.15 ? 53   PHE X C   1 
ATOM   375  O  O   . PHE A 1 53  ? 10.681  6.721   -4.906  1.00 25.01 ? 53   PHE X O   1 
ATOM   376  C  CB  . PHE A 1 53  ? 8.885   4.392   -6.064  1.00 23.98 ? 53   PHE X CB  1 
ATOM   377  C  CG  . PHE A 1 53  ? 7.519   4.991   -6.189  1.00 24.19 ? 53   PHE X CG  1 
ATOM   378  C  CD1 . PHE A 1 53  ? 6.817   4.894   -7.383  1.00 23.41 ? 53   PHE X CD1 1 
ATOM   379  C  CD2 . PHE A 1 53  ? 7.015   5.799   -5.181  1.00 22.06 ? 53   PHE X CD2 1 
ATOM   380  C  CE1 . PHE A 1 53  ? 5.594   5.514   -7.531  1.00 23.71 ? 53   PHE X CE1 1 
ATOM   381  C  CE2 . PHE A 1 53  ? 5.775   6.386   -5.301  1.00 22.00 ? 53   PHE X CE2 1 
ATOM   382  C  CZ  . PHE A 1 53  ? 5.071   6.266   -6.493  1.00 23.62 ? 53   PHE X CZ  1 
ATOM   383  N  N   . LYS A 1 54  ? 9.492   7.631   -6.552  1.00 22.65 ? 54   LYS X N   1 
ATOM   384  C  CA  . LYS A 1 54  ? 9.523   8.952   -5.958  1.00 25.92 ? 54   LYS X CA  1 
ATOM   385  C  C   . LYS A 1 54  ? 8.326   9.154   -5.020  1.00 22.07 ? 54   LYS X C   1 
ATOM   386  O  O   . LYS A 1 54  ? 7.253   9.595   -5.428  1.00 20.35 ? 54   LYS X O   1 
ATOM   387  C  CB  . LYS A 1 54  ? 9.584   10.011  -7.050  1.00 30.51 ? 54   LYS X CB  1 
ATOM   388  C  CG  . LYS A 1 54  ? 10.907  9.925   -7.862  1.00 33.89 ? 54   LYS X CG  1 
ATOM   389  C  CD  . LYS A 1 54  ? 10.763  10.384  -9.313  1.00 35.03 ? 54   LYS X CD  1 
ATOM   390  C  CE  . LYS A 1 54  ? 11.953  9.896   -10.188 1.00 36.87 ? 54   LYS X CE  1 
ATOM   391  N  NZ  . LYS A 1 54  ? 13.177  10.730  -10.041 1.00 37.95 ? 54   LYS X NZ  1 
ATOM   392  N  N   . TYR A 1 55  ? 8.520   8.793   -3.764  1.00 21.92 ? 55   TYR X N   1 
ATOM   393  C  CA  . TYR A 1 55  ? 7.455   8.890   -2.769  1.00 19.85 ? 55   TYR X CA  1 
ATOM   394  C  C   . TYR A 1 55  ? 7.234   10.327  -2.359  1.00 22.46 ? 55   TYR X C   1 
ATOM   395  O  O   . TYR A 1 55  ? 8.125   11.171  -2.503  1.00 19.37 ? 55   TYR X O   1 
ATOM   396  C  CB  . TYR A 1 55  ? 7.811   8.089   -1.524  1.00 19.19 ? 55   TYR X CB  1 
ATOM   397  C  CG  . TYR A 1 55  ? 7.745   6.593   -1.703  1.00 20.34 ? 55   TYR X CG  1 
ATOM   398  C  CD1 . TYR A 1 55  ? 6.542   5.913   -1.582  1.00 17.86 ? 55   TYR X CD1 1 
ATOM   399  C  CD2 . TYR A 1 55  ? 8.918   5.841   -1.924  1.00 18.77 ? 55   TYR X CD2 1 
ATOM   400  C  CE1 . TYR A 1 55  ? 6.487   4.543   -1.721  1.00 17.11 ? 55   TYR X CE1 1 
ATOM   401  C  CE2 . TYR A 1 55  ? 8.882   4.493   -2.050  1.00 18.09 ? 55   TYR X CE2 1 
ATOM   402  C  CZ  . TYR A 1 55  ? 7.680   3.823   -1.960  1.00 18.24 ? 55   TYR X CZ  1 
ATOM   403  O  OH  . TYR A 1 55  ? 7.658   2.440   -2.039  1.00 17.70 ? 55   TYR X OH  1 
ATOM   404  N  N   . GLY A 1 56  ? 6.042   10.595  -1.827  1.00 19.15 ? 56   GLY X N   1 
ATOM   405  C  CA  . GLY A 1 56  ? 5.719   11.876  -1.240  1.00 19.98 ? 56   GLY X CA  1 
ATOM   406  C  C   . GLY A 1 56  ? 6.401   12.096  0.098   1.00 20.46 ? 56   GLY X C   1 
ATOM   407  O  O   . GLY A 1 56  ? 6.857   11.151  0.742   1.00 17.24 ? 56   GLY X O   1 
ATOM   408  N  N   . ASP A 1 57  ? 6.451   13.360  0.516   1.00 19.80 ? 57   ASP X N   1 
ATOM   409  C  CA  . ASP A 1 57  ? 7.171   13.784  1.730   1.00 20.79 ? 57   ASP X CA  1 
ATOM   410  C  C   . ASP A 1 57  ? 6.562   13.208  2.991   1.00 21.00 ? 57   ASP X C   1 
ATOM   411  O  O   . ASP A 1 57  ? 7.270   12.917  3.946   1.00 21.27 ? 57   ASP X O   1 
ATOM   412  C  CB  A ASP A 1 57  ? 7.208   15.312  1.837   0.50 22.51 ? 57   ASP X CB  1 
ATOM   413  C  CB  B ASP A 1 57  ? 7.162   15.313  1.829   0.50 25.57 ? 57   ASP X CB  1 
ATOM   414  C  CG  A ASP A 1 57  ? 8.118   15.935  0.809   0.50 25.09 ? 57   ASP X CG  1 
ATOM   415  C  CG  B ASP A 1 57  ? 8.426   15.860  2.418   0.50 29.48 ? 57   ASP X CG  1 
ATOM   416  O  OD1 A ASP A 1 57  ? 7.948   17.136  0.508   0.50 28.05 ? 57   ASP X OD1 1 
ATOM   417  O  OD1 B ASP A 1 57  ? 9.483   15.749  1.760   0.50 34.42 ? 57   ASP X OD1 1 
ATOM   418  O  OD2 A ASP A 1 57  ? 9.003   15.222  0.309   0.50 24.01 ? 57   ASP X OD2 1 
ATOM   419  O  OD2 B ASP A 1 57  ? 8.362   16.426  3.524   0.50 34.24 ? 57   ASP X OD2 1 
ATOM   420  N  N   . GLY A 1 58  ? 5.242   13.052  3.008   1.00 16.92 ? 58   GLY X N   1 
ATOM   421  C  CA  . GLY A 1 58  ? 4.561   12.539  4.184   1.00 18.25 ? 58   GLY X CA  1 
ATOM   422  C  C   . GLY A 1 58  ? 4.928   11.104  4.550   1.00 18.82 ? 58   GLY X C   1 
ATOM   423  O  O   . GLY A 1 58  ? 5.245   10.810  5.702   1.00 17.49 ? 58   GLY X O   1 
ATOM   424  N  N   . ILE A 1 59  ? 4.842   10.206  3.579   1.00 16.97 ? 59   ILE X N   1 
ATOM   425  C  CA  . ILE A 1 59  ? 5.145   8.799   3.823   1.00 17.94 ? 59   ILE X CA  1 
ATOM   426  C  C   . ILE A 1 59  ? 6.641   8.600   4.103   1.00 18.68 ? 59   ILE X C   1 
ATOM   427  O  O   . ILE A 1 59  ? 7.019   7.776   4.945   1.00 18.72 ? 59   ILE X O   1 
ATOM   428  C  CB  . ILE A 1 59  ? 4.635   7.901   2.666   1.00 17.35 ? 59   ILE X CB  1 
ATOM   429  C  CG1 . ILE A 1 59  ? 4.574   6.426   3.098   1.00 20.64 ? 59   ILE X CG1 1 
ATOM   430  C  CG2 . ILE A 1 59  ? 5.469   8.079   1.402   1.00 18.67 ? 59   ILE X CG2 1 
ATOM   431  C  CD1 . ILE A 1 59  ? 3.755   5.563   2.150   1.00 22.73 ? 59   ILE X CD1 1 
ATOM   432  N  N   . LEU A 1 60  ? 7.493   9.410   3.473   1.00 18.76 ? 60   LEU X N   1 
ATOM   433  C  CA  . LEU A 1 60  ? 8.926   9.391   3.814   1.00 18.66 ? 60   LEU X CA  1 
ATOM   434  C  C   . LEU A 1 60  ? 9.172   9.859   5.242   1.00 20.00 ? 60   LEU X C   1 
ATOM   435  O  O   . LEU A 1 60  ? 10.018  9.324   5.917   1.00 19.63 ? 60   LEU X O   1 
ATOM   436  C  CB  . LEU A 1 60  ? 9.749   10.216  2.812   1.00 17.04 ? 60   LEU X CB  1 
ATOM   437  C  CG  . LEU A 1 60  ? 9.820   9.637   1.410   1.00 19.95 ? 60   LEU X CG  1 
ATOM   438  C  CD1 . LEU A 1 60  ? 10.479  10.633  0.472   1.00 22.87 ? 60   LEU X CD1 1 
ATOM   439  C  CD2 . LEU A 1 60  ? 10.546  8.322   1.388   1.00 22.64 ? 60   LEU X CD2 1 
ATOM   440  N  N   . GLU A 1 61  ? 8.406   10.835  5.717   1.00 20.68 ? 61   GLU X N   1 
ATOM   441  C  CA  . GLU A 1 61  ? 8.520   11.264  7.113   1.00 20.20 ? 61   GLU X CA  1 
ATOM   442  C  C   . GLU A 1 61  ? 8.148   10.158  8.109   1.00 19.02 ? 61   GLU X C   1 
ATOM   443  O  O   . GLU A 1 61  ? 8.822   9.975   9.124   1.00 21.24 ? 61   GLU X O   1 
ATOM   444  C  CB  . GLU A 1 61  ? 7.696   12.535  7.383   1.00 22.03 ? 61   GLU X CB  1 
ATOM   445  C  CG  . GLU A 1 61  ? 7.794   12.986  8.824   1.00 25.44 ? 61   GLU X CG  1 
ATOM   446  C  CD  . GLU A 1 61  ? 7.165   14.359  9.084   1.00 29.87 ? 61   GLU X CD  1 
ATOM   447  O  OE1 . GLU A 1 61  ? 6.696   14.999  8.132   1.00 33.75 ? 61   GLU X OE1 1 
ATOM   448  O  OE2 . GLU A 1 61  ? 7.133   14.773  10.251  1.00 35.30 ? 61   GLU X OE2 1 
ATOM   449  N  N   . VAL A 1 62  ? 7.136   9.362   7.789   1.00 17.57 ? 62   VAL X N   1 
ATOM   450  C  CA  . VAL A 1 62  ? 6.760   8.252   8.665   1.00 16.34 ? 62   VAL X CA  1 
ATOM   451  C  C   . VAL A 1 62  ? 7.903   7.211   8.751   1.00 16.27 ? 62   VAL X C   1 
ATOM   452  O  O   . VAL A 1 62  ? 8.238   6.730   9.819   1.00 17.71 ? 62   VAL X O   1 
ATOM   453  C  CB  . VAL A 1 62  ? 5.475   7.576   8.155   1.00 18.29 ? 62   VAL X CB  1 
ATOM   454  C  CG1 . VAL A 1 62  ? 5.159   6.336   8.967   1.00 20.78 ? 62   VAL X CG1 1 
ATOM   455  C  CG2 . VAL A 1 62  ? 4.319   8.556   8.186   1.00 19.06 ? 62   VAL X CG2 1 
ATOM   456  N  N   . ALA A 1 63  ? 8.507   6.916   7.616   1.00 15.48 ? 63   ALA X N   1 
ATOM   457  C  CA  . ALA A 1 63  ? 9.636   5.999   7.532   1.00 18.29 ? 63   ALA X CA  1 
ATOM   458  C  C   . ALA A 1 63  ? 10.864  6.522   8.269   1.00 20.26 ? 63   ALA X C   1 
ATOM   459  O  O   . ALA A 1 63  ? 11.575  5.749   8.897   1.00 22.96 ? 63   ALA X O   1 
ATOM   460  C  CB  . ALA A 1 63  ? 9.971   5.710   6.104   1.00 19.62 ? 63   ALA X CB  1 
ATOM   461  N  N   . GLU A 1 64  ? 11.088  7.835   8.236   1.00 20.59 ? 64   GLU X N   1 
ATOM   462  C  CA  . GLU A 1 64  ? 12.227  8.415   8.931   1.00 23.44 ? 64   GLU X CA  1 
ATOM   463  C  C   . GLU A 1 64  ? 12.022  8.417   10.443  1.00 24.42 ? 64   GLU X C   1 
ATOM   464  O  O   . GLU A 1 64  ? 12.969  8.200   11.200  1.00 23.03 ? 64   GLU X O   1 
ATOM   465  C  CB  . GLU A 1 64  ? 12.490  9.845   8.442   1.00 28.42 ? 64   GLU X CB  1 
ATOM   466  C  CG  . GLU A 1 64  ? 13.668  10.500  9.152   1.00 32.89 ? 64   GLU X CG  1 
ATOM   467  C  CD  . GLU A 1 64  ? 14.281  11.616  8.335   1.00 36.74 ? 64   GLU X CD  1 
ATOM   468  O  OE1 . GLU A 1 64  ? 13.537  12.557  7.993   1.00 39.43 ? 64   GLU X OE1 1 
ATOM   469  O  OE2 . GLU A 1 64  ? 15.495  11.528  8.019   1.00 42.24 ? 64   GLU X OE2 1 
ATOM   470  N  N   . LYS A 1 65  ? 10.787  8.657   10.882  1.00 18.95 ? 65   LYS X N   1 
ATOM   471  C  CA  . LYS A 1 65  ? 10.453  8.632   12.296  1.00 21.64 ? 65   LYS X CA  1 
ATOM   472  C  C   . LYS A 1 65  ? 10.428  7.204   12.880  1.00 21.04 ? 65   LYS X C   1 
ATOM   473  O  O   . LYS A 1 65  ? 10.565  7.025   14.088  1.00 20.56 ? 65   LYS X O   1 
ATOM   474  C  CB  . LYS A 1 65  ? 9.092   9.292   12.489  1.00 22.84 ? 65   LYS X CB  1 
ATOM   475  C  CG  . LYS A 1 65  ? 8.616   9.378   13.910  1.00 26.55 ? 65   LYS X CG  1 
ATOM   476  C  CD  . LYS A 1 65  ? 7.185   9.897   13.948  1.00 29.57 ? 65   LYS X CD  1 
ATOM   477  C  CE  . LYS A 1 65  ? 6.677   10.004  15.368  1.00 28.81 ? 65   LYS X CE  1 
ATOM   478  N  NZ  . LYS A 1 65  ? 5.239   9.771   15.394  1.00 28.47 ? 65   LYS X NZ  1 
ATOM   479  N  N   . ASN A 1 66  ? 10.169  6.225   12.019  1.00 16.92 ? 66   ASN X N   1 
ATOM   480  C  CA  . ASN A 1 66  ? 10.039  4.810   12.401  1.00 18.63 ? 66   ASN X CA  1 
ATOM   481  C  C   . ASN A 1 66  ? 10.875  3.953   11.476  1.00 18.05 ? 66   ASN X C   1 
ATOM   482  O  O   . ASN A 1 66  ? 10.354  3.239   10.610  1.00 17.78 ? 66   ASN X O   1 
ATOM   483  C  CB  . ASN A 1 66  ? 8.578   4.365   12.296  1.00 20.66 ? 66   ASN X CB  1 
ATOM   484  C  CG  . ASN A 1 66  ? 7.672   5.129   13.221  1.00 20.93 ? 66   ASN X CG  1 
ATOM   485  O  OD1 . ASN A 1 66  ? 7.521   4.784   14.406  1.00 18.61 ? 66   ASN X OD1 1 
ATOM   486  N  ND2 . ASN A 1 66  ? 7.029   6.166   12.685  1.00 20.29 ? 66   ASN X ND2 1 
ATOM   487  N  N   . PRO A 1 67  ? 12.191  4.014   11.643  1.00 19.29 ? 67   PRO X N   1 
ATOM   488  C  CA  . PRO A 1 67  ? 13.077  3.418   10.676  1.00 21.55 ? 67   PRO X CA  1 
ATOM   489  C  C   . PRO A 1 67  ? 12.971  1.901   10.530  1.00 19.11 ? 67   PRO X C   1 
ATOM   490  O  O   . PRO A 1 67  ? 13.350  1.378   9.506   1.00 23.58 ? 67   PRO X O   1 
ATOM   491  C  CB  . PRO A 1 67  ? 14.471  3.863   11.156  1.00 23.18 ? 67   PRO X CB  1 
ATOM   492  C  CG  . PRO A 1 67  ? 14.308  4.220   12.515  1.00 24.57 ? 67   PRO X CG  1 
ATOM   493  C  CD  . PRO A 1 67  ? 12.926  4.709   12.705  1.00 21.18 ? 67   PRO X CD  1 
ATOM   494  N  N   . ASP A 1 68  ? 12.397  1.211   11.512  1.00 19.72 ? 68   ASP X N   1 
ATOM   495  C  CA  . ASP A 1 68  ? 12.311  -0.251  11.452  1.00 21.18 ? 68   ASP X CA  1 
ATOM   496  C  C   . ASP A 1 68  ? 10.913  -0.745  11.072  1.00 19.64 ? 68   ASP X C   1 
ATOM   497  O  O   . ASP A 1 68  ? 10.665  -1.945  11.023  1.00 23.19 ? 68   ASP X O   1 
ATOM   498  C  CB  . ASP A 1 68  ? 12.692  -0.833  12.795  1.00 21.66 ? 68   ASP X CB  1 
ATOM   499  C  CG  . ASP A 1 68  ? 14.093  -0.449  13.209  1.00 23.23 ? 68   ASP X CG  1 
ATOM   500  O  OD1 . ASP A 1 68  ? 15.006  -0.800  12.476  1.00 23.42 ? 68   ASP X OD1 1 
ATOM   501  O  OD2 . ASP A 1 68  ? 14.257  0.257   14.212  1.00 27.15 ? 68   ASP X OD2 1 
ATOM   502  N  N   . MET A 1 69  ? 10.001  0.195   10.863  1.00 18.66 ? 69   MET X N   1 
ATOM   503  C  CA  . MET A 1 69  ? 8.575   -0.105  10.726  1.00 20.56 ? 69   MET X CA  1 
ATOM   504  C  C   . MET A 1 69  ? 8.309   -0.675  9.327   1.00 18.55 ? 69   MET X C   1 
ATOM   505  O  O   . MET A 1 69  ? 8.812   -0.141  8.339   1.00 18.53 ? 69   MET X O   1 
ATOM   506  C  CB  . MET A 1 69  ? 7.791   1.186   10.945  1.00 20.44 ? 69   MET X CB  1 
ATOM   507  C  CG  A MET A 1 69  ? 6.263   1.100   10.853  0.50 23.26 ? 69   MET X CG  1 
ATOM   508  C  CG  B MET A 1 69  ? 6.323   1.014   10.836  0.50 21.23 ? 69   MET X CG  1 
ATOM   509  S  SD  A MET A 1 69  ? 5.472   2.737   10.703  0.50 26.17 ? 69   MET X SD  1 
ATOM   510  S  SD  B MET A 1 69  ? 5.466   2.339   11.643  0.50 20.69 ? 69   MET X SD  1 
ATOM   511  C  CE  A MET A 1 69  ? 4.770   2.950   12.320  0.50 29.37 ? 69   MET X CE  1 
ATOM   512  C  CE  B MET A 1 69  ? 3.874   2.215   10.816  0.50 21.20 ? 69   MET X CE  1 
ATOM   513  N  N   . VAL A 1 70  ? 7.577   -1.787  9.272   1.00 15.96 ? 70   VAL X N   1 
ATOM   514  C  CA  . VAL A 1 70  ? 7.151   -2.394  8.036   1.00 17.90 ? 70   VAL X CA  1 
ATOM   515  C  C   . VAL A 1 70  ? 5.607   -2.341  7.943   1.00 19.56 ? 70   VAL X C   1 
ATOM   516  O  O   . VAL A 1 70  ? 4.935   -2.066  8.935   1.00 20.67 ? 70   VAL X O   1 
ATOM   517  C  CB  . VAL A 1 70  ? 7.618   -3.880  7.925   1.00 21.16 ? 70   VAL X CB  1 
ATOM   518  C  CG1 . VAL A 1 70  ? 9.167   -3.986  8.001   1.00 22.43 ? 70   VAL X CG1 1 
ATOM   519  C  CG2 . VAL A 1 70  ? 6.950   -4.747  9.002   1.00 20.77 ? 70   VAL X CG2 1 
ATOM   520  N  N   . TRP A 1 71  ? 5.060   -2.609  6.761   1.00 18.13 ? 71   TRP X N   1 
ATOM   521  C  CA  . TRP A 1 71  ? 3.610   -2.602  6.592   1.00 19.35 ? 71   TRP X CA  1 
ATOM   522  C  C   . TRP A 1 71  ? 3.029   -3.799  7.325   1.00 21.05 ? 71   TRP X C   1 
ATOM   523  O  O   . TRP A 1 71  ? 3.271   -4.947  6.942   1.00 20.33 ? 71   TRP X O   1 
ATOM   524  C  CB  . TRP A 1 71  ? 3.215   -2.674  5.111   1.00 18.61 ? 71   TRP X CB  1 
ATOM   525  C  CG  . TRP A 1 71  ? 3.329   -1.387  4.411   1.00 18.12 ? 71   TRP X CG  1 
ATOM   526  C  CD1 . TRP A 1 71  ? 4.216   -1.067  3.421   1.00 18.12 ? 71   TRP X CD1 1 
ATOM   527  C  CD2 . TRP A 1 71  ? 2.532   -0.208  4.633   1.00 16.48 ? 71   TRP X CD2 1 
ATOM   528  N  NE1 . TRP A 1 71  ? 4.004   0.214   3.001   1.00 18.22 ? 71   TRP X NE1 1 
ATOM   529  C  CE2 . TRP A 1 71  ? 2.979   0.767   3.731   1.00 15.79 ? 71   TRP X CE2 1 
ATOM   530  C  CE3 . TRP A 1 71  ? 1.509   0.122   5.536   1.00 16.55 ? 71   TRP X CE3 1 
ATOM   531  C  CZ2 . TRP A 1 71  ? 2.435   2.043   3.682   1.00 17.24 ? 71   TRP X CZ2 1 
ATOM   532  C  CZ3 . TRP A 1 71  ? 0.972   1.387   5.495   1.00 18.66 ? 71   TRP X CZ3 1 
ATOM   533  C  CH2 . TRP A 1 71  ? 1.419   2.330   4.558   1.00 18.42 ? 71   TRP X CH2 1 
ATOM   534  N  N   . SER A 1 72  ? 2.275   -3.524  8.390   1.00 18.78 ? 72   SER X N   1 
ATOM   535  C  CA  . SER A 1 72  ? 1.440   -4.545  8.987   1.00 20.12 ? 72   SER X CA  1 
ATOM   536  C  C   . SER A 1 72  ? 0.088   -4.597  8.274   1.00 19.81 ? 72   SER X C   1 
ATOM   537  O  O   . SER A 1 72  ? -0.289  -3.658  7.575   1.00 14.86 ? 72   SER X O   1 
ATOM   538  C  CB  . SER A 1 72  ? 1.218   -4.248  10.460  1.00 18.19 ? 72   SER X CB  1 
ATOM   539  O  OG  . SER A 1 72  ? 0.497   -3.060  10.627  1.00 16.34 ? 72   SER X OG  1 
ATOM   540  N  N   . GLU A 1 73  ? -0.643  -5.685  8.483   1.00 20.67 ? 73   GLU X N   1 
ATOM   541  C  CA  . GLU A 1 73  ? -1.963  -5.830  7.907   1.00 22.90 ? 73   GLU X CA  1 
ATOM   542  C  C   . GLU A 1 73  ? -2.882  -4.732  8.486   1.00 18.23 ? 73   GLU X C   1 
ATOM   543  O  O   . GLU A 1 73  ? -3.656  -4.111  7.768   1.00 18.62 ? 73   GLU X O   1 
ATOM   544  C  CB  . GLU A 1 73  ? -2.532  -7.241  8.177   1.00 27.00 ? 73   GLU X CB  1 
ATOM   545  C  CG  A GLU A 1 73  ? -1.500  -8.371  8.017   0.50 26.62 ? 73   GLU X CG  1 
ATOM   546  C  CG  B GLU A 1 73  ? -1.618  -8.408  7.712   0.50 29.01 ? 73   GLU X CG  1 
ATOM   547  C  CD  A GLU A 1 73  ? -0.648  -8.563  9.294   0.50 24.66 ? 73   GLU X CD  1 
ATOM   548  C  CD  B GLU A 1 73  ? -2.369  -9.556  6.976   0.50 29.56 ? 73   GLU X CD  1 
ATOM   549  O  OE1 A GLU A 1 73  ? -1.168  -9.113  10.294  0.50 21.77 ? 73   GLU X OE1 1 
ATOM   550  O  OE1 B GLU A 1 73  ? -3.593  -9.450  6.699   0.50 29.82 ? 73   GLU X OE1 1 
ATOM   551  O  OE2 A GLU A 1 73  ? 0.529   -8.126  9.311   0.50 19.63 ? 73   GLU X OE2 1 
ATOM   552  O  OE2 B GLU A 1 73  ? -1.712  -10.580 6.669   0.50 29.83 ? 73   GLU X OE2 1 
ATOM   553  N  N   . ALA A 1 74  ? -2.725  -4.447  9.766   1.00 20.24 ? 74   ALA X N   1 
ATOM   554  C  CA  . ALA A 1 74  ? -3.532  -3.431  10.410  1.00 21.63 ? 74   ALA X CA  1 
ATOM   555  C  C   . ALA A 1 74  ? -3.279  -2.058  9.788   1.00 22.16 ? 74   ALA X C   1 
ATOM   556  O  O   . ALA A 1 74  ? -4.229  -1.323  9.468   1.00 23.05 ? 74   ALA X O   1 
ATOM   557  C  CB  . ALA A 1 74  ? -3.244  -3.398  11.897  1.00 21.81 ? 74   ALA X CB  1 
ATOM   558  N  N   . ASP A 1 75  ? -2.001  -1.698  9.651   1.00 18.02 ? 75   ASP X N   1 
ATOM   559  C  CA  . ASP A 1 75  ? -1.627  -0.422  9.039   1.00 19.08 ? 75   ASP X CA  1 
ATOM   560  C  C   . ASP A 1 75  ? -2.100  -0.321  7.594   1.00 15.50 ? 75   ASP X C   1 
ATOM   561  O  O   . ASP A 1 75  ? -2.581  0.742   7.169   1.00 17.34 ? 75   ASP X O   1 
ATOM   562  C  CB  . ASP A 1 75  ? -0.121  -0.192  9.080   1.00 20.98 ? 75   ASP X CB  1 
ATOM   563  C  CG  . ASP A 1 75  ? 0.347   0.393   10.407  1.00 23.62 ? 75   ASP X CG  1 
ATOM   564  O  OD1 . ASP A 1 75  ? -0.201  1.417   10.856  1.00 24.85 ? 75   ASP X OD1 1 
ATOM   565  O  OD2 . ASP A 1 75  ? 1.256   -0.196  10.994  1.00 26.58 ? 75   ASP X OD2 1 
ATOM   566  N  N   . LEU A 1 76  ? -1.955  -1.400  6.836   1.00 16.01 ? 76   LEU X N   1 
ATOM   567  C  CA  . LEU A 1 76  ? -2.451  -1.409  5.449   1.00 16.34 ? 76   LEU X CA  1 
ATOM   568  C  C   . LEU A 1 76  ? -3.977  -1.165  5.379   1.00 15.82 ? 76   LEU X C   1 
ATOM   569  O  O   . LEU A 1 76  ? -4.461  -0.409  4.529   1.00 14.79 ? 76   LEU X O   1 
ATOM   570  C  CB  . LEU A 1 76  ? -2.087  -2.716  4.749   1.00 18.59 ? 76   LEU X CB  1 
ATOM   571  C  CG  . LEU A 1 76  ? -0.616  -2.754  4.302   1.00 17.90 ? 76   LEU X CG  1 
ATOM   572  C  CD1 . LEU A 1 76  ? -0.217  -4.177  3.985   1.00 21.25 ? 76   LEU X CD1 1 
ATOM   573  C  CD2 . LEU A 1 76  ? -0.363  -1.833  3.090   1.00 21.84 ? 76   LEU X CD2 1 
ATOM   574  N  N   . ILE A 1 77  ? -4.729  -1.833  6.237   1.00 15.98 ? 77   ILE X N   1 
ATOM   575  C  CA  . ILE A 1 77  ? -6.191  -1.631  6.275   1.00 15.70 ? 77   ILE X CA  1 
ATOM   576  C  C   . ILE A 1 77  ? -6.551  -0.174  6.549   1.00 17.84 ? 77   ILE X C   1 
ATOM   577  O  O   . ILE A 1 77  ? -7.415  0.404   5.872   1.00 18.84 ? 77   ILE X O   1 
ATOM   578  C  CB  . ILE A 1 77  ? -6.841  -2.554  7.311   1.00 18.54 ? 77   ILE X CB  1 
ATOM   579  C  CG1 . ILE A 1 77  ? -6.744  -4.015  6.836   1.00 19.88 ? 77   ILE X CG1 1 
ATOM   580  C  CG2 . ILE A 1 77  ? -8.309  -2.146  7.566   1.00 19.99 ? 77   ILE X CG2 1 
ATOM   581  C  CD1 . ILE A 1 77  ? -7.066  -5.063  7.935   1.00 21.41 ? 77   ILE X CD1 1 
ATOM   582  N  N   . GLU A 1 78  ? -5.880  0.440   7.516   1.00 16.12 ? 78   GLU X N   1 
ATOM   583  C  CA  . GLU A 1 78  ? -6.116  1.864   7.799   1.00 19.53 ? 78   GLU X CA  1 
ATOM   584  C  C   . GLU A 1 78  ? -5.707  2.772   6.637   1.00 16.04 ? 78   GLU X C   1 
ATOM   585  O  O   . GLU A 1 78  ? -6.464  3.630   6.224   1.00 17.18 ? 78   GLU X O   1 
ATOM   586  C  CB  . GLU A 1 78  ? -5.405  2.279   9.059   1.00 22.21 ? 78   GLU X CB  1 
ATOM   587  C  CG  . GLU A 1 78  ? -5.856  1.490   10.263  1.00 29.01 ? 78   GLU X CG  1 
ATOM   588  C  CD  . GLU A 1 78  ? -5.388  2.096   11.573  1.00 33.66 ? 78   GLU X CD  1 
ATOM   589  O  OE1 . GLU A 1 78  ? -4.809  3.203   11.547  1.00 38.63 ? 78   GLU X OE1 1 
ATOM   590  O  OE2 . GLU A 1 78  ? -5.612  1.456   12.629  1.00 39.78 ? 78   GLU X OE2 1 
ATOM   591  N  N   . TYR A 1 79  ? -4.527  2.543   6.088   1.00 18.02 ? 79   TYR X N   1 
ATOM   592  C  CA  . TYR A 1 79  ? -4.016  3.362   4.993   1.00 16.89 ? 79   TYR X CA  1 
ATOM   593  C  C   . TYR A 1 79  ? -4.888  3.298   3.742   1.00 17.11 ? 79   TYR X C   1 
ATOM   594  O  O   . TYR A 1 79  ? -5.192  4.342   3.135   1.00 15.85 ? 79   TYR X O   1 
ATOM   595  C  CB  . TYR A 1 79  ? -2.576  2.946   4.666   1.00 17.39 ? 79   TYR X CB  1 
ATOM   596  C  CG  . TYR A 1 79  ? -1.922  3.711   3.534   1.00 14.85 ? 79   TYR X CG  1 
ATOM   597  C  CD1 . TYR A 1 79  ? -1.332  4.947   3.753   1.00 17.02 ? 79   TYR X CD1 1 
ATOM   598  C  CD2 . TYR A 1 79  ? -1.881  3.188   2.243   1.00 20.70 ? 79   TYR X CD2 1 
ATOM   599  C  CE1 . TYR A 1 79  ? -0.720  5.645   2.722   1.00 15.55 ? 79   TYR X CE1 1 
ATOM   600  C  CE2 . TYR A 1 79  ? -1.264  3.879   1.200   1.00 17.14 ? 79   TYR X CE2 1 
ATOM   601  C  CZ  . TYR A 1 79  ? -0.693  5.120   1.457   1.00 16.92 ? 79   TYR X CZ  1 
ATOM   602  O  OH  . TYR A 1 79  ? -0.068  5.821   0.457   1.00 19.60 ? 79   TYR X OH  1 
ATOM   603  N  N   . VAL A 1 80  ? -5.301  2.098   3.341   1.00 15.90 ? 80   VAL X N   1 
ATOM   604  C  CA  . VAL A 1 80  ? -6.121  1.978   2.142   1.00 17.75 ? 80   VAL X CA  1 
ATOM   605  C  C   . VAL A 1 80  ? -7.551  2.524   2.335   1.00 17.32 ? 80   VAL X C   1 
ATOM   606  O  O   . VAL A 1 80  ? -8.229  2.877   1.360   1.00 18.63 ? 80   VAL X O   1 
ATOM   607  C  CB  . VAL A 1 80  ? -6.176  0.554   1.590   1.00 20.94 ? 80   VAL X CB  1 
ATOM   608  C  CG1 . VAL A 1 80  ? -4.768  0.083   1.194   1.00 20.38 ? 80   VAL X CG1 1 
ATOM   609  C  CG2 . VAL A 1 80  ? -6.838  -0.387  2.532   1.00 25.80 ? 80   VAL X CG2 1 
ATOM   610  N  N   . THR A 1 81  ? -8.009  2.570   3.578   1.00 14.16 ? 81   THR X N   1 
ATOM   611  C  CA  . THR A 1 81  ? -9.285  3.239   3.882   1.00 17.42 ? 81   THR X CA  1 
ATOM   612  C  C   . THR A 1 81  ? -9.202  4.725   3.509   1.00 17.80 ? 81   THR X C   1 
ATOM   613  O  O   . THR A 1 81  ? -10.095 5.271   2.837   1.00 18.09 ? 81   THR X O   1 
ATOM   614  C  CB  . THR A 1 81  ? -9.634  3.083   5.371   1.00 17.65 ? 81   THR X CB  1 
ATOM   615  O  OG1 . THR A 1 81  ? -9.759  1.679   5.668   1.00 17.90 ? 81   THR X OG1 1 
ATOM   616  C  CG2 . THR A 1 81  ? -10.941 3.799   5.718   1.00 20.33 ? 81   THR X CG2 1 
ATOM   617  N  N   . ASP A 1 82  ? -8.149  5.387   3.972   1.00 15.67 ? 82   ASP X N   1 
ATOM   618  C  CA  . ASP A 1 82  ? -7.883  6.776   3.588   1.00 18.66 ? 82   ASP X CA  1 
ATOM   619  C  C   . ASP A 1 82  ? -6.456  7.123   4.012   1.00 16.36 ? 82   ASP X C   1 
ATOM   620  O  O   . ASP A 1 82  ? -6.164  7.187   5.201   1.00 16.95 ? 82   ASP X O   1 
ATOM   621  C  CB  . ASP A 1 82  ? -8.870  7.732   4.261   1.00 20.59 ? 82   ASP X CB  1 
ATOM   622  C  CG  . ASP A 1 82  ? -8.759  9.158   3.735   1.00 22.14 ? 82   ASP X CG  1 
ATOM   623  O  OD1 . ASP A 1 82  ? -7.820  9.449   2.982   1.00 22.11 ? 82   ASP X OD1 1 
ATOM   624  O  OD2 . ASP A 1 82  ? -9.621  9.978   4.096   1.00 22.87 ? 82   ASP X OD2 1 
ATOM   625  N  N   . PRO A 1 83  ? -5.558  7.304   3.034   1.00 15.77 ? 83   PRO X N   1 
ATOM   626  C  CA  . PRO A 1 83  ? -4.156  7.569   3.357   1.00 16.38 ? 83   PRO X CA  1 
ATOM   627  C  C   . PRO A 1 83  ? -3.947  8.813   4.227   1.00 17.29 ? 83   PRO X C   1 
ATOM   628  O  O   . PRO A 1 83  ? -3.083  8.829   5.080   1.00 15.98 ? 83   PRO X O   1 
ATOM   629  C  CB  . PRO A 1 83  ? -3.513  7.724   1.986   1.00 19.50 ? 83   PRO X CB  1 
ATOM   630  C  CG  . PRO A 1 83  ? -4.382  6.887   1.087   1.00 19.17 ? 83   PRO X CG  1 
ATOM   631  C  CD  . PRO A 1 83  ? -5.761  7.127   1.592   1.00 17.17 ? 83   PRO X CD  1 
ATOM   632  N  N   . LYS A 1 84  ? -4.750  9.842   4.027   1.00 15.87 ? 84   LYS X N   1 
ATOM   633  C  CA  . LYS A 1 84  ? -4.471  11.120  4.654   1.00 17.66 ? 84   LYS X CA  1 
ATOM   634  C  C   . LYS A 1 84  ? -4.480  11.111  6.202   1.00 19.45 ? 84   LYS X C   1 
ATOM   635  O  O   . LYS A 1 84  ? -3.506  11.522  6.816   1.00 19.49 ? 84   LYS X O   1 
ATOM   636  C  CB  . LYS A 1 84  ? -5.383  12.212  4.084   1.00 19.46 ? 84   LYS X CB  1 
ATOM   637  C  CG  . LYS A 1 84  ? -5.201  13.538  4.757   1.00 21.03 ? 84   LYS X CG  1 
ATOM   638  C  CD  . LYS A 1 84  ? -3.879  14.207  4.350   1.00 19.21 ? 84   LYS X CD  1 
ATOM   639  C  CE  . LYS A 1 84  ? -3.797  15.572  4.977   1.00 20.91 ? 84   LYS X CE  1 
ATOM   640  N  NZ  . LYS A 1 84  ? -2.645  16.375  4.535   1.00 17.66 ? 84   LYS X NZ  1 
ATOM   641  N  N   . PRO A 1 85  ? -5.583  10.670  6.839   1.00 19.76 ? 85   PRO X N   1 
ATOM   642  C  CA  . PRO A 1 85  ? -5.597  10.652  8.303   1.00 20.15 ? 85   PRO X CA  1 
ATOM   643  C  C   . PRO A 1 85  ? -4.528  9.741   8.902   1.00 19.28 ? 85   PRO X C   1 
ATOM   644  O  O   . PRO A 1 85  ? -4.000  10.034  9.979   1.00 19.71 ? 85   PRO X O   1 
ATOM   645  C  CB  . PRO A 1 85  ? -6.989  10.107  8.664   1.00 21.85 ? 85   PRO X CB  1 
ATOM   646  C  CG  . PRO A 1 85  ? -7.706  9.898   7.442   1.00 22.13 ? 85   PRO X CG  1 
ATOM   647  C  CD  . PRO A 1 85  ? -6.866  10.257  6.253   1.00 21.53 ? 85   PRO X CD  1 
ATOM   648  N  N   . TRP A 1 86  ? -4.188  8.668   8.190   1.00 19.43 ? 86   TRP X N   1 
ATOM   649  C  CA  . TRP A 1 86  ? -3.105  7.776   8.613   1.00 19.23 ? 86   TRP X CA  1 
ATOM   650  C  C   . TRP A 1 86  ? -1.774  8.547   8.702   1.00 19.75 ? 86   TRP X C   1 
ATOM   651  O  O   . TRP A 1 86  ? -1.081  8.489   9.706   1.00 19.89 ? 86   TRP X O   1 
ATOM   652  C  CB  . TRP A 1 86  ? -3.010  6.574   7.663   1.00 20.28 ? 86   TRP X CB  1 
ATOM   653  C  CG  . TRP A 1 86  ? -2.070  5.476   8.102   1.00 19.57 ? 86   TRP X CG  1 
ATOM   654  C  CD1 . TRP A 1 86  ? -2.357  4.418   8.925   1.00 21.37 ? 86   TRP X CD1 1 
ATOM   655  C  CD2 . TRP A 1 86  ? -0.683  5.361   7.769   1.00 18.48 ? 86   TRP X CD2 1 
ATOM   656  N  NE1 . TRP A 1 86  ? -1.231  3.630   9.090   1.00 21.33 ? 86   TRP X NE1 1 
ATOM   657  C  CE2 . TRP A 1 86  ? -0.193  4.196   8.399   1.00 20.38 ? 86   TRP X CE2 1 
ATOM   658  C  CE3 . TRP A 1 86  ? 0.185   6.111   6.967   1.00 19.91 ? 86   TRP X CE3 1 
ATOM   659  C  CZ2 . TRP A 1 86  ? 1.126   3.776   8.270   1.00 20.71 ? 86   TRP X CZ2 1 
ATOM   660  C  CZ3 . TRP A 1 86  ? 1.500   5.685   6.829   1.00 21.43 ? 86   TRP X CZ3 1 
ATOM   661  C  CH2 . TRP A 1 86  ? 1.958   4.527   7.485   1.00 22.04 ? 86   TRP X CH2 1 
ATOM   662  N  N   . LEU A 1 87  ? -1.443  9.302   7.664   1.00 18.59 ? 87   LEU X N   1 
ATOM   663  C  CA  . LEU A 1 87  ? -0.226  10.114  7.671   1.00 16.99 ? 87   LEU X CA  1 
ATOM   664  C  C   . LEU A 1 87  ? -0.267  11.180  8.719   1.00 18.84 ? 87   LEU X C   1 
ATOM   665  O  O   . LEU A 1 87  ? 0.736   11.419  9.410   1.00 19.56 ? 87   LEU X O   1 
ATOM   666  C  CB  . LEU A 1 87  ? 0.001   10.749  6.301   1.00 16.61 ? 87   LEU X CB  1 
ATOM   667  C  CG  . LEU A 1 87  ? 0.331   9.770   5.198   1.00 19.82 ? 87   LEU X CG  1 
ATOM   668  C  CD1 . LEU A 1 87  ? 0.155   10.422  3.867   1.00 20.03 ? 87   LEU X CD1 1 
ATOM   669  C  CD2 . LEU A 1 87  ? 1.725   9.208   5.362   1.00 20.63 ? 87   LEU X CD2 1 
ATOM   670  N  N   . VAL A 1 88  ? -1.434  11.812  8.873   1.00 20.49 ? 88   VAL X N   1 
ATOM   671  C  CA  . VAL A 1 88  ? -1.591  12.859  9.890   1.00 18.72 ? 88   VAL X CA  1 
ATOM   672  C  C   . VAL A 1 88  ? -1.345  12.311  11.306  1.00 19.31 ? 88   VAL X C   1 
ATOM   673  O  O   . VAL A 1 88  ? -0.617  12.920  12.082  1.00 19.35 ? 88   VAL X O   1 
ATOM   674  C  CB  . VAL A 1 88  ? -2.948  13.557  9.814   1.00 19.86 ? 88   VAL X CB  1 
ATOM   675  C  CG1 . VAL A 1 88  ? -3.117  14.557  10.992  1.00 21.49 ? 88   VAL X CG1 1 
ATOM   676  C  CG2 . VAL A 1 88  ? -3.081  14.297  8.493   1.00 22.10 ? 88   VAL X CG2 1 
ATOM   677  N  N   . GLU A 1 89  ? -1.884  11.136  11.601  1.00 21.28 ? 89   GLU X N   1 
ATOM   678  C  CA  . GLU A 1 89  ? -1.731  10.530  12.923  1.00 23.77 ? 89   GLU X CA  1 
ATOM   679  C  C   . GLU A 1 89  ? -0.268  10.241  13.196  1.00 24.57 ? 89   GLU X C   1 
ATOM   680  O  O   . GLU A 1 89  ? 0.221   10.555  14.277  1.00 24.77 ? 89   GLU X O   1 
ATOM   681  C  CB  . GLU A 1 89  ? -2.558  9.232   13.020  1.00 29.38 ? 89   GLU X CB  1 
ATOM   682  C  CG  . GLU A 1 89  ? -2.515  8.542   14.377  1.00 33.70 ? 89   GLU X CG  1 
ATOM   683  C  CD  . GLU A 1 89  ? -3.251  7.180   14.394  1.00 38.37 ? 89   GLU X CD  1 
ATOM   684  O  OE1 . GLU A 1 89  ? -3.815  6.769   13.351  1.00 44.00 ? 89   GLU X OE1 1 
ATOM   685  O  OE2 . GLU A 1 89  ? -3.256  6.512   15.460  1.00 45.60 ? 89   GLU X OE2 1 
ATOM   686  N  N   . LYS A 1 90  ? 0.433   9.675   12.206  1.00 22.47 ? 90   LYS X N   1 
ATOM   687  C  CA  . LYS A 1 90  ? 1.840   9.296   12.375  1.00 24.77 ? 90   LYS X CA  1 
ATOM   688  C  C   . LYS A 1 90  ? 2.801   10.505  12.418  1.00 28.88 ? 90   LYS X C   1 
ATOM   689  O  O   . LYS A 1 90  ? 3.784   10.490  13.159  1.00 34.94 ? 90   LYS X O   1 
ATOM   690  C  CB  . LYS A 1 90  ? 2.312   8.348   11.264  1.00 25.73 ? 90   LYS X CB  1 
ATOM   691  C  CG  . LYS A 1 90  ? 1.463   7.118   10.971  1.00 28.84 ? 90   LYS X CG  1 
ATOM   692  C  CD  . LYS A 1 90  ? 1.423   6.141   12.110  1.00 30.86 ? 90   LYS X CD  1 
ATOM   693  C  CE  . LYS A 1 90  ? 0.339   5.099   11.899  1.00 31.10 ? 90   LYS X CE  1 
ATOM   694  N  NZ  . LYS A 1 90  ? -0.413  4.853   13.170  1.00 31.57 ? 90   LYS X NZ  1 
ATOM   695  N  N   . THR A 1 91  ? 2.561   11.526  11.597  1.00 25.41 ? 91   THR X N   1 
ATOM   696  C  CA  . THR A 1 91  ? 3.496   12.639  11.502  1.00 22.86 ? 91   THR X CA  1 
ATOM   697  C  C   . THR A 1 91  ? 3.157   13.753  12.474  1.00 25.66 ? 91   THR X C   1 
ATOM   698  O  O   . THR A 1 91  ? 3.992   14.587  12.768  1.00 24.15 ? 91   THR X O   1 
ATOM   699  C  CB  . THR A 1 91  ? 3.517   13.287  10.095  1.00 22.02 ? 91   THR X CB  1 
ATOM   700  O  OG1 . THR A 1 91  ? 2.201   13.761  9.774   1.00 22.15 ? 91   THR X OG1 1 
ATOM   701  C  CG2 . THR A 1 91  ? 4.010   12.317  9.042   1.00 20.83 ? 91   THR X CG2 1 
ATOM   702  N  N   . GLY A 1 92  ? 1.907   13.811  12.900  1.00 24.51 ? 92   GLY X N   1 
ATOM   703  C  CA  . GLY A 1 92  ? 1.402   14.965  13.649  1.00 26.39 ? 92   GLY X CA  1 
ATOM   704  C  C   . GLY A 1 92  ? 1.313   16.256  12.850  1.00 28.47 ? 92   GLY X C   1 
ATOM   705  O  O   . GLY A 1 92  ? 1.307   17.344  13.429  1.00 27.88 ? 92   GLY X O   1 
ATOM   706  N  N   . ASP A 1 93  ? 1.184   16.142  11.527  1.00 24.70 ? 93   ASP X N   1 
ATOM   707  C  CA  . ASP A 1 93  ? 1.185   17.306  10.628  1.00 23.26 ? 93   ASP X CA  1 
ATOM   708  C  C   . ASP A 1 93  ? -0.065  17.236  9.798   1.00 22.48 ? 93   ASP X C   1 
ATOM   709  O  O   . ASP A 1 93  ? -0.189  16.383  8.930   1.00 20.94 ? 93   ASP X O   1 
ATOM   710  C  CB  . ASP A 1 93  ? 2.411   17.234  9.705   1.00 26.39 ? 93   ASP X CB  1 
ATOM   711  C  CG  . ASP A 1 93  ? 2.563   18.447  8.813   1.00 28.94 ? 93   ASP X CG  1 
ATOM   712  O  OD1 . ASP A 1 93  ? 1.704   19.344  8.841   1.00 25.28 ? 93   ASP X OD1 1 
ATOM   713  O  OD2 . ASP A 1 93  ? 3.563   18.479  8.062   1.00 32.87 ? 93   ASP X OD2 1 
ATOM   714  N  N   . SER A 1 94  ? -1.010  18.128  10.038  1.00 21.99 ? 94   SER X N   1 
ATOM   715  C  CA  . SER A 1 94  ? -2.249  18.065  9.294   1.00 22.30 ? 94   SER X CA  1 
ATOM   716  C  C   . SER A 1 94  ? -2.037  18.311  7.794   1.00 19.38 ? 94   SER X C   1 
ATOM   717  O  O   . SER A 1 94  ? -2.890  17.947  6.990   1.00 19.04 ? 94   SER X O   1 
ATOM   718  C  CB  . SER A 1 94  ? -3.243  19.075  9.836   1.00 25.40 ? 94   SER X CB  1 
ATOM   719  O  OG  . SER A 1 94  ? -2.799  20.388  9.583   1.00 28.66 ? 94   SER X OG  1 
ATOM   720  N  N   . ALA A 1 95  ? -0.926  18.956  7.447   1.00 18.65 ? 95   ALA X N   1 
ATOM   721  C  CA  . ALA A 1 95  ? -0.577  19.260  6.061   1.00 17.13 ? 95   ALA X CA  1 
ATOM   722  C  C   . ALA A 1 95  ? 0.330   18.203  5.430   1.00 17.31 ? 95   ALA X C   1 
ATOM   723  O  O   . ALA A 1 95  ? 0.901   18.422  4.351   1.00 22.16 ? 95   ALA X O   1 
ATOM   724  C  CB  . ALA A 1 95  ? 0.097   20.607  5.979   1.00 20.99 ? 95   ALA X CB  1 
ATOM   725  N  N   . ALA A 1 96  ? 0.453   17.046  6.068   1.00 17.44 ? 96   ALA X N   1 
ATOM   726  C  CA  . ALA A 1 96  ? 1.363   16.001  5.553   1.00 19.12 ? 96   ALA X CA  1 
ATOM   727  C  C   . ALA A 1 96  ? 0.991   15.626  4.123   1.00 17.28 ? 96   ALA X C   1 
ATOM   728  O  O   . ALA A 1 96  ? -0.179  15.394  3.818   1.00 22.74 ? 96   ALA X O   1 
ATOM   729  C  CB  . ALA A 1 96  ? 1.317   14.786  6.432   1.00 19.65 ? 96   ALA X CB  1 
ATOM   730  N  N   . LYS A 1 97  ? 1.997   15.560  3.250   1.00 18.28 ? 97   LYS X N   1 
ATOM   731  C  CA  . LYS A 1 97  ? 1.765   15.327  1.834   1.00 17.73 ? 97   LYS X CA  1 
ATOM   732  C  C   . LYS A 1 97  ? 1.443   13.876  1.567   1.00 18.84 ? 97   LYS X C   1 
ATOM   733  O  O   . LYS A 1 97  ? 2.146   13.005  2.042   1.00 18.63 ? 97   LYS X O   1 
ATOM   734  C  CB  . LYS A 1 97  ? 3.019   15.693  1.040   1.00 19.72 ? 97   LYS X CB  1 
ATOM   735  C  CG  . LYS A 1 97  ? 2.973   15.256  -0.400  1.00 19.21 ? 97   LYS X CG  1 
ATOM   736  C  CD  . LYS A 1 97  ? 1.943   16.074  -1.194  1.00 19.78 ? 97   LYS X CD  1 
ATOM   737  C  CE  . LYS A 1 97  ? 1.876   15.662  -2.651  1.00 20.15 ? 97   LYS X CE  1 
ATOM   738  N  NZ  . LYS A 1 97  ? 0.950   16.556  -3.459  1.00 18.64 ? 97   LYS X NZ  1 
ATOM   739  N  N   . THR A 1 98  ? 0.414   13.640  0.761   1.00 16.82 ? 98   THR X N   1 
ATOM   740  C  CA  . THR A 1 98  ? 0.136   12.329  0.211   1.00 16.01 ? 98   THR X CA  1 
ATOM   741  C  C   . THR A 1 98  ? 0.043   12.382  -1.308  1.00 17.21 ? 98   THR X C   1 
ATOM   742  O  O   . THR A 1 98  ? -0.579  13.275  -1.863  1.00 18.55 ? 98   THR X O   1 
ATOM   743  C  CB  . THR A 1 98  ? -1.142  11.709  0.813   1.00 15.02 ? 98   THR X CB  1 
ATOM   744  O  OG1 . THR A 1 98  ? -1.251  10.368  0.349   1.00 17.71 ? 98   THR X OG1 1 
ATOM   745  C  CG2 . THR A 1 98  ? -2.386  12.475  0.429   1.00 20.03 ? 98   THR X CG2 1 
ATOM   746  N  N   . LYS A 1 99  ? 0.709   11.459  -1.991  1.00 15.38 ? 99   LYS X N   1 
ATOM   747  C  CA  . LYS A 1 99  ? 0.538   11.326  -3.434  1.00 16.32 ? 99   LYS X CA  1 
ATOM   748  C  C   . LYS A 1 99  ? -0.619  10.421  -3.801  1.00 19.56 ? 99   LYS X C   1 
ATOM   749  O  O   . LYS A 1 99  ? -1.022  10.368  -4.969  1.00 19.30 ? 99   LYS X O   1 
ATOM   750  C  CB  . LYS A 1 99  ? 1.835   10.869  -4.110  1.00 18.92 ? 99   LYS X CB  1 
ATOM   751  C  CG  . LYS A 1 99  ? 2.890   11.931  -4.072  1.00 20.51 ? 99   LYS X CG  1 
ATOM   752  C  CD  A LYS A 1 99  ? 4.182   11.518  -4.758  0.50 21.02 ? 99   LYS X CD  1 
ATOM   753  C  CD  B LYS A 1 99  ? 4.129   11.510  -4.856  0.50 20.84 ? 99   LYS X CD  1 
ATOM   754  C  CE  A LYS A 1 99  ? 3.995   11.182  -6.212  0.50 21.80 ? 99   LYS X CE  1 
ATOM   755  C  CE  B LYS A 1 99  ? 5.142   12.636  -4.972  0.50 21.66 ? 99   LYS X CE  1 
ATOM   756  N  NZ  A LYS A 1 99  ? 5.324   10.864  -6.826  0.50 23.23 ? 99   LYS X NZ  1 
ATOM   757  N  NZ  B LYS A 1 99  ? 6.179   12.314  -6.013  0.50 22.51 ? 99   LYS X NZ  1 
ATOM   758  N  N   . MET A 1 100 ? -1.195  9.739   -2.804  1.00 17.32 ? 100  MET X N   1 
ATOM   759  C  CA  . MET A 1 100 ? -2.308  8.854   -3.042  1.00 16.25 ? 100  MET X CA  1 
ATOM   760  C  C   . MET A 1 100 ? -3.519  9.363   -2.246  1.00 17.57 ? 100  MET X C   1 
ATOM   761  O  O   . MET A 1 100 ? -3.455  9.470   -1.036  1.00 17.02 ? 100  MET X O   1 
ATOM   762  C  CB  . MET A 1 100 ? -1.973  7.443   -2.588  1.00 17.33 ? 100  MET X CB  1 
ATOM   763  C  CG  . MET A 1 100 ? -3.093  6.437   -2.867  1.00 15.80 ? 100  MET X CG  1 
ATOM   764  S  SD  . MET A 1 100 ? -2.697  4.798   -2.232  1.00 16.15 ? 100  MET X SD  1 
ATOM   765  C  CE  . MET A 1 100 ? -4.344  4.249   -1.803  1.00 17.38 ? 100  MET X CE  1 
ATOM   766  N  N   . THR A 1 101 ? -4.611  9.672   -2.933  1.00 18.85 ? 101  THR X N   1 
ATOM   767  C  CA  . THR A 1 101 ? -5.809  10.141  -2.229  1.00 18.78 ? 101  THR X CA  1 
ATOM   768  C  C   . THR A 1 101 ? -6.995  9.212   -2.449  1.00 21.46 ? 101  THR X C   1 
ATOM   769  O  O   . THR A 1 101 ? -8.062  9.428   -1.872  1.00 22.54 ? 101  THR X O   1 
ATOM   770  C  CB  . THR A 1 101 ? -6.235  11.550  -2.693  1.00 21.21 ? 101  THR X CB  1 
ATOM   771  O  OG1 . THR A 1 101 ? -6.429  11.540  -4.104  1.00 23.32 ? 101  THR X OG1 1 
ATOM   772  C  CG2 . THR A 1 101 ? -5.210  12.582  -2.321  1.00 23.57 ? 101  THR X CG2 1 
ATOM   773  N  N   . PHE A 1 102 ? -6.809  8.168   -3.253  1.00 19.95 ? 102  PHE X N   1 
ATOM   774  C  CA  . PHE A 1 102 ? -7.862  7.189   -3.466  1.00 19.85 ? 102  PHE X CA  1 
ATOM   775  C  C   . PHE A 1 102 ? -8.281  6.550   -2.150  1.00 20.30 ? 102  PHE X C   1 
ATOM   776  O  O   . PHE A 1 102 ? -7.429  6.134   -1.338  1.00 21.25 ? 102  PHE X O   1 
ATOM   777  C  CB  . PHE A 1 102 ? -7.395  6.102   -4.439  1.00 21.91 ? 102  PHE X CB  1 
ATOM   778  C  CG  . PHE A 1 102 ? -8.488  5.177   -4.869  1.00 20.44 ? 102  PHE X CG  1 
ATOM   779  C  CD1 . PHE A 1 102 ? -8.775  4.043   -4.135  1.00 23.16 ? 102  PHE X CD1 1 
ATOM   780  C  CD2 . PHE A 1 102 ? -9.191  5.416   -6.032  1.00 22.00 ? 102  PHE X CD2 1 
ATOM   781  C  CE1 . PHE A 1 102 ? -9.782  3.174   -4.535  1.00 24.65 ? 102  PHE X CE1 1 
ATOM   782  C  CE2 . PHE A 1 102 ? -10.187 4.551   -6.453  1.00 22.31 ? 102  PHE X CE2 1 
ATOM   783  C  CZ  . PHE A 1 102 ? -10.517 3.454   -5.682  1.00 24.37 ? 102  PHE X CZ  1 
ATOM   784  N  N   . LYS A 1 103 ? -9.587  6.422   -1.948  1.00 17.79 ? 103  LYS X N   1 
ATOM   785  C  CA  . LYS A 1 103 ? -10.117 5.894   -0.705  1.00 20.85 ? 103  LYS X CA  1 
ATOM   786  C  C   . LYS A 1 103 ? -10.902 4.612   -0.970  1.00 21.97 ? 103  LYS X C   1 
ATOM   787  O  O   . LYS A 1 103 ? -11.686 4.556   -1.915  1.00 20.99 ? 103  LYS X O   1 
ATOM   788  C  CB  . LYS A 1 103 ? -11.068 6.903   -0.064  1.00 23.46 ? 103  LYS X CB  1 
ATOM   789  C  CG  . LYS A 1 103 ? -10.417 8.166   0.455   1.00 25.10 ? 103  LYS X CG  1 
ATOM   790  C  CD  . LYS A 1 103 ? -11.489 9.107   1.016   1.00 29.93 ? 103  LYS X CD  1 
ATOM   791  C  CE  . LYS A 1 103 ? -11.122 10.535  0.798   1.00 34.97 ? 103  LYS X CE  1 
ATOM   792  N  NZ  . LYS A 1 103 ? -10.798 10.799  -0.629  1.00 40.07 ? 103  LYS X NZ  1 
ATOM   793  N  N   . LEU A 1 104 ? -10.676 3.588   -0.150  1.00 19.62 ? 104  LEU X N   1 
ATOM   794  C  CA  . LEU A 1 104 ? -11.446 2.354   -0.229  1.00 21.20 ? 104  LEU X CA  1 
ATOM   795  C  C   . LEU A 1 104 ? -12.211 2.177   1.082   1.00 23.33 ? 104  LEU X C   1 
ATOM   796  O  O   . LEU A 1 104 ? -11.626 1.850   2.115   1.00 27.00 ? 104  LEU X O   1 
ATOM   797  C  CB  . LEU A 1 104 ? -10.537 1.155   -0.484  1.00 21.65 ? 104  LEU X CB  1 
ATOM   798  C  CG  . LEU A 1 104 ? -11.239 -0.192  -0.741  1.00 21.61 ? 104  LEU X CG  1 
ATOM   799  C  CD1 . LEU A 1 104 ? -12.016 -0.215  -2.068  1.00 26.36 ? 104  LEU X CD1 1 
ATOM   800  C  CD2 . LEU A 1 104 ? -10.239 -1.344  -0.667  1.00 25.29 ? 104  LEU X CD2 1 
ATOM   801  N  N   . GLY A 1 105 ? -13.522 2.389   1.025   1.00 25.95 ? 105  GLY X N   1 
ATOM   802  C  CA  . GLY A 1 105 ? -14.345 2.405   2.227   1.00 26.92 ? 105  GLY X CA  1 
ATOM   803  C  C   . GLY A 1 105 ? -14.940 1.056   2.589   1.00 28.91 ? 105  GLY X C   1 
ATOM   804  O  O   . GLY A 1 105 ? -15.588 0.912   3.631   1.00 28.57 ? 105  GLY X O   1 
ATOM   805  N  N   . LYS A 1 106 ? -14.736 0.058   1.736   1.00 24.58 ? 106  LYS X N   1 
ATOM   806  C  CA  . LYS A 1 106 ? -15.168 -1.281  2.076   1.00 25.29 ? 106  LYS X CA  1 
ATOM   807  C  C   . LYS A 1 106 ? -14.242 -2.334  1.519   1.00 22.70 ? 106  LYS X C   1 
ATOM   808  O  O   . LYS A 1 106 ? -13.485 -2.070  0.583   1.00 20.22 ? 106  LYS X O   1 
ATOM   809  C  CB  . LYS A 1 106 ? -16.582 -1.532  1.559   1.00 30.48 ? 106  LYS X CB  1 
ATOM   810  C  CG  . LYS A 1 106 ? -16.712 -1.396  0.088   1.00 31.97 ? 106  LYS X CG  1 
ATOM   811  C  CD  . LYS A 1 106 ? -18.176 -1.394  -0.313  1.00 34.23 ? 106  LYS X CD  1 
ATOM   812  C  CE  . LYS A 1 106 ? -18.340 -1.668  -1.785  1.00 35.70 ? 106  LYS X CE  1 
ATOM   813  N  NZ  . LYS A 1 106 ? -19.768 -2.020  -2.080  1.00 38.69 ? 106  LYS X NZ  1 
ATOM   814  N  N   . ASN A 1 107 ? -14.330 -3.528  2.103   1.00 19.66 ? 107  ASN X N   1 
ATOM   815  C  CA  . ASN A 1 107 ? -13.563 -4.686  1.672   1.00 17.93 ? 107  ASN X CA  1 
ATOM   816  C  C   . ASN A 1 107 ? -12.058 -4.514  1.851   1.00 17.44 ? 107  ASN X C   1 
ATOM   817  O  O   . ASN A 1 107 ? -11.257 -5.155  1.141   1.00 17.54 ? 107  ASN X O   1 
ATOM   818  C  CB  . ASN A 1 107 ? -13.877 -5.002  0.220   1.00 17.11 ? 107  ASN X CB  1 
ATOM   819  C  CG  . ASN A 1 107 ? -15.350 -5.300  0.004   1.00 20.76 ? 107  ASN X CG  1 
ATOM   820  O  OD1 . ASN A 1 107 ? -16.000 -5.892  0.872   1.00 21.69 ? 107  ASN X OD1 1 
ATOM   821  N  ND2 . ASN A 1 107 ? -15.897 -4.803  -1.085  1.00 19.98 ? 107  ASN X ND2 1 
ATOM   822  N  N   . GLN A 1 108 ? -11.667 -3.698  2.824   1.00 17.24 ? 108  GLN X N   1 
ATOM   823  C  CA  . GLN A 1 108 ? -10.253 -3.357  2.973   1.00 19.82 ? 108  GLN X CA  1 
ATOM   824  C  C   . GLN A 1 108 ? -9.467  -4.573  3.429   1.00 19.50 ? 108  GLN X C   1 
ATOM   825  O  O   . GLN A 1 108 ? -8.383  -4.839  2.908   1.00 18.14 ? 108  GLN X O   1 
ATOM   826  C  CB  . GLN A 1 108 ? -10.040 -2.196  3.931   1.00 20.73 ? 108  GLN X CB  1 
ATOM   827  C  CG  . GLN A 1 108 ? -10.791 -0.940  3.571   1.00 20.20 ? 108  GLN X CG  1 
ATOM   828  C  CD  . GLN A 1 108 ? -12.090 -0.802  4.377   1.00 22.76 ? 108  GLN X CD  1 
ATOM   829  O  OE1 . GLN A 1 108 ? -12.874 -1.737  4.446   1.00 20.17 ? 108  GLN X OE1 1 
ATOM   830  N  NE2 . GLN A 1 108 ? -12.318 0.374   4.966   1.00 25.12 ? 108  GLN X NE2 1 
ATOM   831  N  N   . ALA A 1 109 ? -9.995  -5.307  4.412   1.00 18.27 ? 109  ALA X N   1 
ATOM   832  C  CA  . ALA A 1 109 ? -9.306  -6.498  4.912   1.00 19.35 ? 109  ALA X CA  1 
ATOM   833  C  C   . ALA A 1 109 ? -9.115  -7.538  3.822   1.00 18.88 ? 109  ALA X C   1 
ATOM   834  O  O   . ALA A 1 109 ? -8.084  -8.209  3.762   1.00 17.80 ? 109  ALA X O   1 
ATOM   835  C  CB  . ALA A 1 109 ? -10.055 -7.103  6.121   1.00 20.56 ? 109  ALA X CB  1 
ATOM   836  N  N   . ASP A 1 110 ? -10.083 -7.624  2.926   1.00 16.05 ? 110  ASP X N   1 
ATOM   837  C  CA  . ASP A 1 110 ? -10.024 -8.573  1.824   1.00 17.10 ? 110  ASP X CA  1 
ATOM   838  C  C   . ASP A 1 110 ? -8.941  -8.213  0.805   1.00 18.08 ? 110  ASP X C   1 
ATOM   839  O  O   . ASP A 1 110 ? -8.167  -9.065  0.398   1.00 13.73 ? 110  ASP X O   1 
ATOM   840  C  CB  . ASP A 1 110 ? -11.373 -8.650  1.127   1.00 16.86 ? 110  ASP X CB  1 
ATOM   841  C  CG  . ASP A 1 110 ? -12.450 -9.315  1.994   1.00 18.89 ? 110  ASP X CG  1 
ATOM   842  O  OD1 . ASP A 1 110 ? -12.114 -9.944  3.024   1.00 17.49 ? 110  ASP X OD1 1 
ATOM   843  O  OD2 . ASP A 1 110 ? -13.624 -9.207  1.616   1.00 19.88 ? 110  ASP X OD2 1 
ATOM   844  N  N   . VAL A 1 111 ? -8.862  -6.946  0.418   1.00 17.51 ? 111  VAL X N   1 
ATOM   845  C  CA  . VAL A 1 111 ? -7.775  -6.508  -0.467  1.00 18.37 ? 111  VAL X CA  1 
ATOM   846  C  C   . VAL A 1 111 ? -6.419  -6.743  0.164   1.00 17.61 ? 111  VAL X C   1 
ATOM   847  O  O   . VAL A 1 111 ? -5.486  -7.223  -0.503  1.00 17.70 ? 111  VAL X O   1 
ATOM   848  C  CB  . VAL A 1 111 ? -7.931  -5.037  -0.850  1.00 22.01 ? 111  VAL X CB  1 
ATOM   849  C  CG1 . VAL A 1 111 ? -6.694  -4.534  -1.535  1.00 23.20 ? 111  VAL X CG1 1 
ATOM   850  C  CG2 . VAL A 1 111 ? -9.155  -4.878  -1.733  1.00 23.32 ? 111  VAL X CG2 1 
ATOM   851  N  N   . VAL A 1 112 ? -6.301  -6.453  1.456   1.00 16.28 ? 112  VAL X N   1 
ATOM   852  C  CA  . VAL A 1 112 ? -5.046  -6.704  2.174   1.00 18.26 ? 112  VAL X CA  1 
ATOM   853  C  C   . VAL A 1 112 ? -4.706  -8.205  2.238   1.00 17.95 ? 112  VAL X C   1 
ATOM   854  O  O   . VAL A 1 112 ? -3.557  -8.599  2.042   1.00 16.78 ? 112  VAL X O   1 
ATOM   855  C  CB  . VAL A 1 112 ? -5.072  -6.083  3.572   1.00 18.80 ? 112  VAL X CB  1 
ATOM   856  C  CG1 . VAL A 1 112 ? -3.869  -6.574  4.405   1.00 20.54 ? 112  VAL X CG1 1 
ATOM   857  C  CG2 . VAL A 1 112 ? -5.076  -4.584  3.459   1.00 20.78 ? 112  VAL X CG2 1 
ATOM   858  N  N   . ALA A 1 113 ? -5.717  -9.061  2.387   1.00 18.85 ? 113  ALA X N   1 
ATOM   859  C  CA  . ALA A 1 113 ? -5.486  -10.506 2.335   1.00 16.96 ? 113  ALA X CA  1 
ATOM   860  C  C   . ALA A 1 113 ? -4.937  -10.974 0.993   1.00 17.18 ? 113  ALA X C   1 
ATOM   861  O  O   . ALA A 1 113 ? -4.063  -11.856 0.924   1.00 16.70 ? 113  ALA X O   1 
ATOM   862  C  CB  . ALA A 1 113 ? -6.764  -11.267 2.666   1.00 20.63 ? 113  ALA X CB  1 
ATOM   863  N  N   . PHE A 1 114 ? -5.468  -10.413 -0.082  1.00 16.67 ? 114  PHE X N   1 
ATOM   864  C  CA  . PHE A 1 114 ? -4.971  -10.695 -1.420  1.00 16.01 ? 114  PHE X CA  1 
ATOM   865  C  C   . PHE A 1 114 ? -3.490  -10.301 -1.550  1.00 16.92 ? 114  PHE X C   1 
ATOM   866  O  O   . PHE A 1 114 ? -2.665  -11.073 -2.035  1.00 17.68 ? 114  PHE X O   1 
ATOM   867  C  CB  . PHE A 1 114 ? -5.795  -9.892  -2.446  1.00 19.56 ? 114  PHE X CB  1 
ATOM   868  C  CG  . PHE A 1 114 ? -5.221  -9.926  -3.834  1.00 19.59 ? 114  PHE X CG  1 
ATOM   869  C  CD1 . PHE A 1 114 ? -5.065  -11.127 -4.500  1.00 22.15 ? 114  PHE X CD1 1 
ATOM   870  C  CD2 . PHE A 1 114 ? -4.790  -8.771  -4.440  1.00 20.74 ? 114  PHE X CD2 1 
ATOM   871  C  CE1 . PHE A 1 114 ? -4.537  -11.173 -5.770  1.00 22.98 ? 114  PHE X CE1 1 
ATOM   872  C  CE2 . PHE A 1 114 ? -4.255  -8.803  -5.714  1.00 20.89 ? 114  PHE X CE2 1 
ATOM   873  C  CZ  . PHE A 1 114 ? -4.098  -10.009 -6.363  1.00 21.08 ? 114  PHE X CZ  1 
ATOM   874  N  N   . LEU A 1 115 ? -3.159  -9.111  -1.085  1.00 17.15 ? 115  LEU X N   1 
ATOM   875  C  CA  . LEU A 1 115 ? -1.768  -8.661  -1.132  1.00 18.03 ? 115  LEU X CA  1 
ATOM   876  C  C   . LEU A 1 115 ? -0.855  -9.572  -0.291  1.00 19.36 ? 115  LEU X C   1 
ATOM   877  O  O   . LEU A 1 115 ? 0.278   -9.822  -0.658  1.00 19.17 ? 115  LEU X O   1 
ATOM   878  C  CB  . LEU A 1 115 ? -1.662  -7.200  -0.689  1.00 20.62 ? 115  LEU X CB  1 
ATOM   879  C  CG  . LEU A 1 115 ? -2.403  -6.225  -1.624  1.00 21.44 ? 115  LEU X CG  1 
ATOM   880  C  CD1 . LEU A 1 115 ? -2.372  -4.858  -1.023  1.00 24.87 ? 115  LEU X CD1 1 
ATOM   881  C  CD2 . LEU A 1 115 ? -1.757  -6.215  -3.008  1.00 23.69 ? 115  LEU X CD2 1 
ATOM   882  N  N   . ALA A 1 116 ? -1.363  -10.063 0.829   1.00 18.07 ? 116  ALA X N   1 
ATOM   883  C  CA  . ALA A 1 116 ? -0.591  -10.919 1.727   1.00 20.33 ? 116  ALA X CA  1 
ATOM   884  C  C   . ALA A 1 116 ? -0.300  -12.267 1.067   1.00 20.37 ? 116  ALA X C   1 
ATOM   885  O  O   . ALA A 1 116 ? 0.763   -12.842 1.264   1.00 22.16 ? 116  ALA X O   1 
ATOM   886  C  CB  . ALA A 1 116 ? -1.328  -11.112 3.032   1.00 20.86 ? 116  ALA X CB  1 
ATOM   887  N  N   . GLN A 1 117 ? -1.218  -12.737 0.239   1.00 20.80 ? 117  GLN X N   1 
ATOM   888  C  CA  . GLN A 1 117 ? -1.026  -13.990 -0.459  1.00 22.40 ? 117  GLN X CA  1 
ATOM   889  C  C   . GLN A 1 117 ? 0.156   -13.885 -1.430  1.00 23.18 ? 117  GLN X C   1 
ATOM   890  O  O   . GLN A 1 117 ? 0.798   -14.877 -1.726  1.00 21.99 ? 117  GLN X O   1 
ATOM   891  C  CB  . GLN A 1 117 ? -2.342  -14.372 -1.183  1.00 24.95 ? 117  GLN X CB  1 
ATOM   892  C  CG  A GLN A 1 117 ? -2.444  -15.748 -1.711  0.50 27.37 ? 117  GLN X CG  1 
ATOM   893  C  CG  B GLN A 1 117 ? -2.399  -15.842 -1.573  0.50 26.35 ? 117  GLN X CG  1 
ATOM   894  C  CD  A GLN A 1 117 ? -3.706  -15.966 -2.569  0.50 25.59 ? 117  GLN X CD  1 
ATOM   895  C  CD  B GLN A 1 117 ? -3.741  -16.526 -1.253  0.50 23.93 ? 117  GLN X CD  1 
ATOM   896  O  OE1 A GLN A 1 117 ? -4.229  -17.069 -2.621  0.50 28.02 ? 117  GLN X OE1 1 
ATOM   897  O  OE1 B GLN A 1 117 ? -3.792  -17.556 -0.549  0.50 20.72 ? 117  GLN X OE1 1 
ATOM   898  N  NE2 A GLN A 1 117 ? -4.181  -14.912 -3.241  0.50 25.57 ? 117  GLN X NE2 1 
ATOM   899  N  NE2 B GLN A 1 117 ? -4.824  -15.978 -1.802  0.50 20.87 ? 117  GLN X NE2 1 
ATOM   900  N  N   . HIS A 1 118 ? 0.448   -12.677 -1.909  1.00 22.52 ? 118  HIS X N   1 
ATOM   901  C  CA  . HIS A 1 118 ? 1.590   -12.450 -2.795  1.00 20.58 ? 118  HIS X CA  1 
ATOM   902  C  C   . HIS A 1 118 ? 2.683   -11.607 -2.133  1.00 23.42 ? 118  HIS X C   1 
ATOM   903  O  O   . HIS A 1 118 ? 3.328   -10.790 -2.777  1.00 26.06 ? 118  HIS X O   1 
ATOM   904  C  CB  . HIS A 1 118 ? 1.101   -11.835 -4.108  1.00 21.23 ? 118  HIS X CB  1 
ATOM   905  C  CG  . HIS A 1 118 ? 0.129   -12.710 -4.826  1.00 18.55 ? 118  HIS X CG  1 
ATOM   906  N  ND1 . HIS A 1 118 ? 0.509   -13.872 -5.460  1.00 20.87 ? 118  HIS X ND1 1 
ATOM   907  C  CD2 . HIS A 1 118 ? -1.222  -12.656 -4.910  1.00 21.43 ? 118  HIS X CD2 1 
ATOM   908  C  CE1 . HIS A 1 118 ? -0.563  -14.476 -5.946  1.00 20.27 ? 118  HIS X CE1 1 
ATOM   909  N  NE2 . HIS A 1 118 ? -1.628  -13.765 -5.616  1.00 21.54 ? 118  HIS X NE2 1 
ATOM   910  N  N   . SER A 1 119 ? 2.921   -11.884 -0.862  1.00 22.19 ? 119  SER X N   1 
ATOM   911  C  CA  . SER A 1 119 ? 4.032   -11.328 -0.119  1.00 25.09 ? 119  SER X CA  1 
ATOM   912  C  C   . SER A 1 119 ? 4.701   -12.510 0.590   1.00 27.46 ? 119  SER X C   1 
ATOM   913  O  O   . SER A 1 119 ? 4.623   -12.620 1.803   1.00 29.74 ? 119  SER X O   1 
ATOM   914  C  CB  . SER A 1 119 ? 3.524   -10.321 0.920   1.00 23.48 ? 119  SER X CB  1 
ATOM   915  O  OG  . SER A 1 119 ? 2.891   -9.196  0.294   1.00 18.33 ? 119  SER X OG  1 
ATOM   916  N  N   . PRO A 1 120 ? 5.250   -13.459 -0.183  1.00 35.27 ? 120  PRO X N   1 
ATOM   917  C  CA  . PRO A 1 120 ? 5.655   -14.747 0.403   1.00 37.48 ? 120  PRO X CA  1 
ATOM   918  C  C   . PRO A 1 120 ? 6.807   -14.621 1.381   1.00 43.82 ? 120  PRO X C   1 
ATOM   919  O  O   . PRO A 1 120 ? 6.985   -15.499 2.232   1.00 46.52 ? 120  PRO X O   1 
ATOM   920  C  CB  . PRO A 1 120 ? 6.064   -15.591 -0.815  1.00 39.47 ? 120  PRO X CB  1 
ATOM   921  C  CG  . PRO A 1 120 ? 6.378   -14.604 -1.895  1.00 38.13 ? 120  PRO X CG  1 
ATOM   922  C  CD  . PRO A 1 120 ? 5.494   -13.404 -1.637  1.00 36.97 ? 120  PRO X CD  1 
ATOM   923  N  N   . ASP A 1 121 ? 7.568   -13.646 1.355   1.00 46.62 ? 121  ASP X N   1 
HETATM 924  FE FE  . HEC B 2 .   ? -1.926  3.340   -3.945  1.00 16.55 ? 1121 HEC X FE  1 
HETATM 925  C  CHA . HEC B 2 .   ? 0.984   4.182   -2.414  1.00 14.12 ? 1121 HEC X CHA 1 
HETATM 926  C  CHB . HEC B 2 .   ? -2.155  0.567   -1.956  1.00 14.78 ? 1121 HEC X CHB 1 
HETATM 927  C  CHC . HEC B 2 .   ? -5.073  2.782   -5.148  1.00 16.72 ? 1121 HEC X CHC 1 
HETATM 928  C  CHD . HEC B 2 .   ? -1.450  5.750   -6.296  1.00 15.42 ? 1121 HEC X CHD 1 
HETATM 929  N  NA  . HEC B 2 .   ? -0.798  2.525   -2.452  1.00 14.05 ? 1121 HEC X NA  1 
HETATM 930  C  C1A . HEC B 2 .   ? 0.373   3.054   -1.952  1.00 14.65 ? 1121 HEC X C1A 1 
HETATM 931  C  C2A . HEC B 2 .   ? 0.875   2.157   -0.909  1.00 15.27 ? 1121 HEC X C2A 1 
HETATM 932  C  C3A . HEC B 2 .   ? -0.015  1.156   -0.780  1.00 14.59 ? 1121 HEC X C3A 1 
HETATM 933  C  C4A . HEC B 2 .   ? -1.081  1.376   -1.737  1.00 13.15 ? 1121 HEC X C4A 1 
HETATM 934  C  CMA . HEC B 2 .   ? 0.057   -0.017  0.219   1.00 14.44 ? 1121 HEC X CMA 1 
HETATM 935  C  CAA . HEC B 2 .   ? 2.194   2.311   -0.113  1.00 17.10 ? 1121 HEC X CAA 1 
HETATM 936  C  CBA . HEC B 2 .   ? 3.271   1.627   -0.961  1.00 19.68 ? 1121 HEC X CBA 1 
HETATM 937  C  CGA . HEC B 2 .   ? 4.667   1.608   -0.355  1.00 18.04 ? 1121 HEC X CGA 1 
HETATM 938  O  O1A . HEC B 2 .   ? 5.616   1.197   -1.076  1.00 19.74 ? 1121 HEC X O1A 1 
HETATM 939  O  O2A . HEC B 2 .   ? 4.847   1.964   0.817   1.00 16.45 ? 1121 HEC X O2A 1 
HETATM 940  N  NB  . HEC B 2 .   ? -3.327  1.946   -3.611  1.00 13.45 ? 1121 HEC X NB  1 
HETATM 941  C  C1B . HEC B 2 .   ? -3.205  0.847   -2.802  1.00 15.64 ? 1121 HEC X C1B 1 
HETATM 942  C  C2B . HEC B 2 .   ? -4.398  0.036   -2.942  1.00 13.42 ? 1121 HEC X C2B 1 
HETATM 943  C  C3B . HEC B 2 .   ? -5.201  0.645   -3.814  1.00 15.57 ? 1121 HEC X C3B 1 
HETATM 944  C  C4B . HEC B 2 .   ? -4.554  1.863   -4.250  1.00 16.57 ? 1121 HEC X C4B 1 
HETATM 945  C  CMB . HEC B 2 .   ? -4.592  -1.297  -2.208  1.00 16.91 ? 1121 HEC X CMB 1 
HETATM 946  C  CAB . HEC B 2 .   ? -6.602  0.216   -4.268  1.00 17.56 ? 1121 HEC X CAB 1 
HETATM 947  C  CBB . HEC B 2 .   ? -7.477  0.070   -3.243  1.00 21.97 ? 1121 HEC X CBB 1 
HETATM 948  N  NC  . HEC B 2 .   ? -3.088  4.177   -5.414  1.00 14.13 ? 1121 HEC X NC  1 
HETATM 949  C  C1C . HEC B 2 .   ? -4.350  3.755   -5.795  1.00 16.68 ? 1121 HEC X C1C 1 
HETATM 950  C  C2C . HEC B 2 .   ? -4.743  4.487   -6.989  1.00 14.01 ? 1121 HEC X C2C 1 
HETATM 951  C  C3C . HEC B 2 .   ? -3.730  5.321   -7.301  1.00 14.07 ? 1121 HEC X C3C 1 
HETATM 952  C  C4C . HEC B 2 .   ? -2.664  5.111   -6.324  1.00 15.64 ? 1121 HEC X C4C 1 
HETATM 953  C  CMC . HEC B 2 .   ? -6.069  4.310   -7.730  1.00 14.68 ? 1121 HEC X CMC 1 
HETATM 954  C  CAC . HEC B 2 .   ? -3.630  6.306   -8.477  1.00 17.05 ? 1121 HEC X CAC 1 
HETATM 955  C  CBC . HEC B 2 .   ? -4.645  7.162   -8.681  1.00 20.05 ? 1121 HEC X CBC 1 
HETATM 956  N  ND  . HEC B 2 .   ? -0.467  4.719   -4.314  1.00 14.04 ? 1121 HEC X ND  1 
HETATM 957  C  C1D . HEC B 2 .   ? -0.506  5.663   -5.322  1.00 14.98 ? 1121 HEC X C1D 1 
HETATM 958  C  C2D . HEC B 2 .   ? 0.648   6.537   -5.210  1.00 15.04 ? 1121 HEC X C2D 1 
HETATM 959  C  C3D . HEC B 2 .   ? 1.377   6.064   -3.983  1.00 13.22 ? 1121 HEC X C3D 1 
HETATM 960  C  C4D . HEC B 2 .   ? 0.624   4.934   -3.493  1.00 14.96 ? 1121 HEC X C4D 1 
HETATM 961  C  CMD . HEC B 2 .   ? 1.003   7.716   -6.120  1.00 15.32 ? 1121 HEC X CMD 1 
HETATM 962  C  CAD . HEC B 2 .   ? 2.619   6.681   -3.346  1.00 13.49 ? 1121 HEC X CAD 1 
HETATM 963  C  CBD . HEC B 2 .   ? 2.101   7.424   -2.101  1.00 14.84 ? 1121 HEC X CBD 1 
HETATM 964  C  CGD . HEC B 2 .   ? 3.002   8.555   -1.670  1.00 16.98 ? 1121 HEC X CGD 1 
HETATM 965  O  O1D . HEC B 2 .   ? 4.197   8.554   -2.076  1.00 16.48 ? 1121 HEC X O1D 1 
HETATM 966  O  O2D . HEC B 2 .   ? 2.528   9.435   -0.890  1.00 18.24 ? 1121 HEC X O2D 1 
HETATM 967  O  O   . HOH C 3 .   ? -15.140 -11.738 1.434   1.00 18.23 ? 2001 HOH X O   1 
HETATM 968  O  O   . HOH C 3 .   ? -7.930  -15.587 2.137   1.00 36.88 ? 2002 HOH X O   1 
HETATM 969  O  O   . HOH C 3 .   ? -11.126 -13.731 -7.124  1.00 33.23 ? 2003 HOH X O   1 
HETATM 970  O  O   . HOH C 3 .   ? -18.595 -5.420  -3.052  1.00 49.35 ? 2004 HOH X O   1 
HETATM 971  O  O   . HOH C 3 .   ? -6.917  -14.604 -4.788  1.00 34.60 ? 2005 HOH X O   1 
HETATM 972  O  O   . HOH C 3 .   ? -8.292  0.649   -11.599 1.00 32.67 ? 2006 HOH X O   1 
HETATM 973  O  O   . HOH C 3 .   ? 8.676   -7.667  -7.216  1.00 31.82 ? 2007 HOH X O   1 
HETATM 974  O  O   . HOH C 3 .   ? 3.736   -12.725 -16.743 1.00 36.39 ? 2008 HOH X O   1 
HETATM 975  O  O   . HOH C 3 .   ? -7.139  13.442  0.882   1.00 45.20 ? 2009 HOH X O   1 
HETATM 976  O  O   . HOH C 3 .   ? -14.945 6.053   1.305   1.00 31.21 ? 2010 HOH X O   1 
HETATM 977  O  O   . HOH C 3 .   ? -3.726  -8.923  -14.890 1.00 37.11 ? 2011 HOH X O   1 
HETATM 978  O  O   . HOH C 3 .   ? 2.214   -4.863  -14.865 1.00 37.47 ? 2012 HOH X O   1 
HETATM 979  O  O   . HOH C 3 .   ? 2.992   -0.354  -10.039 1.00 17.76 ? 2013 HOH X O   1 
HETATM 980  O  O   . HOH C 3 .   ? 6.097   2.555   -10.397 1.00 34.34 ? 2014 HOH X O   1 
HETATM 981  O  O   . HOH C 3 .   ? 1.166   3.736   -16.274 1.00 43.02 ? 2015 HOH X O   1 
HETATM 982  O  O   . HOH C 3 .   ? 3.157   9.044   -8.797  1.00 34.78 ? 2016 HOH X O   1 
HETATM 983  O  O   . HOH C 3 .   ? 7.419   -0.103  -8.353  1.00 25.76 ? 2017 HOH X O   1 
HETATM 984  O  O   . HOH C 3 .   ? 7.329   -0.106  0.743   1.00 22.53 ? 2018 HOH X O   1 
HETATM 985  O  O   . HOH C 3 .   ? 11.573  -4.156  3.426   1.00 31.68 ? 2019 HOH X O   1 
HETATM 986  O  O   . HOH C 3 .   ? 8.289   7.405   -9.331  1.00 35.71 ? 2020 HOH X O   1 
HETATM 987  O  O   . HOH C 3 .   ? 9.976   13.661  4.197   1.00 37.17 ? 2021 HOH X O   1 
HETATM 988  O  O   . HOH C 3 .   ? 6.251   15.261  -1.791  1.00 30.61 ? 2022 HOH X O   1 
HETATM 989  O  O   . HOH C 3 .   ? 6.828   18.505  -0.586  1.00 46.15 ? 2023 HOH X O   1 
HETATM 990  O  O   . HOH C 3 .   ? 12.493  8.437   4.778   1.00 34.17 ? 2024 HOH X O   1 
HETATM 991  O  O   . HOH C 3 .   ? 4.582   16.155  7.163   1.00 40.23 ? 2025 HOH X O   1 
HETATM 992  O  O   . HOH C 3 .   ? 11.250  8.754   15.925  1.00 36.51 ? 2026 HOH X O   1 
HETATM 993  O  O   . HOH C 3 .   ? 14.839  -3.033  10.990  1.00 39.69 ? 2027 HOH X O   1 
HETATM 994  O  O   . HOH C 3 .   ? 10.622  -4.547  11.448  1.00 24.94 ? 2028 HOH X O   1 
HETATM 995  O  O   . HOH C 3 .   ? 10.166  2.299   7.944   1.00 20.14 ? 2029 HOH X O   1 
HETATM 996  O  O   . HOH C 3 .   ? 5.133   -2.656  11.566  0.50 34.63 ? 2030 HOH X O   1 
HETATM 997  O  O   . HOH C 3 .   ? -6.470  -1.637  10.996  1.00 39.82 ? 2031 HOH X O   1 
HETATM 998  O  O   . HOH C 3 .   ? -1.300  -6.293  11.834  1.00 29.91 ? 2032 HOH X O   1 
HETATM 999  O  O   . HOH C 3 .   ? 0.514   8.403   0.889   1.00 20.72 ? 2033 HOH X O   1 
HETATM 1000 O  O   . HOH C 3 .   ? -7.204  3.189   -1.169  1.00 25.61 ? 2034 HOH X O   1 
HETATM 1001 O  O   . HOH C 3 .   ? -12.802 5.697   3.077   1.00 28.51 ? 2035 HOH X O   1 
HETATM 1002 O  O   . HOH C 3 .   ? -11.253 9.447   5.829   1.00 44.48 ? 2036 HOH X O   1 
HETATM 1003 O  O   . HOH C 3 .   ? -7.309  10.900  0.871   1.00 31.51 ? 2037 HOH X O   1 
HETATM 1004 O  O   . HOH C 3 .   ? -7.267  6.062   7.489   1.00 22.33 ? 2038 HOH X O   1 
HETATM 1005 O  O   . HOH C 3 .   ? 4.053   20.270  6.250   1.00 44.29 ? 2039 HOH X O   1 
HETATM 1006 O  O   . HOH C 3 .   ? -5.599  17.215  7.756   1.00 28.02 ? 2040 HOH X O   1 
HETATM 1007 O  O   . HOH C 3 .   ? 3.366   19.143  3.751   1.00 37.36 ? 2041 HOH X O   1 
HETATM 1008 O  O   . HOH C 3 .   ? 3.570   10.976  1.086   1.00 17.80 ? 2042 HOH X O   1 
HETATM 1009 O  O   . HOH C 3 .   ? 4.676   16.446  4.209   1.00 30.57 ? 2043 HOH X O   1 
HETATM 1010 O  O   . HOH C 3 .   ? -1.112  17.620  -5.478  1.00 24.49 ? 2044 HOH X O   1 
HETATM 1011 O  O   . HOH C 3 .   ? -2.111  14.810  -3.460  1.00 23.63 ? 2045 HOH X O   1 
HETATM 1012 O  O   . HOH C 3 .   ? -2.512  9.265   -7.034  1.00 30.50 ? 2046 HOH X O   1 
HETATM 1013 O  O   . HOH C 3 .   ? -4.819  8.745   -5.540  1.00 25.89 ? 2047 HOH X O   1 
HETATM 1014 O  O   . HOH C 3 .   ? -16.249 -4.503  4.317   1.00 40.25 ? 2048 HOH X O   1 
HETATM 1015 O  O   . HOH C 3 .   ? -6.640  -9.062  6.037   1.00 29.14 ? 2049 HOH X O   1 
HETATM 1016 O  O   . HOH C 3 .   ? -12.290 -4.635  6.083   1.00 31.59 ? 2050 HOH X O   1 
# 
